data_6CHI
#
_entry.id   6CHI
#
_cell.length_a   89.424
_cell.length_b   154.108
_cell.length_c   167.891
_cell.angle_alpha   90.00
_cell.angle_beta   90.00
_cell.angle_gamma   90.00
#
_symmetry.space_group_name_H-M   'P 21 21 21'
#
loop_
_entity.id
_entity.type
_entity.pdbx_description
1 polymer 'Steroid 17-alpha-hydroxylase/17,20 lyase'
2 non-polymer 'PROTOPORPHYRIN IX CONTAINING FE'
3 non-polymer 3-hydroxy-17-(3-pyridyl)-androst-5,16-dien-6-amide
4 water water
#
_entity_poly.entity_id   1
_entity_poly.type   'polypeptide(L)'
_entity_poly.pdbx_seq_one_letter_code
;MAKKTGAKYPKSLLSLPLVGSLPFLPRHGHMHNNFFKLQKKYGPIYSVRMGTKTTVIVGHHQLAKEVLIKKGKDFSGRPQ
MATLDIASNNRKGIAFADSGAHWQLHRRLAMATFALFKDGDQKLEKIICQEISTLCDMLATHNGQSIDISFPVFVAVTNV
ISLICFNTSYKNGDPELNVIQNYNEGIIDNLSKDSLVDLVPWLKIFPNKTLEKLKSHVKIRNDLLNKILENYKEKFRSDS
ITNMLDTLMQAKMNSDNGNAGPDQDSELLSDNHILTTIGDIFGAGVETTTSVVKWTLAFLLHNPQVKKKLYEEIDQNVGF
SRTPTISDRNRLLLLEATIREVLRLRPVAPMLIPHKANVDSSIGEFAVDKGTEVIINLWALHHNEKEWHQPDQFMPERFL
NPAGTQLISPSVSYLPFGAGPRSCIGEILARQELFLIMAWLLQRFDLEVPDDGQLPSLEGIPKVVFLIDSFKVKIKVRQA
WREAQAEGSTHHHH
;
_entity_poly.pdbx_strand_id   A,B,C,D
#
loop_
_chem_comp.id
_chem_comp.type
_chem_comp.name
_chem_comp.formula
3NX non-polymer 3-hydroxy-17-(3-pyridyl)-androst-5,16-dien-6-amide 'C25 H32 N2 O2'
HEM non-polymer 'PROTOPORPHYRIN IX CONTAINING FE' 'C34 H32 Fe N4 O4'
#
# COMPACT_ATOMS: atom_id res chain seq x y z
N SER A 12 11.43 34.55 32.72
CA SER A 12 10.40 35.46 33.22
C SER A 12 9.20 35.50 32.27
N LEU A 13 9.15 34.56 31.33
CA LEU A 13 8.05 34.46 30.39
C LEU A 13 6.91 33.63 30.99
N LEU A 14 5.70 33.97 30.60
CA LEU A 14 4.52 33.27 31.08
C LEU A 14 4.28 32.00 30.28
N SER A 15 3.57 31.06 30.90
CA SER A 15 3.22 29.80 30.24
C SER A 15 1.89 29.96 29.51
N LEU A 16 1.80 29.34 28.33
CA LEU A 16 0.61 29.46 27.51
C LEU A 16 -0.60 28.91 28.25
N PRO A 17 -1.75 29.58 28.20
CA PRO A 17 -2.98 28.98 28.72
C PRO A 17 -3.27 27.67 27.98
N LEU A 18 -3.61 26.64 28.75
CA LEU A 18 -3.83 25.30 28.22
C LEU A 18 -5.32 25.01 28.18
N VAL A 19 -5.85 24.78 26.98
CA VAL A 19 -7.27 24.49 26.80
C VAL A 19 -7.56 23.01 26.91
N GLY A 20 -6.69 22.16 26.37
CA GLY A 20 -6.89 20.72 26.43
C GLY A 20 -5.56 20.01 26.57
N SER A 21 -5.64 18.72 26.92
CA SER A 21 -4.44 17.91 27.09
C SER A 21 -4.83 16.44 27.04
N LEU A 22 -4.08 15.67 26.27
CA LEU A 22 -4.28 14.23 26.18
C LEU A 22 -2.97 13.51 26.39
N PRO A 23 -2.99 12.34 27.04
CA PRO A 23 -1.72 11.68 27.38
C PRO A 23 -0.90 11.25 26.18
N PHE A 24 -1.54 10.94 25.05
CA PHE A 24 -0.83 10.47 23.88
C PHE A 24 -1.58 10.92 22.63
N LEU A 25 -0.94 10.74 21.48
CA LEU A 25 -1.55 11.14 20.21
C LEU A 25 -2.73 10.24 19.89
N PRO A 26 -3.85 10.79 19.42
CA PRO A 26 -4.93 9.94 18.94
C PRO A 26 -4.61 9.35 17.57
N ARG A 27 -5.15 8.15 17.33
CA ARG A 27 -4.97 7.45 16.07
C ARG A 27 -3.50 7.13 15.78
N HIS A 28 -2.72 6.89 16.83
CA HIS A 28 -1.35 6.41 16.70
C HIS A 28 -1.18 5.21 17.62
N GLY A 29 -0.98 4.04 17.03
CA GLY A 29 -0.93 2.81 17.80
C GLY A 29 -2.32 2.36 18.22
N HIS A 30 -2.36 1.16 18.80
CA HIS A 30 -3.61 0.61 19.29
C HIS A 30 -3.98 1.25 20.62
N MET A 31 -5.24 1.66 20.75
CA MET A 31 -5.70 2.28 21.99
C MET A 31 -5.39 1.40 23.20
N HIS A 32 -5.69 0.10 23.10
CA HIS A 32 -5.52 -0.77 24.25
C HIS A 32 -4.05 -0.88 24.66
N ASN A 33 -3.13 -0.67 23.72
CA ASN A 33 -1.71 -0.69 24.05
C ASN A 33 -1.20 0.66 24.52
N ASN A 34 -1.84 1.75 24.07
CA ASN A 34 -1.43 3.08 24.53
C ASN A 34 -1.84 3.30 25.98
N PHE A 35 -3.06 2.88 26.35
CA PHE A 35 -3.45 2.89 27.75
C PHE A 35 -2.50 2.04 28.58
N PHE A 36 -2.11 0.88 28.07
CA PHE A 36 -1.21 0.00 28.81
C PHE A 36 0.14 0.66 29.06
N LYS A 37 0.79 1.13 27.99
CA LYS A 37 2.04 1.87 28.14
C LYS A 37 1.90 3.04 29.11
N LEU A 38 0.71 3.63 29.18
CA LEU A 38 0.49 4.79 30.03
C LEU A 38 0.52 4.44 31.51
N GLN A 39 0.31 3.17 31.86
CA GLN A 39 0.29 2.78 33.27
C GLN A 39 1.64 2.99 33.92
N LYS A 40 2.73 2.95 33.15
CA LYS A 40 4.06 3.17 33.71
C LYS A 40 4.22 4.58 34.25
N LYS A 41 3.43 5.53 33.76
CA LYS A 41 3.47 6.90 34.25
C LYS A 41 2.46 7.15 35.38
N TYR A 42 1.25 6.65 35.24
CA TYR A 42 0.14 7.04 36.11
C TYR A 42 -0.48 5.89 36.90
N GLY A 43 -0.06 4.65 36.68
CA GLY A 43 -0.55 3.54 37.47
C GLY A 43 -1.61 2.74 36.76
N PRO A 44 -2.22 1.79 37.46
CA PRO A 44 -3.23 0.90 36.86
C PRO A 44 -4.65 1.45 36.80
N ILE A 45 -4.90 2.65 37.30
CA ILE A 45 -6.23 3.26 37.24
C ILE A 45 -6.06 4.76 37.08
N TYR A 46 -6.71 5.32 36.07
CA TYR A 46 -6.69 6.75 35.81
C TYR A 46 -7.91 7.10 34.98
N SER A 47 -8.13 8.40 34.80
CA SER A 47 -9.36 8.89 34.18
C SER A 47 -9.05 9.96 33.14
N VAL A 48 -9.98 10.10 32.20
CA VAL A 48 -9.92 11.13 31.16
C VAL A 48 -11.28 11.81 31.11
N ARG A 49 -11.28 13.12 30.85
CA ARG A 49 -12.50 13.90 30.75
C ARG A 49 -12.63 14.43 29.33
N MET A 50 -13.75 14.13 28.68
CA MET A 50 -14.07 14.61 27.33
C MET A 50 -15.37 15.40 27.43
N GLY A 51 -15.25 16.72 27.56
CA GLY A 51 -16.41 17.55 27.82
C GLY A 51 -16.99 17.27 29.20
N THR A 52 -18.19 16.69 29.24
CA THR A 52 -18.78 16.24 30.48
C THR A 52 -18.55 14.76 30.76
N LYS A 53 -18.33 13.96 29.71
CA LYS A 53 -18.13 12.54 29.88
C LYS A 53 -16.78 12.26 30.55
N THR A 54 -16.79 11.36 31.53
CA THR A 54 -15.59 10.94 32.22
C THR A 54 -15.41 9.44 32.04
N THR A 55 -14.17 9.02 31.77
CA THR A 55 -13.85 7.62 31.51
C THR A 55 -12.71 7.17 32.40
N VAL A 56 -12.87 5.99 33.00
CA VAL A 56 -11.84 5.39 33.85
C VAL A 56 -11.35 4.12 33.17
N ILE A 57 -10.03 3.95 33.09
CA ILE A 57 -9.41 2.78 32.49
C ILE A 57 -8.70 2.00 33.60
N VAL A 58 -8.92 0.70 33.64
CA VAL A 58 -8.43 -0.17 34.71
C VAL A 58 -7.53 -1.22 34.08
N GLY A 59 -6.29 -1.31 34.57
CA GLY A 59 -5.30 -2.19 33.96
C GLY A 59 -4.62 -3.16 34.91
N HIS A 60 -5.27 -3.47 36.03
CA HIS A 60 -4.76 -4.49 36.95
C HIS A 60 -5.88 -5.45 37.30
N HIS A 61 -5.54 -6.74 37.43
CA HIS A 61 -6.55 -7.77 37.60
C HIS A 61 -7.35 -7.56 38.88
N GLN A 62 -6.70 -7.14 39.96
CA GLN A 62 -7.42 -6.93 41.22
C GLN A 62 -8.51 -5.88 41.06
N LEU A 63 -8.15 -4.72 40.51
CA LEU A 63 -9.15 -3.68 40.28
C LEU A 63 -10.19 -4.14 39.27
N ALA A 64 -9.78 -4.91 38.25
CA ALA A 64 -10.73 -5.37 37.25
C ALA A 64 -11.75 -6.32 37.86
N LYS A 65 -11.30 -7.27 38.69
CA LYS A 65 -12.22 -8.19 39.33
C LYS A 65 -13.18 -7.46 40.27
N GLU A 66 -12.75 -6.33 40.83
CA GLU A 66 -13.65 -5.50 41.62
C GLU A 66 -14.76 -4.93 40.76
N VAL A 67 -14.41 -4.39 39.59
CA VAL A 67 -15.40 -3.80 38.70
C VAL A 67 -16.34 -4.86 38.15
N LEU A 68 -15.79 -6.02 37.76
CA LEU A 68 -16.59 -7.02 37.07
C LEU A 68 -17.36 -7.91 38.03
N ILE A 69 -16.77 -8.25 39.19
CA ILE A 69 -17.36 -9.24 40.08
C ILE A 69 -17.83 -8.61 41.39
N LYS A 70 -16.87 -8.31 42.28
CA LYS A 70 -17.22 -7.87 43.63
C LYS A 70 -18.27 -6.76 43.60
N LYS A 71 -18.01 -5.70 42.83
CA LYS A 71 -18.99 -4.63 42.63
C LYS A 71 -19.69 -4.76 41.28
N GLY A 72 -19.79 -5.97 40.75
CA GLY A 72 -20.36 -6.22 39.44
C GLY A 72 -21.63 -5.46 39.14
N LYS A 73 -22.61 -5.53 40.05
CA LYS A 73 -23.89 -4.89 39.80
C LYS A 73 -23.75 -3.38 39.65
N ASP A 74 -22.75 -2.78 40.30
CA ASP A 74 -22.59 -1.33 40.24
C ASP A 74 -22.05 -0.87 38.89
N PHE A 75 -21.30 -1.73 38.20
CA PHE A 75 -20.62 -1.37 36.96
C PHE A 75 -21.09 -2.25 35.80
N SER A 76 -22.39 -2.52 35.75
CA SER A 76 -22.96 -3.37 34.72
C SER A 76 -23.67 -2.59 33.63
N GLY A 77 -23.60 -1.26 33.66
CA GLY A 77 -24.24 -0.46 32.64
C GLY A 77 -23.40 -0.34 31.38
N ARG A 78 -24.06 0.12 30.32
CA ARG A 78 -23.39 0.37 29.05
C ARG A 78 -23.57 1.85 28.69
N PRO A 79 -22.50 2.55 28.32
CA PRO A 79 -22.66 3.95 27.90
C PRO A 79 -23.36 4.05 26.55
N GLN A 80 -23.87 5.25 26.27
CA GLN A 80 -24.57 5.54 25.03
C GLN A 80 -23.59 6.05 23.98
N MET A 81 -23.64 5.44 22.79
CA MET A 81 -22.85 5.88 21.65
C MET A 81 -23.76 5.97 20.44
N ALA A 82 -23.54 7.00 19.62
CA ALA A 82 -24.40 7.21 18.45
C ALA A 82 -24.43 5.99 17.55
N THR A 83 -23.28 5.35 17.35
CA THR A 83 -23.23 4.19 16.46
C THR A 83 -23.92 2.99 17.10
N LEU A 84 -23.66 2.72 18.38
CA LEU A 84 -24.25 1.56 19.03
C LEU A 84 -25.76 1.71 19.13
N ASP A 85 -26.28 2.94 19.17
CA ASP A 85 -27.72 3.13 19.09
C ASP A 85 -28.29 2.51 17.81
N ILE A 86 -27.70 2.86 16.67
CA ILE A 86 -28.22 2.39 15.39
C ILE A 86 -28.11 0.86 15.30
N ALA A 87 -26.94 0.33 15.66
CA ALA A 87 -26.72 -1.11 15.55
C ALA A 87 -27.64 -1.89 16.47
N SER A 88 -27.97 -1.34 17.64
CA SER A 88 -28.79 -2.01 18.63
C SER A 88 -30.24 -1.55 18.60
N ASN A 89 -30.63 -0.76 17.61
CA ASN A 89 -32.00 -0.25 17.49
C ASN A 89 -32.41 0.49 18.76
N ASN A 90 -31.60 1.50 19.10
CA ASN A 90 -31.80 2.32 20.30
C ASN A 90 -31.64 1.48 21.57
N ARG A 91 -30.43 0.95 21.75
CA ARG A 91 -30.00 0.35 23.01
C ARG A 91 -30.92 -0.80 23.43
N LYS A 92 -31.46 -1.53 22.46
CA LYS A 92 -32.15 -2.78 22.72
C LYS A 92 -31.23 -3.95 22.40
N GLY A 93 -31.51 -5.09 23.03
CA GLY A 93 -30.72 -6.29 22.83
C GLY A 93 -30.05 -6.73 24.12
N ILE A 94 -28.83 -7.27 23.97
CA ILE A 94 -28.06 -7.78 25.10
C ILE A 94 -26.77 -6.98 25.26
N ALA A 95 -25.93 -6.98 24.22
CA ALA A 95 -24.57 -6.47 24.35
C ALA A 95 -24.55 -4.96 24.56
N PHE A 96 -25.32 -4.21 23.77
CA PHE A 96 -25.29 -2.76 23.81
C PHE A 96 -26.45 -2.16 24.60
N ALA A 97 -27.25 -3.00 25.24
CA ALA A 97 -28.36 -2.52 26.05
C ALA A 97 -27.89 -2.16 27.45
N ASP A 98 -28.40 -1.05 27.96
CA ASP A 98 -28.13 -0.66 29.33
C ASP A 98 -28.66 -1.73 30.30
N SER A 99 -28.11 -1.75 31.49
CA SER A 99 -28.61 -2.64 32.52
C SER A 99 -30.03 -2.24 32.91
N GLY A 100 -30.94 -3.22 32.94
CA GLY A 100 -32.32 -2.91 33.25
C GLY A 100 -33.24 -4.07 32.94
N ALA A 101 -34.49 -3.75 32.61
CA ALA A 101 -35.50 -4.77 32.39
C ALA A 101 -35.22 -5.54 31.11
N HIS A 102 -34.98 -4.84 30.00
CA HIS A 102 -34.75 -5.53 28.72
C HIS A 102 -33.55 -6.46 28.82
N TRP A 103 -32.41 -5.93 29.26
CA TRP A 103 -31.16 -6.69 29.24
C TRP A 103 -31.25 -7.94 30.10
N GLN A 104 -31.71 -7.78 31.35
CA GLN A 104 -31.76 -8.92 32.25
C GLN A 104 -32.65 -10.03 31.71
N LEU A 105 -33.80 -9.66 31.14
CA LEU A 105 -34.73 -10.67 30.61
C LEU A 105 -34.11 -11.41 29.44
N HIS A 106 -33.66 -10.68 28.42
CA HIS A 106 -33.19 -11.32 27.19
C HIS A 106 -31.90 -12.10 27.43
N ARG A 107 -30.99 -11.57 28.25
CA ARG A 107 -29.78 -12.32 28.57
C ARG A 107 -30.14 -13.66 29.21
N ARG A 108 -31.09 -13.67 30.14
CA ARG A 108 -31.49 -14.90 30.79
C ARG A 108 -32.10 -15.87 29.78
N LEU A 109 -32.93 -15.36 28.87
CA LEU A 109 -33.55 -16.22 27.85
C LEU A 109 -32.50 -16.80 26.92
N ALA A 110 -31.59 -15.95 26.43
CA ALA A 110 -30.52 -16.44 25.56
C ALA A 110 -29.66 -17.47 26.28
N MET A 111 -29.29 -17.18 27.54
CA MET A 111 -28.59 -18.17 28.35
C MET A 111 -29.43 -19.43 28.49
N ALA A 112 -30.74 -19.27 28.71
CA ALA A 112 -31.61 -20.43 28.84
C ALA A 112 -31.58 -21.28 27.58
N THR A 113 -31.52 -20.64 26.41
CA THR A 113 -31.50 -21.39 25.16
C THR A 113 -30.27 -22.28 25.07
N PHE A 114 -29.10 -21.76 25.44
CA PHE A 114 -27.87 -22.55 25.36
C PHE A 114 -27.94 -23.78 26.26
N ALA A 115 -28.65 -23.68 27.38
CA ALA A 115 -28.79 -24.84 28.27
C ALA A 115 -29.54 -25.99 27.60
N LEU A 116 -30.38 -25.69 26.61
CA LEU A 116 -31.10 -26.74 25.90
C LEU A 116 -30.17 -27.75 25.24
N PHE A 117 -28.90 -27.41 25.05
CA PHE A 117 -28.01 -28.18 24.19
C PHE A 117 -27.13 -29.16 24.97
N LYS A 118 -27.55 -29.55 26.18
CA LYS A 118 -27.01 -30.75 26.77
C LYS A 118 -27.49 -31.95 25.96
N ASP A 119 -26.66 -33.00 25.93
CA ASP A 119 -26.83 -34.10 25.00
C ASP A 119 -28.30 -34.45 24.77
N GLY A 120 -28.66 -34.58 23.49
CA GLY A 120 -30.01 -34.93 23.10
C GLY A 120 -30.09 -35.22 21.61
N ASP A 121 -31.24 -34.96 21.00
CA ASP A 121 -31.36 -35.11 19.55
C ASP A 121 -30.65 -33.99 18.79
N GLN A 122 -30.32 -32.89 19.47
CA GLN A 122 -29.56 -31.79 18.89
C GLN A 122 -28.42 -31.40 19.83
N LYS A 123 -27.62 -32.39 20.22
CA LYS A 123 -26.43 -32.13 21.01
C LYS A 123 -25.55 -31.11 20.29
N LEU A 124 -25.06 -30.12 21.03
CA LEU A 124 -24.32 -29.03 20.41
C LEU A 124 -23.14 -29.53 19.59
N GLU A 125 -22.50 -30.61 20.02
CA GLU A 125 -21.38 -31.16 19.28
C GLU A 125 -21.80 -31.61 17.89
N LYS A 126 -22.97 -32.24 17.78
CA LYS A 126 -23.38 -32.84 16.52
C LYS A 126 -23.76 -31.77 15.50
N ILE A 127 -24.31 -30.64 15.93
CA ILE A 127 -24.54 -29.53 15.03
C ILE A 127 -23.20 -29.02 14.50
N ILE A 128 -22.23 -28.81 15.40
CA ILE A 128 -20.93 -28.29 14.99
C ILE A 128 -20.25 -29.26 14.03
N CYS A 129 -20.23 -30.55 14.38
CA CYS A 129 -19.54 -31.53 13.56
C CYS A 129 -20.18 -31.64 12.17
N GLN A 130 -21.51 -31.56 12.10
CA GLN A 130 -22.18 -31.62 10.80
C GLN A 130 -21.66 -30.55 9.85
N GLU A 131 -21.39 -29.35 10.39
CA GLU A 131 -20.93 -28.25 9.55
C GLU A 131 -19.42 -28.30 9.30
N ILE A 132 -18.67 -28.89 10.23
CA ILE A 132 -17.22 -29.00 10.03
C ILE A 132 -16.91 -30.03 8.95
N SER A 133 -17.67 -31.12 8.91
CA SER A 133 -17.46 -32.12 7.87
C SER A 133 -17.65 -31.51 6.49
N THR A 134 -18.66 -30.64 6.35
CA THR A 134 -18.83 -29.92 5.09
C THR A 134 -17.65 -29.00 4.82
N LEU A 135 -17.15 -28.32 5.86
CA LEU A 135 -16.03 -27.41 5.69
C LEU A 135 -14.78 -28.15 5.22
N CYS A 136 -14.45 -29.26 5.89
CA CYS A 136 -13.26 -30.02 5.52
C CYS A 136 -13.40 -30.65 4.14
N ASP A 137 -14.62 -30.93 3.70
CA ASP A 137 -14.82 -31.45 2.35
C ASP A 137 -14.57 -30.37 1.31
N MET A 138 -15.10 -29.17 1.53
CA MET A 138 -14.88 -28.07 0.59
C MET A 138 -13.40 -27.71 0.53
N LEU A 139 -12.78 -27.51 1.68
CA LEU A 139 -11.36 -27.16 1.71
C LEU A 139 -10.51 -28.24 1.04
N ALA A 140 -10.94 -29.50 1.10
CA ALA A 140 -10.16 -30.57 0.52
C ALA A 140 -10.10 -30.46 -1.01
N THR A 141 -11.09 -29.84 -1.62
CA THR A 141 -11.06 -29.65 -3.07
C THR A 141 -9.98 -28.68 -3.51
N HIS A 142 -9.49 -27.83 -2.60
CA HIS A 142 -8.37 -26.94 -2.86
C HIS A 142 -7.03 -27.60 -2.56
N ASN A 143 -6.96 -28.93 -2.59
CA ASN A 143 -5.74 -29.65 -2.30
C ASN A 143 -4.58 -29.18 -3.18
N GLY A 144 -3.58 -28.54 -2.57
CA GLY A 144 -2.42 -28.05 -3.29
C GLY A 144 -2.42 -26.57 -3.57
N GLN A 145 -3.46 -25.84 -3.15
CA GLN A 145 -3.59 -24.42 -3.46
C GLN A 145 -3.51 -23.59 -2.18
N SER A 146 -3.26 -22.29 -2.37
CA SER A 146 -3.23 -21.31 -1.30
C SER A 146 -4.51 -20.48 -1.34
N ILE A 147 -5.19 -20.39 -0.20
CA ILE A 147 -6.52 -19.79 -0.13
C ILE A 147 -6.67 -18.99 1.15
N ASP A 148 -7.62 -18.05 1.13
CA ASP A 148 -8.08 -17.38 2.34
C ASP A 148 -9.28 -18.14 2.89
N ILE A 149 -9.19 -18.56 4.14
CA ILE A 149 -10.17 -19.48 4.72
C ILE A 149 -11.29 -18.71 5.40
N SER A 150 -11.29 -17.38 5.25
CA SER A 150 -12.29 -16.56 5.93
C SER A 150 -13.70 -17.03 5.60
N PHE A 151 -14.04 -17.10 4.30
CA PHE A 151 -15.42 -17.40 3.93
C PHE A 151 -15.79 -18.84 4.25
N PRO A 152 -15.00 -19.86 3.88
CA PRO A 152 -15.36 -21.24 4.27
C PRO A 152 -15.67 -21.38 5.76
N VAL A 153 -14.82 -20.82 6.62
CA VAL A 153 -15.09 -20.89 8.06
C VAL A 153 -16.31 -20.06 8.40
N PHE A 154 -16.45 -18.89 7.76
CA PHE A 154 -17.63 -18.06 7.97
C PHE A 154 -18.91 -18.84 7.71
N VAL A 155 -18.94 -19.62 6.61
CA VAL A 155 -20.11 -20.41 6.30
C VAL A 155 -20.37 -21.44 7.38
N ALA A 156 -19.32 -22.13 7.85
CA ALA A 156 -19.49 -23.19 8.82
C ALA A 156 -20.17 -22.66 10.09
N VAL A 157 -19.63 -21.60 10.68
CA VAL A 157 -20.18 -21.10 11.93
C VAL A 157 -21.50 -20.39 11.71
N THR A 158 -21.72 -19.83 10.52
CA THR A 158 -23.01 -19.21 10.23
C THR A 158 -24.12 -20.24 10.23
N ASN A 159 -23.87 -21.43 9.66
CA ASN A 159 -24.86 -22.48 9.67
C ASN A 159 -25.13 -22.99 11.08
N VAL A 160 -24.12 -22.99 11.94
CA VAL A 160 -24.31 -23.46 13.31
C VAL A 160 -25.24 -22.51 14.07
N ILE A 161 -24.86 -21.24 14.17
CA ILE A 161 -25.67 -20.30 14.95
C ILE A 161 -27.04 -20.13 14.32
N SER A 162 -27.14 -20.27 13.00
CA SER A 162 -28.44 -20.23 12.35
C SER A 162 -29.32 -21.39 12.82
N LEU A 163 -28.73 -22.56 13.03
CA LEU A 163 -29.47 -23.68 13.58
C LEU A 163 -29.86 -23.44 15.03
N ILE A 164 -28.94 -22.86 15.81
CA ILE A 164 -29.23 -22.57 17.21
C ILE A 164 -30.34 -21.53 17.34
N CYS A 165 -30.46 -20.63 16.35
CA CYS A 165 -31.46 -19.57 16.41
C CYS A 165 -32.77 -19.95 15.74
N PHE A 166 -32.73 -20.69 14.62
CA PHE A 166 -33.93 -20.97 13.86
C PHE A 166 -34.06 -22.42 13.42
N ASN A 167 -33.16 -23.31 13.84
CA ASN A 167 -33.16 -24.70 13.36
C ASN A 167 -33.13 -24.75 11.83
N THR A 168 -32.48 -23.77 11.22
CA THR A 168 -32.31 -23.71 9.78
C THR A 168 -30.83 -23.49 9.46
N SER A 169 -30.43 -23.98 8.28
CA SER A 169 -29.09 -23.75 7.75
C SER A 169 -29.21 -23.26 6.32
N TYR A 170 -28.08 -22.91 5.73
CA TYR A 170 -28.02 -22.44 4.35
C TYR A 170 -27.41 -23.51 3.47
N LYS A 171 -28.05 -23.78 2.34
CA LYS A 171 -27.49 -24.70 1.36
C LYS A 171 -26.20 -24.12 0.79
N ASN A 172 -25.26 -25.01 0.45
CA ASN A 172 -23.99 -24.58 -0.12
C ASN A 172 -24.24 -23.73 -1.36
N GLY A 173 -23.67 -22.53 -1.36
CA GLY A 173 -23.83 -21.61 -2.47
C GLY A 173 -24.98 -20.63 -2.33
N ASP A 174 -25.69 -20.65 -1.21
CA ASP A 174 -26.79 -19.71 -1.02
C ASP A 174 -26.25 -18.28 -1.05
N PRO A 175 -26.78 -17.41 -1.91
CA PRO A 175 -26.25 -16.04 -1.96
C PRO A 175 -26.50 -15.24 -0.70
N GLU A 176 -27.47 -15.66 0.12
CA GLU A 176 -27.75 -14.94 1.36
C GLU A 176 -26.52 -14.89 2.26
N LEU A 177 -25.67 -15.92 2.20
CA LEU A 177 -24.43 -15.91 2.96
C LEU A 177 -23.55 -14.74 2.53
N ASN A 178 -23.36 -14.58 1.22
CA ASN A 178 -22.57 -13.47 0.71
C ASN A 178 -23.17 -12.13 1.13
N VAL A 179 -24.51 -12.06 1.25
CA VAL A 179 -25.15 -10.83 1.67
C VAL A 179 -24.89 -10.58 3.15
N ILE A 180 -24.93 -11.62 3.96
CA ILE A 180 -24.65 -11.46 5.39
C ILE A 180 -23.22 -11.00 5.60
N GLN A 181 -22.26 -11.60 4.89
CA GLN A 181 -20.88 -11.18 5.01
C GLN A 181 -20.72 -9.70 4.64
N ASN A 182 -21.47 -9.24 3.64
CA ASN A 182 -21.31 -7.87 3.17
C ASN A 182 -21.70 -6.87 4.25
N TYR A 183 -22.88 -7.05 4.86
CA TYR A 183 -23.31 -6.10 5.87
C TYR A 183 -22.61 -6.33 7.21
N ASN A 184 -22.08 -7.53 7.46
CA ASN A 184 -21.24 -7.72 8.64
C ASN A 184 -19.96 -6.90 8.53
N GLU A 185 -19.29 -6.94 7.37
CA GLU A 185 -18.10 -6.13 7.19
C GLU A 185 -18.43 -4.64 7.20
N GLY A 186 -19.63 -4.27 6.74
CA GLY A 186 -19.99 -2.87 6.69
C GLY A 186 -20.24 -2.29 8.06
N ILE A 187 -21.00 -3.01 8.89
CA ILE A 187 -21.28 -2.53 10.24
C ILE A 187 -20.00 -2.47 11.05
N ILE A 188 -19.24 -3.56 11.09
CA ILE A 188 -18.00 -3.60 11.85
C ILE A 188 -17.08 -2.47 11.44
N ASP A 189 -17.02 -2.19 10.12
CA ASP A 189 -16.16 -1.11 9.65
C ASP A 189 -16.57 0.24 10.22
N ASN A 190 -17.84 0.61 10.05
CA ASN A 190 -18.32 1.93 10.42
C ASN A 190 -18.79 2.02 11.87
N LEU A 191 -18.98 0.89 12.55
CA LEU A 191 -19.41 0.95 13.95
C LEU A 191 -18.43 1.75 14.79
N SER A 192 -17.16 1.80 14.38
CA SER A 192 -16.15 2.59 15.07
C SER A 192 -14.88 2.59 14.24
N LYS A 193 -14.22 3.73 14.18
CA LYS A 193 -12.86 3.78 13.62
C LYS A 193 -11.91 3.24 14.67
N ASP A 194 -11.21 2.16 14.33
CA ASP A 194 -10.32 1.47 15.27
C ASP A 194 -11.19 0.97 16.43
N SER A 195 -10.82 1.20 17.68
CA SER A 195 -11.49 0.60 18.82
C SER A 195 -12.82 1.29 19.11
N LEU A 196 -13.64 0.61 19.93
CA LEU A 196 -14.85 1.23 20.46
C LEU A 196 -14.51 2.45 21.30
N VAL A 197 -13.49 2.34 22.15
CA VAL A 197 -13.04 3.45 22.96
C VAL A 197 -12.39 4.48 22.05
N ASP A 198 -12.96 5.68 22.00
CA ASP A 198 -12.48 6.75 21.15
C ASP A 198 -12.34 8.01 21.98
N LEU A 199 -11.10 8.40 22.29
CA LEU A 199 -10.85 9.61 23.07
C LEU A 199 -11.66 10.78 22.56
N VAL A 200 -11.30 11.29 21.38
CA VAL A 200 -11.94 12.47 20.81
C VAL A 200 -13.14 12.02 19.98
N PRO A 201 -14.43 12.69 20.15
CA PRO A 201 -15.61 12.30 19.38
C PRO A 201 -15.57 12.87 17.96
N TRP A 202 -14.77 12.22 17.12
CA TRP A 202 -14.46 12.78 15.80
C TRP A 202 -15.72 12.93 14.95
N LEU A 203 -16.65 11.98 15.04
CA LEU A 203 -17.82 12.03 14.17
C LEU A 203 -18.84 13.08 14.60
N LYS A 204 -18.75 13.60 15.82
CA LYS A 204 -19.55 14.74 16.22
C LYS A 204 -18.92 16.06 15.81
N ILE A 205 -17.64 16.06 15.45
CA ILE A 205 -16.89 17.29 15.21
C ILE A 205 -16.96 17.66 13.73
N PHE A 206 -16.49 16.75 12.85
CA PHE A 206 -16.35 17.07 11.45
C PHE A 206 -17.48 16.46 10.62
N PRO A 207 -17.80 17.06 9.47
CA PRO A 207 -18.82 16.46 8.59
C PRO A 207 -18.33 15.13 8.02
N ASN A 208 -19.17 14.12 8.11
CA ASN A 208 -18.81 12.78 7.64
C ASN A 208 -20.09 12.02 7.32
N LYS A 209 -19.91 10.84 6.72
CA LYS A 209 -21.01 9.98 6.30
C LYS A 209 -21.06 8.68 7.10
N THR A 210 -20.40 8.61 8.25
CA THR A 210 -20.29 7.35 8.97
C THR A 210 -21.66 6.81 9.37
N LEU A 211 -22.46 7.62 10.07
CA LEU A 211 -23.77 7.16 10.49
C LEU A 211 -24.68 6.90 9.28
N GLU A 212 -24.53 7.68 8.22
CA GLU A 212 -25.30 7.40 7.00
C GLU A 212 -24.98 6.01 6.46
N LYS A 213 -23.69 5.69 6.34
CA LYS A 213 -23.29 4.36 5.89
C LYS A 213 -23.78 3.30 6.87
N LEU A 214 -23.60 3.53 8.17
CA LEU A 214 -23.96 2.52 9.17
C LEU A 214 -25.45 2.21 9.13
N LYS A 215 -26.29 3.23 8.95
CA LYS A 215 -27.74 2.99 8.90
C LYS A 215 -28.11 2.07 7.75
N SER A 216 -27.43 2.23 6.60
CA SER A 216 -27.81 1.46 5.42
C SER A 216 -27.46 -0.01 5.58
N HIS A 217 -26.29 -0.31 6.14
CA HIS A 217 -25.95 -1.70 6.44
C HIS A 217 -26.88 -2.30 7.48
N VAL A 218 -27.36 -1.47 8.41
CA VAL A 218 -28.29 -1.94 9.43
C VAL A 218 -29.66 -2.21 8.81
N LYS A 219 -30.02 -1.49 7.75
CA LYS A 219 -31.31 -1.71 7.11
C LYS A 219 -31.33 -3.07 6.41
N ILE A 220 -30.27 -3.40 5.68
CA ILE A 220 -30.19 -4.71 5.05
C ILE A 220 -30.20 -5.81 6.11
N ARG A 221 -29.53 -5.57 7.24
CA ARG A 221 -29.52 -6.56 8.31
C ARG A 221 -30.90 -6.68 8.94
N ASN A 222 -31.54 -5.56 9.29
CA ASN A 222 -32.86 -5.61 9.90
C ASN A 222 -33.88 -6.23 8.94
N ASP A 223 -33.85 -5.82 7.67
CA ASP A 223 -34.81 -6.36 6.72
C ASP A 223 -34.67 -7.87 6.58
N LEU A 224 -33.44 -8.37 6.52
CA LEU A 224 -33.22 -9.80 6.38
C LEU A 224 -33.78 -10.55 7.59
N LEU A 225 -33.43 -10.10 8.79
CA LEU A 225 -33.90 -10.77 9.99
C LEU A 225 -35.41 -10.62 10.15
N ASN A 226 -35.96 -9.46 9.77
CA ASN A 226 -37.41 -9.28 9.85
C ASN A 226 -38.14 -10.24 8.93
N LYS A 227 -37.50 -10.63 7.82
CA LYS A 227 -38.08 -11.66 6.97
C LYS A 227 -38.10 -13.02 7.66
N ILE A 228 -36.99 -13.37 8.32
CA ILE A 228 -36.92 -14.64 9.03
C ILE A 228 -37.96 -14.71 10.14
N LEU A 229 -38.11 -13.62 10.90
CA LEU A 229 -39.01 -13.62 12.04
C LEU A 229 -40.46 -13.79 11.58
N GLU A 230 -40.87 -13.01 10.57
CA GLU A 230 -42.26 -13.09 10.11
C GLU A 230 -42.59 -14.48 9.60
N ASN A 231 -41.70 -15.06 8.80
CA ASN A 231 -41.92 -16.42 8.31
C ASN A 231 -42.06 -17.41 9.45
N TYR A 232 -41.40 -17.15 10.58
CA TYR A 232 -41.37 -18.12 11.67
C TYR A 232 -42.61 -18.08 12.54
N LYS A 233 -43.37 -16.98 12.51
CA LYS A 233 -44.64 -16.95 13.24
C LYS A 233 -45.60 -18.03 12.76
N GLU A 234 -45.42 -18.51 11.53
CA GLU A 234 -46.29 -19.55 10.99
C GLU A 234 -45.84 -20.94 11.40
N LYS A 235 -44.54 -21.13 11.63
CA LYS A 235 -44.00 -22.41 12.03
C LYS A 235 -43.95 -22.61 13.55
N PHE A 236 -44.11 -21.56 14.32
CA PHE A 236 -43.98 -21.68 15.77
C PHE A 236 -45.13 -22.46 16.36
N ARG A 237 -44.80 -23.51 17.11
CA ARG A 237 -45.77 -24.27 17.89
C ARG A 237 -45.29 -24.32 19.32
N SER A 238 -46.19 -23.98 20.26
CA SER A 238 -45.79 -23.85 21.66
C SER A 238 -45.24 -25.15 22.22
N ASP A 239 -45.65 -26.29 21.67
CA ASP A 239 -45.19 -27.59 22.17
C ASP A 239 -43.80 -27.96 21.68
N SER A 240 -43.11 -27.06 20.96
CA SER A 240 -41.78 -27.36 20.42
C SER A 240 -40.90 -26.14 20.67
N ILE A 241 -40.02 -26.25 21.66
CA ILE A 241 -39.12 -25.17 22.06
C ILE A 241 -37.70 -25.74 21.95
N THR A 242 -37.10 -25.61 20.76
CA THR A 242 -35.79 -26.19 20.49
C THR A 242 -34.75 -25.21 20.00
N ASN A 243 -35.11 -23.95 19.74
CA ASN A 243 -34.16 -22.95 19.29
C ASN A 243 -34.40 -21.66 20.07
N MET A 244 -33.59 -20.64 19.78
CA MET A 244 -33.66 -19.40 20.53
C MET A 244 -34.91 -18.61 20.19
N LEU A 245 -35.30 -18.58 18.91
CA LEU A 245 -36.50 -17.84 18.54
C LEU A 245 -37.75 -18.45 19.14
N ASP A 246 -37.76 -19.77 19.35
CA ASP A 246 -38.83 -20.39 20.12
C ASP A 246 -38.84 -19.86 21.55
N THR A 247 -37.67 -19.89 22.20
CA THR A 247 -37.56 -19.40 23.58
C THR A 247 -38.10 -17.99 23.71
N LEU A 248 -37.71 -17.10 22.79
CA LEU A 248 -38.13 -15.71 22.88
C LEU A 248 -39.64 -15.57 22.65
N MET A 249 -40.18 -16.30 21.68
CA MET A 249 -41.62 -16.24 21.44
C MET A 249 -42.39 -16.90 22.58
N GLN A 250 -41.90 -18.04 23.06
CA GLN A 250 -42.50 -18.68 24.23
C GLN A 250 -42.63 -17.72 25.39
N ALA A 251 -41.70 -16.78 25.52
CA ALA A 251 -41.75 -15.82 26.64
C ALA A 251 -42.78 -14.73 26.41
N LYS A 252 -42.93 -14.28 25.15
CA LYS A 252 -43.89 -13.22 24.84
C LYS A 252 -45.30 -13.61 25.28
N MET A 253 -45.75 -14.80 24.85
CA MET A 253 -47.12 -15.23 25.17
C MET A 253 -47.34 -15.29 26.67
N ASN A 254 -46.38 -15.86 27.41
CA ASN A 254 -46.56 -16.03 28.86
C ASN A 254 -46.86 -14.70 29.55
N SER A 255 -46.42 -13.59 28.98
CA SER A 255 -46.66 -12.28 29.58
C SER A 255 -48.08 -11.80 29.29
N ASP A 265 -44.60 -8.10 31.07
CA ASP A 265 -43.30 -8.23 30.44
C ASP A 265 -43.42 -8.21 28.91
N SER A 266 -44.65 -8.11 28.41
CA SER A 266 -44.84 -8.13 26.96
C SER A 266 -44.25 -6.89 26.31
N GLU A 267 -44.17 -5.77 27.05
CA GLU A 267 -43.52 -4.58 26.52
C GLU A 267 -42.02 -4.77 26.36
N LEU A 268 -41.43 -5.73 27.08
CA LEU A 268 -40.02 -6.04 26.96
C LEU A 268 -39.72 -7.06 25.87
N LEU A 269 -40.74 -7.68 25.29
CA LEU A 269 -40.57 -8.75 24.31
C LEU A 269 -41.29 -8.43 23.00
N SER A 270 -41.28 -7.16 22.60
CA SER A 270 -41.85 -6.79 21.32
C SER A 270 -41.01 -7.38 20.19
N ASP A 271 -41.50 -7.21 18.95
CA ASP A 271 -40.80 -7.75 17.80
C ASP A 271 -39.41 -7.12 17.66
N ASN A 272 -39.31 -5.81 17.88
CA ASN A 272 -38.02 -5.14 17.76
C ASN A 272 -37.04 -5.60 18.83
N HIS A 273 -37.53 -5.96 20.01
CA HIS A 273 -36.65 -6.50 21.05
C HIS A 273 -36.11 -7.86 20.63
N ILE A 274 -36.98 -8.74 20.13
CA ILE A 274 -36.55 -10.05 19.68
C ILE A 274 -35.59 -9.93 18.50
N LEU A 275 -35.91 -9.04 17.56
CA LEU A 275 -35.05 -8.81 16.40
C LEU A 275 -33.60 -8.56 16.82
N THR A 276 -33.40 -7.63 17.77
CA THR A 276 -32.04 -7.23 18.11
C THR A 276 -31.31 -8.31 18.87
N THR A 277 -31.99 -8.98 19.80
CA THR A 277 -31.35 -10.07 20.54
C THR A 277 -30.86 -11.16 19.59
N ILE A 278 -31.68 -11.53 18.61
CA ILE A 278 -31.23 -12.46 17.58
C ILE A 278 -30.04 -11.86 16.83
N GLY A 279 -30.13 -10.58 16.46
CA GLY A 279 -29.03 -9.94 15.78
C GLY A 279 -27.74 -9.99 16.58
N ASP A 280 -27.83 -9.67 17.88
CA ASP A 280 -26.65 -9.75 18.73
C ASP A 280 -26.10 -11.18 18.78
N ILE A 281 -26.98 -12.15 19.01
CA ILE A 281 -26.56 -13.55 19.04
C ILE A 281 -26.01 -13.96 17.67
N PHE A 282 -26.77 -13.68 16.61
CA PHE A 282 -26.35 -14.02 15.26
C PHE A 282 -24.99 -13.43 14.95
N GLY A 283 -24.80 -12.14 15.24
CA GLY A 283 -23.55 -11.47 14.96
C GLY A 283 -22.37 -12.04 15.72
N ALA A 284 -22.48 -12.10 17.05
CA ALA A 284 -21.37 -12.57 17.86
C ALA A 284 -21.02 -14.02 17.57
N GLY A 285 -21.99 -14.82 17.16
CA GLY A 285 -21.76 -16.24 16.93
C GLY A 285 -20.88 -16.55 15.73
N VAL A 286 -20.83 -15.64 14.75
CA VAL A 286 -20.07 -15.86 13.52
C VAL A 286 -18.77 -15.09 13.52
N GLU A 287 -18.79 -13.82 13.96
CA GLU A 287 -17.61 -12.97 13.82
C GLU A 287 -16.56 -13.25 14.88
N THR A 288 -16.98 -13.49 16.13
CA THR A 288 -16.00 -13.77 17.18
C THR A 288 -15.25 -15.07 16.87
N THR A 289 -15.97 -16.12 16.51
CA THR A 289 -15.34 -17.43 16.32
C THR A 289 -14.52 -17.46 15.03
N THR A 290 -15.09 -16.95 13.94
CA THR A 290 -14.32 -16.87 12.70
C THR A 290 -13.00 -16.15 12.91
N SER A 291 -13.02 -15.08 13.70
CA SER A 291 -11.81 -14.31 13.94
C SER A 291 -10.77 -15.12 14.72
N VAL A 292 -11.21 -15.80 15.78
CA VAL A 292 -10.25 -16.55 16.60
C VAL A 292 -9.65 -17.70 15.82
N VAL A 293 -10.41 -18.30 14.91
CA VAL A 293 -9.85 -19.38 14.09
C VAL A 293 -8.73 -18.84 13.20
N LYS A 294 -9.00 -17.72 12.52
CA LYS A 294 -7.97 -17.11 11.68
C LYS A 294 -6.73 -16.75 12.50
N TRP A 295 -6.93 -16.20 13.70
CA TRP A 295 -5.80 -15.88 14.56
C TRP A 295 -4.97 -17.12 14.86
N THR A 296 -5.64 -18.22 15.20
CA THR A 296 -4.92 -19.44 15.57
C THR A 296 -4.10 -19.97 14.40
N LEU A 297 -4.70 -20.04 13.22
CA LEU A 297 -3.95 -20.43 12.03
C LEU A 297 -2.73 -19.54 11.84
N ALA A 298 -2.88 -18.24 12.09
CA ALA A 298 -1.78 -17.31 11.90
C ALA A 298 -0.63 -17.65 12.83
N PHE A 299 -0.91 -17.91 14.10
CA PHE A 299 0.15 -18.23 15.04
C PHE A 299 0.80 -19.57 14.70
N LEU A 300 0.02 -20.54 14.21
CA LEU A 300 0.59 -21.83 13.85
C LEU A 300 1.48 -21.71 12.61
N LEU A 301 1.20 -20.77 11.72
CA LEU A 301 2.08 -20.54 10.58
C LEU A 301 3.39 -19.90 11.01
N HIS A 302 3.38 -19.15 12.11
CA HIS A 302 4.59 -18.53 12.65
C HIS A 302 5.33 -19.45 13.61
N ASN A 303 4.73 -20.56 14.03
CA ASN A 303 5.31 -21.45 15.03
C ASN A 303 5.17 -22.90 14.56
N PRO A 304 5.95 -23.29 13.56
CA PRO A 304 5.84 -24.68 13.06
C PRO A 304 6.23 -25.73 14.09
N GLN A 305 7.03 -25.36 15.11
CA GLN A 305 7.33 -26.30 16.17
C GLN A 305 6.07 -26.68 16.94
N VAL A 306 5.26 -25.70 17.31
CA VAL A 306 3.99 -25.98 17.98
C VAL A 306 3.10 -26.81 17.07
N LYS A 307 2.98 -26.40 15.80
CA LYS A 307 2.10 -27.11 14.88
C LYS A 307 2.53 -28.56 14.72
N LYS A 308 3.84 -28.81 14.69
CA LYS A 308 4.33 -30.18 14.60
C LYS A 308 3.90 -30.99 15.81
N LYS A 309 4.06 -30.43 17.01
CA LYS A 309 3.67 -31.13 18.23
C LYS A 309 2.17 -31.37 18.28
N LEU A 310 1.38 -30.49 17.64
CA LEU A 310 -0.07 -30.69 17.62
C LEU A 310 -0.47 -31.85 16.72
N TYR A 311 0.25 -32.04 15.62
CA TYR A 311 -0.01 -33.20 14.77
C TYR A 311 0.33 -34.49 15.52
N GLU A 312 1.50 -34.53 16.17
CA GLU A 312 1.88 -35.71 16.92
C GLU A 312 0.85 -36.05 17.99
N GLU A 313 0.45 -35.05 18.78
CA GLU A 313 -0.52 -35.30 19.84
C GLU A 313 -1.81 -35.89 19.29
N ILE A 314 -2.33 -35.30 18.20
CA ILE A 314 -3.61 -35.77 17.67
C ILE A 314 -3.43 -37.10 16.95
N ASP A 315 -2.23 -37.39 16.46
CA ASP A 315 -1.98 -38.70 15.84
C ASP A 315 -1.93 -39.80 16.89
N GLN A 316 -1.36 -39.51 18.05
CA GLN A 316 -1.20 -40.51 19.11
C GLN A 316 -2.39 -40.60 20.05
N ASN A 317 -3.42 -39.77 19.86
CA ASN A 317 -4.52 -39.74 20.80
C ASN A 317 -5.87 -39.91 20.10
N VAL A 318 -5.97 -39.46 18.85
CA VAL A 318 -7.17 -39.63 18.04
C VAL A 318 -6.91 -40.53 16.84
N GLY A 319 -5.73 -40.44 16.24
CA GLY A 319 -5.43 -41.23 15.07
C GLY A 319 -6.34 -40.86 13.91
N PHE A 320 -6.51 -41.83 13.01
CA PHE A 320 -7.38 -41.66 11.84
C PHE A 320 -8.52 -42.65 11.80
N SER A 321 -8.68 -43.48 12.84
CA SER A 321 -9.79 -44.41 12.92
C SER A 321 -11.14 -43.71 13.04
N ARG A 322 -11.15 -42.43 13.40
CA ARG A 322 -12.39 -41.70 13.64
C ARG A 322 -12.09 -40.21 13.59
N THR A 323 -13.16 -39.42 13.59
CA THR A 323 -13.03 -37.97 13.61
C THR A 323 -13.00 -37.45 15.04
N PRO A 324 -12.50 -36.23 15.25
CA PRO A 324 -12.40 -35.71 16.62
C PRO A 324 -13.77 -35.56 17.26
N THR A 325 -13.78 -35.65 18.58
CA THR A 325 -14.99 -35.54 19.38
C THR A 325 -14.72 -34.57 20.53
N ILE A 326 -15.79 -33.98 21.05
CA ILE A 326 -15.61 -33.00 22.12
C ILE A 326 -14.98 -33.65 23.34
N SER A 327 -15.19 -34.95 23.53
CA SER A 327 -14.54 -35.64 24.64
C SER A 327 -13.03 -35.63 24.48
N ASP A 328 -12.52 -35.51 23.25
CA ASP A 328 -11.09 -35.54 23.02
C ASP A 328 -10.36 -34.38 23.67
N ARG A 329 -11.08 -33.38 24.20
CA ARG A 329 -10.41 -32.33 24.96
C ARG A 329 -9.73 -32.88 26.21
N ASN A 330 -10.04 -34.11 26.61
CA ASN A 330 -9.30 -34.76 27.68
C ASN A 330 -7.92 -35.21 27.22
N ARG A 331 -7.78 -35.54 25.94
CA ARG A 331 -6.52 -36.04 25.39
C ARG A 331 -5.67 -34.93 24.78
N LEU A 332 -6.29 -34.08 23.95
CA LEU A 332 -5.56 -33.06 23.20
C LEU A 332 -5.37 -31.83 24.09
N LEU A 333 -4.38 -31.90 24.96
CA LEU A 333 -4.16 -30.84 25.93
C LEU A 333 -3.35 -29.70 25.32
N LEU A 334 -2.37 -30.01 24.47
CA LEU A 334 -1.62 -28.95 23.80
C LEU A 334 -2.52 -28.13 22.89
N LEU A 335 -3.61 -28.72 22.40
CA LEU A 335 -4.56 -27.97 21.58
C LEU A 335 -5.37 -27.01 22.44
N GLU A 336 -5.95 -27.52 23.54
CA GLU A 336 -6.66 -26.64 24.47
C GLU A 336 -5.75 -25.53 24.96
N ALA A 337 -4.47 -25.83 25.19
CA ALA A 337 -3.53 -24.80 25.61
C ALA A 337 -3.32 -23.76 24.52
N THR A 338 -3.13 -24.22 23.27
CA THR A 338 -2.96 -23.30 22.16
C THR A 338 -4.13 -22.32 22.08
N ILE A 339 -5.36 -22.84 22.12
CA ILE A 339 -6.53 -21.97 22.09
C ILE A 339 -6.50 -20.99 23.25
N ARG A 340 -6.16 -21.46 24.45
CA ARG A 340 -6.05 -20.57 25.59
C ARG A 340 -5.03 -19.47 25.36
N GLU A 341 -3.88 -19.83 24.77
CA GLU A 341 -2.82 -18.85 24.57
C GLU A 341 -3.20 -17.81 23.52
N VAL A 342 -3.97 -18.20 22.51
CA VAL A 342 -4.45 -17.23 21.53
C VAL A 342 -5.42 -16.26 22.18
N LEU A 343 -6.38 -16.78 22.94
CA LEU A 343 -7.32 -15.92 23.66
C LEU A 343 -6.61 -14.99 24.62
N ARG A 344 -5.36 -15.28 24.99
CA ARG A 344 -4.58 -14.40 25.84
C ARG A 344 -3.84 -13.35 25.03
N LEU A 345 -3.04 -13.78 24.05
CA LEU A 345 -2.23 -12.85 23.27
C LEU A 345 -3.09 -11.89 22.46
N ARG A 346 -4.19 -12.38 21.90
CA ARG A 346 -5.05 -11.61 21.00
C ARG A 346 -6.50 -11.78 21.44
N PRO A 347 -6.87 -11.21 22.58
CA PRO A 347 -8.25 -11.34 23.04
C PRO A 347 -9.23 -10.76 22.03
N VAL A 348 -10.37 -11.41 21.90
CA VAL A 348 -11.40 -10.95 20.95
C VAL A 348 -11.80 -9.51 21.28
N ALA A 349 -11.85 -9.18 22.56
CA ALA A 349 -12.20 -7.84 23.02
C ALA A 349 -11.11 -7.38 23.99
N PRO A 350 -10.00 -6.84 23.49
CA PRO A 350 -8.90 -6.48 24.39
C PRO A 350 -9.28 -5.44 25.43
N MET A 351 -10.38 -4.72 25.25
CA MET A 351 -10.90 -3.82 26.26
C MET A 351 -12.37 -4.12 26.54
N LEU A 352 -12.76 -5.38 26.43
CA LEU A 352 -14.12 -5.84 26.68
C LEU A 352 -15.07 -4.92 25.91
N ILE A 353 -16.31 -4.81 26.39
CA ILE A 353 -17.24 -3.79 25.91
C ILE A 353 -17.38 -2.77 27.03
N PRO A 354 -17.35 -1.47 26.74
CA PRO A 354 -17.33 -0.46 27.80
C PRO A 354 -18.42 -0.67 28.84
N HIS A 355 -18.05 -0.54 30.10
CA HIS A 355 -18.97 -0.58 31.23
C HIS A 355 -19.30 0.84 31.68
N LYS A 356 -20.41 0.95 32.41
CA LYS A 356 -20.85 2.23 32.96
C LYS A 356 -21.28 2.04 34.41
N ALA A 357 -20.95 3.03 35.24
CA ALA A 357 -21.32 3.00 36.66
C ALA A 357 -22.80 3.30 36.81
N ASN A 358 -23.56 2.31 37.30
CA ASN A 358 -25.00 2.50 37.50
C ASN A 358 -25.31 3.38 38.70
N VAL A 359 -24.41 3.46 39.67
CA VAL A 359 -24.59 4.25 40.88
C VAL A 359 -23.22 4.73 41.35
N ASP A 360 -23.23 5.65 42.31
CA ASP A 360 -21.99 6.07 42.94
C ASP A 360 -21.32 4.86 43.60
N SER A 361 -20.05 4.65 43.30
CA SER A 361 -19.34 3.49 43.79
C SER A 361 -17.86 3.86 43.93
N SER A 362 -16.98 2.85 43.96
CA SER A 362 -15.56 3.09 44.10
C SER A 362 -14.79 1.99 43.39
N ILE A 363 -13.55 2.30 43.03
CA ILE A 363 -12.61 1.32 42.50
C ILE A 363 -11.27 1.57 43.20
N GLY A 364 -10.75 0.54 43.85
CA GLY A 364 -9.54 0.70 44.63
C GLY A 364 -9.63 1.81 45.66
N GLU A 365 -10.82 2.02 46.23
CA GLU A 365 -11.10 3.06 47.20
C GLU A 365 -11.04 4.46 46.60
N PHE A 366 -10.89 4.57 45.28
CA PHE A 366 -11.09 5.83 44.58
C PHE A 366 -12.57 5.96 44.21
N ALA A 367 -13.10 7.17 44.33
CA ALA A 367 -14.51 7.41 44.07
C ALA A 367 -14.79 7.36 42.57
N VAL A 368 -15.94 6.77 42.22
CA VAL A 368 -16.43 6.74 40.85
C VAL A 368 -17.90 7.13 40.88
N ASP A 369 -18.28 8.13 40.09
CA ASP A 369 -19.61 8.69 40.13
C ASP A 369 -20.53 8.01 39.13
N LYS A 370 -21.84 8.15 39.38
CA LYS A 370 -22.84 7.56 38.51
C LYS A 370 -22.68 8.09 37.08
N GLY A 371 -22.90 7.21 36.10
CA GLY A 371 -22.77 7.56 34.71
C GLY A 371 -21.36 7.57 34.16
N THR A 372 -20.37 7.34 35.01
CA THR A 372 -18.98 7.34 34.55
C THR A 372 -18.69 6.09 33.75
N GLU A 373 -18.07 6.26 32.59
CA GLU A 373 -17.66 5.13 31.77
C GLU A 373 -16.44 4.46 32.38
N VAL A 374 -16.41 3.13 32.33
CA VAL A 374 -15.32 2.33 32.89
C VAL A 374 -14.91 1.29 31.86
N ILE A 375 -13.63 1.26 31.53
CA ILE A 375 -13.07 0.32 30.56
C ILE A 375 -12.07 -0.57 31.30
N ILE A 376 -12.18 -1.87 31.08
CA ILE A 376 -11.24 -2.85 31.60
C ILE A 376 -10.24 -3.15 30.48
N ASN A 377 -8.97 -2.83 30.71
CA ASN A 377 -7.93 -3.05 29.72
C ASN A 377 -7.45 -4.50 29.85
N LEU A 378 -8.24 -5.41 29.28
CA LEU A 378 -7.89 -6.83 29.32
C LEU A 378 -6.52 -7.07 28.69
N TRP A 379 -6.15 -6.27 27.69
CA TRP A 379 -4.82 -6.37 27.10
C TRP A 379 -3.74 -6.19 28.15
N ALA A 380 -3.92 -5.22 29.06
CA ALA A 380 -2.95 -5.01 30.13
C ALA A 380 -2.90 -6.21 31.07
N LEU A 381 -4.07 -6.80 31.36
CA LEU A 381 -4.11 -7.96 32.24
C LEU A 381 -3.37 -9.15 31.62
N HIS A 382 -3.49 -9.33 30.31
CA HIS A 382 -2.89 -10.47 29.63
C HIS A 382 -1.43 -10.25 29.26
N HIS A 383 -0.91 -9.04 29.43
CA HIS A 383 0.49 -8.75 29.10
C HIS A 383 1.27 -8.20 30.28
N ASN A 384 0.68 -8.20 31.49
CA ASN A 384 1.40 -7.76 32.67
C ASN A 384 2.62 -8.65 32.91
N GLU A 385 3.81 -8.02 32.93
CA GLU A 385 5.05 -8.78 33.04
C GLU A 385 5.19 -9.49 34.39
N LYS A 386 4.49 -9.03 35.42
CA LYS A 386 4.62 -9.64 36.74
C LYS A 386 3.76 -10.89 36.87
N GLU A 387 2.64 -10.96 36.16
CA GLU A 387 1.75 -12.11 36.22
C GLU A 387 2.04 -13.14 35.15
N TRP A 388 2.89 -12.83 34.18
CA TRP A 388 3.12 -13.70 33.03
C TRP A 388 4.61 -13.75 32.73
N HIS A 389 5.09 -14.94 32.34
CA HIS A 389 6.47 -15.11 31.92
C HIS A 389 6.57 -14.82 30.42
N GLN A 390 7.32 -13.77 30.08
CA GLN A 390 7.46 -13.32 28.70
C GLN A 390 6.08 -13.22 28.06
N PRO A 391 5.28 -12.23 28.48
CA PRO A 391 3.86 -12.22 28.07
C PRO A 391 3.65 -12.01 26.57
N ASP A 392 4.54 -11.29 25.90
CA ASP A 392 4.38 -11.03 24.48
C ASP A 392 4.74 -12.24 23.62
N GLN A 393 5.06 -13.38 24.24
CA GLN A 393 5.42 -14.58 23.51
C GLN A 393 4.21 -15.49 23.32
N PHE A 394 4.26 -16.27 22.25
CA PHE A 394 3.27 -17.31 21.99
C PHE A 394 3.80 -18.61 22.56
N MET A 395 3.39 -18.94 23.77
CA MET A 395 3.86 -20.12 24.49
C MET A 395 2.65 -20.86 25.06
N PRO A 396 2.02 -21.72 24.26
CA PRO A 396 0.94 -22.56 24.82
C PRO A 396 1.41 -23.44 25.96
N GLU A 397 2.72 -23.66 26.09
CA GLU A 397 3.22 -24.49 27.18
C GLU A 397 2.90 -23.88 28.54
N ARG A 398 2.75 -22.56 28.60
CA ARG A 398 2.50 -21.90 29.88
C ARG A 398 1.23 -22.39 30.55
N PHE A 399 0.29 -22.94 29.78
CA PHE A 399 -0.95 -23.48 30.31
C PHE A 399 -0.87 -24.98 30.57
N LEU A 400 0.34 -25.54 30.60
CA LEU A 400 0.55 -26.95 30.89
C LEU A 400 1.63 -27.08 31.96
N ASN A 401 1.49 -28.09 32.80
CA ASN A 401 2.53 -28.40 33.79
C ASN A 401 3.81 -28.78 33.04
N PRO A 402 4.96 -28.81 33.72
CA PRO A 402 6.22 -29.09 33.00
C PRO A 402 6.25 -30.45 32.32
N ALA A 403 5.33 -31.36 32.66
CA ALA A 403 5.29 -32.68 32.04
C ALA A 403 4.37 -32.75 30.84
N GLY A 404 3.63 -31.68 30.54
CA GLY A 404 2.69 -31.71 29.43
C GLY A 404 1.59 -32.72 29.59
N THR A 405 1.12 -32.93 30.81
CA THR A 405 0.17 -33.99 31.12
C THR A 405 -1.22 -33.50 31.51
N GLN A 406 -1.34 -32.28 32.04
CA GLN A 406 -2.65 -31.71 32.33
C GLN A 406 -2.56 -30.20 32.30
N LEU A 407 -3.72 -29.57 32.11
CA LEU A 407 -3.79 -28.12 31.97
C LEU A 407 -3.72 -27.45 33.34
N ILE A 408 -3.21 -26.22 33.33
CA ILE A 408 -3.03 -25.44 34.56
C ILE A 408 -3.53 -24.02 34.30
N SER A 409 -3.71 -23.28 35.39
CA SER A 409 -4.04 -21.86 35.35
C SER A 409 -2.83 -21.08 35.88
N PRO A 410 -1.88 -20.70 35.02
CA PRO A 410 -0.62 -20.15 35.54
C PRO A 410 -0.74 -18.77 36.14
N SER A 411 -1.79 -18.01 35.82
CA SER A 411 -1.93 -16.65 36.29
C SER A 411 -3.38 -16.39 36.67
N VAL A 412 -3.56 -15.46 37.62
CA VAL A 412 -4.88 -14.99 38.00
C VAL A 412 -5.33 -13.80 37.15
N SER A 413 -4.49 -13.33 36.24
CA SER A 413 -4.81 -12.18 35.38
C SER A 413 -5.14 -12.68 33.98
N TYR A 414 -6.30 -13.34 33.88
CA TYR A 414 -6.69 -14.00 32.65
C TYR A 414 -8.21 -14.10 32.63
N LEU A 415 -8.85 -13.32 31.75
CA LEU A 415 -10.31 -13.26 31.66
C LEU A 415 -10.73 -13.15 30.19
N PRO A 416 -10.40 -14.16 29.38
CA PRO A 416 -10.74 -14.07 27.96
C PRO A 416 -12.21 -13.86 27.69
N PHE A 417 -13.09 -14.39 28.53
CA PHE A 417 -14.54 -14.26 28.35
C PHE A 417 -15.16 -13.31 29.36
N GLY A 418 -14.35 -12.49 30.03
CA GLY A 418 -14.90 -11.56 31.00
C GLY A 418 -15.30 -12.28 32.28
N ALA A 419 -16.10 -11.57 33.08
CA ALA A 419 -16.60 -12.11 34.34
C ALA A 419 -17.70 -11.19 34.86
N GLY A 420 -18.57 -11.75 35.68
CA GLY A 420 -19.61 -10.97 36.31
C GLY A 420 -20.89 -10.94 35.51
N PRO A 421 -21.76 -9.97 35.83
CA PRO A 421 -23.06 -9.90 35.14
C PRO A 421 -22.95 -9.78 33.63
N ARG A 422 -21.86 -9.23 33.11
CA ARG A 422 -21.71 -8.98 31.69
C ARG A 422 -20.79 -9.99 31.00
N SER A 423 -20.44 -11.09 31.66
CA SER A 423 -19.59 -12.09 31.06
C SER A 423 -20.22 -12.61 29.76
N CYS A 424 -19.41 -13.31 28.98
CA CYS A 424 -19.87 -13.87 27.71
C CYS A 424 -20.94 -14.92 27.95
N ILE A 425 -22.05 -14.81 27.19
CA ILE A 425 -23.12 -15.80 27.28
C ILE A 425 -22.93 -16.95 26.30
N GLY A 426 -21.96 -16.85 25.38
CA GLY A 426 -21.73 -17.89 24.41
C GLY A 426 -20.36 -18.53 24.55
N GLU A 427 -19.78 -18.46 25.76
CA GLU A 427 -18.46 -19.04 25.97
C GLU A 427 -18.46 -20.53 25.67
N ILE A 428 -19.52 -21.24 26.06
CA ILE A 428 -19.58 -22.68 25.83
C ILE A 428 -19.50 -22.98 24.34
N LEU A 429 -20.38 -22.35 23.56
CA LEU A 429 -20.36 -22.53 22.11
C LEU A 429 -19.00 -22.18 21.53
N ALA A 430 -18.37 -21.12 22.02
CA ALA A 430 -17.08 -20.70 21.48
C ALA A 430 -16.01 -21.75 21.68
N ARG A 431 -15.84 -22.21 22.94
CA ARG A 431 -14.79 -23.17 23.22
C ARG A 431 -14.98 -24.48 22.45
N GLN A 432 -16.23 -24.85 22.17
CA GLN A 432 -16.48 -26.10 21.45
C GLN A 432 -16.25 -25.94 19.97
N GLU A 433 -16.73 -24.86 19.37
CA GLU A 433 -16.45 -24.59 17.96
C GLU A 433 -14.96 -24.50 17.70
N LEU A 434 -14.24 -23.75 18.55
CA LEU A 434 -12.81 -23.57 18.35
C LEU A 434 -12.06 -24.89 18.44
N PHE A 435 -12.35 -25.68 19.49
CA PHE A 435 -11.61 -26.92 19.68
C PHE A 435 -11.88 -27.91 18.55
N LEU A 436 -13.12 -27.97 18.07
CA LEU A 436 -13.47 -28.95 17.04
C LEU A 436 -12.99 -28.51 15.66
N ILE A 437 -13.14 -27.24 15.33
CA ILE A 437 -12.64 -26.76 14.04
C ILE A 437 -11.14 -27.01 13.93
N MET A 438 -10.39 -26.66 14.98
CA MET A 438 -8.94 -26.86 14.94
C MET A 438 -8.60 -28.34 14.95
N ALA A 439 -9.38 -29.15 15.67
CA ALA A 439 -9.09 -30.59 15.75
C ALA A 439 -9.33 -31.27 14.41
N TRP A 440 -10.44 -30.95 13.73
CA TRP A 440 -10.73 -31.56 12.44
C TRP A 440 -9.71 -31.15 11.39
N LEU A 441 -9.30 -29.87 11.40
CA LEU A 441 -8.36 -29.39 10.40
C LEU A 441 -6.99 -30.04 10.58
N LEU A 442 -6.47 -30.04 11.80
CA LEU A 442 -5.15 -30.60 12.05
C LEU A 442 -5.09 -32.08 11.71
N GLN A 443 -6.19 -32.81 11.89
CA GLN A 443 -6.18 -34.23 11.57
C GLN A 443 -6.03 -34.46 10.07
N ARG A 444 -6.63 -33.60 9.25
CA ARG A 444 -6.78 -33.87 7.83
C ARG A 444 -5.86 -33.08 6.93
N PHE A 445 -5.44 -31.88 7.34
CA PHE A 445 -4.76 -30.96 6.43
C PHE A 445 -3.38 -30.57 6.96
N ASP A 446 -2.43 -30.46 6.04
CA ASP A 446 -1.18 -29.74 6.26
C ASP A 446 -1.43 -28.27 5.90
N LEU A 447 -1.21 -27.38 6.86
CA LEU A 447 -1.48 -25.95 6.70
C LEU A 447 -0.15 -25.22 6.72
N GLU A 448 0.38 -24.93 5.54
CA GLU A 448 1.73 -24.43 5.38
C GLU A 448 1.72 -23.01 4.81
N VAL A 449 2.90 -22.42 4.74
CA VAL A 449 3.06 -21.07 4.17
C VAL A 449 2.75 -21.14 2.68
N PRO A 450 2.05 -20.15 2.10
CA PRO A 450 1.78 -20.19 0.66
C PRO A 450 3.04 -20.17 -0.19
N ASP A 451 2.88 -20.23 -1.52
CA ASP A 451 4.04 -20.31 -2.41
C ASP A 451 4.88 -19.04 -2.34
N ASP A 452 4.24 -17.88 -2.30
CA ASP A 452 4.97 -16.67 -1.93
C ASP A 452 5.29 -16.73 -0.44
N GLY A 453 6.41 -16.11 -0.07
CA GLY A 453 6.91 -16.24 1.28
C GLY A 453 6.08 -15.55 2.35
N GLN A 454 4.93 -14.96 1.99
CA GLN A 454 4.22 -14.10 2.91
C GLN A 454 3.66 -14.87 4.09
N LEU A 455 3.97 -14.38 5.32
CA LEU A 455 3.36 -14.81 6.56
C LEU A 455 2.36 -13.76 7.04
N PRO A 456 1.28 -14.16 7.72
CA PRO A 456 0.30 -13.17 8.16
C PRO A 456 0.87 -12.22 9.20
N SER A 457 0.39 -10.99 9.16
CA SER A 457 0.77 -9.99 10.15
C SER A 457 0.04 -10.27 11.45
N LEU A 458 0.78 -10.52 12.52
CA LEU A 458 0.21 -10.73 13.83
C LEU A 458 -0.09 -9.42 14.56
N GLU A 459 0.01 -8.29 13.87
CA GLU A 459 -0.25 -7.00 14.52
C GLU A 459 -1.71 -6.85 14.90
N GLY A 460 -2.61 -7.13 13.96
CA GLY A 460 -4.03 -7.07 14.22
C GLY A 460 -4.65 -5.73 13.86
N ILE A 461 -5.96 -5.74 13.75
CA ILE A 461 -6.75 -4.57 13.39
C ILE A 461 -7.80 -4.37 14.48
N PRO A 462 -7.56 -3.43 15.40
CA PRO A 462 -8.55 -3.19 16.46
C PRO A 462 -9.85 -2.61 15.94
N LYS A 463 -10.92 -3.39 15.98
CA LYS A 463 -12.27 -2.87 15.73
C LYS A 463 -13.11 -3.15 16.96
N VAL A 464 -14.44 -3.23 16.80
CA VAL A 464 -15.27 -3.74 17.88
C VAL A 464 -14.79 -5.13 18.27
N VAL A 465 -14.21 -5.86 17.32
CA VAL A 465 -13.53 -7.13 17.55
C VAL A 465 -12.11 -6.98 17.04
N PHE A 466 -11.19 -7.70 17.69
CA PHE A 466 -9.77 -7.63 17.33
C PHE A 466 -9.53 -8.58 16.16
N LEU A 467 -9.66 -8.07 14.94
CA LEU A 467 -9.54 -8.87 13.74
C LEU A 467 -8.09 -8.99 13.29
N ILE A 468 -7.83 -9.98 12.45
CA ILE A 468 -6.52 -10.19 11.85
C ILE A 468 -6.59 -9.85 10.37
N ASP A 469 -5.50 -9.30 9.84
CA ASP A 469 -5.42 -9.03 8.42
C ASP A 469 -5.63 -10.31 7.62
N SER A 470 -6.43 -10.22 6.56
CA SER A 470 -6.69 -11.38 5.73
C SER A 470 -5.38 -11.93 5.15
N PHE A 471 -5.29 -13.25 5.06
CA PHE A 471 -4.07 -13.90 4.60
C PHE A 471 -4.43 -15.23 3.96
N LYS A 472 -3.49 -15.77 3.20
CA LYS A 472 -3.66 -17.02 2.49
C LYS A 472 -2.86 -18.12 3.17
N VAL A 473 -3.33 -19.36 3.01
CA VAL A 473 -2.68 -20.53 3.57
C VAL A 473 -2.71 -21.65 2.54
N LYS A 474 -1.59 -22.33 2.36
CA LYS A 474 -1.50 -23.47 1.45
C LYS A 474 -2.04 -24.71 2.17
N ILE A 475 -3.16 -25.23 1.68
CA ILE A 475 -3.81 -26.38 2.30
C ILE A 475 -3.50 -27.62 1.48
N LYS A 476 -3.04 -28.67 2.16
CA LYS A 476 -2.75 -29.96 1.54
C LYS A 476 -3.34 -31.06 2.41
N VAL A 477 -3.94 -32.06 1.76
CA VAL A 477 -4.45 -33.21 2.49
C VAL A 477 -3.28 -34.04 2.98
N ARG A 478 -3.29 -34.36 4.27
CA ARG A 478 -2.15 -35.03 4.89
C ARG A 478 -1.91 -36.40 4.28
N GLN A 479 -0.64 -36.75 4.11
CA GLN A 479 -0.29 -38.06 3.59
C GLN A 479 -0.79 -39.18 4.51
N ALA A 480 -0.83 -38.94 5.81
CA ALA A 480 -1.30 -39.96 6.74
C ALA A 480 -2.81 -40.15 6.64
N TRP A 481 -3.56 -39.05 6.59
CA TRP A 481 -5.00 -39.14 6.42
C TRP A 481 -5.37 -39.87 5.14
N ARG A 482 -4.49 -39.81 4.12
CA ARG A 482 -4.76 -40.49 2.86
C ARG A 482 -4.48 -41.98 2.96
N GLU A 483 -3.29 -42.36 3.42
CA GLU A 483 -2.96 -43.77 3.57
C GLU A 483 -4.01 -44.52 4.39
N ALA A 484 -4.61 -43.85 5.37
CA ALA A 484 -5.63 -44.45 6.21
C ALA A 484 -6.96 -44.66 5.49
N GLN A 485 -7.04 -44.42 4.18
CA GLN A 485 -8.27 -44.68 3.44
C GLN A 485 -8.28 -46.05 2.77
N ALA A 486 -7.14 -46.71 2.67
CA ALA A 486 -7.07 -48.05 2.10
C ALA A 486 -7.56 -49.09 3.10
N SER B 12 42.23 14.83 -24.95
CA SER B 12 41.02 14.91 -24.15
C SER B 12 40.51 13.51 -23.80
N LEU B 13 39.58 13.45 -22.85
CA LEU B 13 39.08 12.19 -22.34
C LEU B 13 38.34 11.40 -23.43
N LEU B 14 38.45 10.08 -23.35
CA LEU B 14 37.73 9.19 -24.25
C LEU B 14 36.36 8.84 -23.68
N SER B 15 35.57 8.12 -24.48
CA SER B 15 34.26 7.67 -24.05
C SER B 15 34.35 6.23 -23.56
N LEU B 16 33.62 5.95 -22.48
CA LEU B 16 33.68 4.62 -21.88
C LEU B 16 33.28 3.56 -22.88
N PRO B 17 33.98 2.42 -22.93
CA PRO B 17 33.51 1.29 -23.71
C PRO B 17 32.07 0.94 -23.34
N LEU B 18 31.25 0.64 -24.33
CA LEU B 18 29.83 0.41 -24.15
C LEU B 18 29.54 -1.06 -24.39
N VAL B 19 29.12 -1.77 -23.34
CA VAL B 19 28.80 -3.18 -23.45
C VAL B 19 27.34 -3.44 -23.79
N GLY B 20 26.46 -2.47 -23.55
CA GLY B 20 25.05 -2.66 -23.83
C GLY B 20 24.28 -1.37 -23.58
N SER B 21 23.14 -1.26 -24.25
CA SER B 21 22.29 -0.10 -24.09
C SER B 21 20.85 -0.46 -24.40
N LEU B 22 19.93 0.09 -23.61
CA LEU B 22 18.50 -0.05 -23.84
C LEU B 22 17.86 1.32 -24.00
N PRO B 23 16.94 1.49 -24.95
CA PRO B 23 16.38 2.83 -25.20
C PRO B 23 15.55 3.37 -24.05
N PHE B 24 15.12 2.53 -23.11
CA PHE B 24 14.37 3.01 -21.97
C PHE B 24 14.54 2.05 -20.80
N LEU B 25 14.21 2.53 -19.61
CA LEU B 25 14.34 1.71 -18.41
C LEU B 25 13.36 0.54 -18.48
N PRO B 26 13.81 -0.69 -18.21
CA PRO B 26 12.86 -1.79 -18.12
C PRO B 26 12.14 -1.77 -16.78
N ARG B 27 10.92 -2.32 -16.78
CA ARG B 27 10.06 -2.33 -15.61
C ARG B 27 9.68 -0.93 -15.15
N HIS B 28 9.71 0.05 -16.06
CA HIS B 28 9.29 1.41 -15.78
C HIS B 28 8.21 1.77 -16.79
N GLY B 29 6.95 1.78 -16.34
CA GLY B 29 5.82 1.99 -17.22
C GLY B 29 5.43 0.73 -17.95
N HIS B 30 4.33 0.83 -18.69
CA HIS B 30 3.85 -0.30 -19.49
C HIS B 30 4.67 -0.45 -20.75
N MET B 31 5.05 -1.70 -21.05
CA MET B 31 5.89 -1.97 -22.20
C MET B 31 5.29 -1.40 -23.49
N HIS B 32 4.02 -1.69 -23.74
CA HIS B 32 3.40 -1.26 -24.99
C HIS B 32 3.47 0.26 -25.13
N ASN B 33 3.32 0.99 -24.02
CA ASN B 33 3.38 2.44 -24.09
C ASN B 33 4.82 2.95 -24.22
N ASN B 34 5.77 2.25 -23.61
CA ASN B 34 7.17 2.64 -23.77
C ASN B 34 7.62 2.48 -25.21
N PHE B 35 7.28 1.37 -25.85
CA PHE B 35 7.55 1.20 -27.27
C PHE B 35 6.89 2.30 -28.09
N PHE B 36 5.67 2.68 -27.70
CA PHE B 36 4.94 3.69 -28.46
C PHE B 36 5.61 5.05 -28.33
N LYS B 37 5.91 5.48 -27.11
CA LYS B 37 6.65 6.72 -26.92
C LYS B 37 7.94 6.72 -27.73
N LEU B 38 8.58 5.56 -27.84
CA LEU B 38 9.87 5.46 -28.50
C LEU B 38 9.77 5.70 -30.00
N GLN B 39 8.57 5.58 -30.57
CA GLN B 39 8.41 5.81 -32.00
C GLN B 39 8.73 7.24 -32.39
N LYS B 40 8.50 8.20 -31.48
CA LYS B 40 8.83 9.59 -31.76
C LYS B 40 10.29 9.75 -32.13
N LYS B 41 11.15 8.87 -31.61
CA LYS B 41 12.59 9.00 -31.77
C LYS B 41 13.14 8.14 -32.91
N TYR B 42 12.63 6.92 -33.08
CA TYR B 42 13.21 5.96 -34.02
C TYR B 42 12.27 5.52 -35.12
N GLY B 43 10.99 5.90 -35.08
CA GLY B 43 10.07 5.55 -36.14
C GLY B 43 9.13 4.42 -35.74
N PRO B 44 8.30 3.98 -36.69
CA PRO B 44 7.30 2.95 -36.40
C PRO B 44 7.79 1.51 -36.52
N ILE B 45 9.06 1.28 -36.84
CA ILE B 45 9.59 -0.08 -36.91
C ILE B 45 11.06 -0.06 -36.52
N TYR B 46 11.39 -0.73 -35.42
CA TYR B 46 12.76 -0.80 -34.93
C TYR B 46 12.98 -2.14 -34.24
N SER B 47 14.23 -2.47 -33.99
CA SER B 47 14.61 -3.78 -33.48
C SER B 47 15.50 -3.64 -32.25
N VAL B 48 15.50 -4.69 -31.44
CA VAL B 48 16.37 -4.80 -30.27
C VAL B 48 16.98 -6.20 -30.26
N ARG B 49 18.19 -6.30 -29.73
CA ARG B 49 18.93 -7.56 -29.70
C ARG B 49 19.22 -7.95 -28.26
N MET B 50 18.87 -9.18 -27.90
CA MET B 50 19.17 -9.76 -26.59
C MET B 50 19.97 -11.03 -26.82
N GLY B 51 21.28 -10.96 -26.55
CA GLY B 51 22.15 -12.07 -26.87
C GLY B 51 22.16 -12.35 -28.36
N THR B 52 21.60 -13.47 -28.77
CA THR B 52 21.47 -13.80 -30.18
C THR B 52 20.05 -13.64 -30.72
N LYS B 53 19.05 -13.61 -29.86
CA LYS B 53 17.68 -13.40 -30.29
C LYS B 53 17.46 -11.93 -30.60
N THR B 54 16.83 -11.66 -31.74
CA THR B 54 16.51 -10.30 -32.17
C THR B 54 15.00 -10.16 -32.30
N THR B 55 14.50 -8.96 -32.02
CA THR B 55 13.08 -8.70 -31.92
C THR B 55 12.72 -7.41 -32.65
N VAL B 56 11.61 -7.43 -33.37
CA VAL B 56 11.14 -6.29 -34.15
C VAL B 56 9.78 -5.84 -33.60
N ILE B 57 9.63 -4.55 -33.36
CA ILE B 57 8.38 -3.97 -32.88
C ILE B 57 7.79 -3.11 -33.99
N VAL B 58 6.52 -3.35 -34.30
CA VAL B 58 5.80 -2.64 -35.35
C VAL B 58 4.72 -1.81 -34.70
N GLY B 59 4.58 -0.56 -35.15
CA GLY B 59 3.67 0.37 -34.51
C GLY B 59 2.88 1.26 -35.46
N HIS B 60 2.72 0.83 -36.71
CA HIS B 60 1.87 1.52 -37.66
C HIS B 60 0.97 0.52 -38.36
N HIS B 61 -0.29 0.91 -38.57
CA HIS B 61 -1.28 -0.05 -39.06
C HIS B 61 -0.87 -0.65 -40.40
N GLN B 62 -0.26 0.15 -41.27
CA GLN B 62 0.13 -0.36 -42.58
C GLN B 62 1.15 -1.49 -42.44
N LEU B 63 2.22 -1.25 -41.68
CA LEU B 63 3.20 -2.30 -41.44
C LEU B 63 2.60 -3.48 -40.70
N ALA B 64 1.64 -3.22 -39.80
CA ALA B 64 1.01 -4.31 -39.05
C ALA B 64 0.20 -5.20 -39.98
N LYS B 65 -0.58 -4.60 -40.88
CA LYS B 65 -1.36 -5.41 -41.81
C LYS B 65 -0.48 -6.22 -42.74
N GLU B 66 0.74 -5.74 -43.01
CA GLU B 66 1.67 -6.53 -43.81
C GLU B 66 2.12 -7.77 -43.05
N VAL B 67 2.44 -7.62 -41.76
CA VAL B 67 2.87 -8.75 -40.95
C VAL B 67 1.72 -9.73 -40.76
N LEU B 68 0.50 -9.22 -40.58
CA LEU B 68 -0.63 -10.06 -40.21
C LEU B 68 -1.40 -10.59 -41.43
N ILE B 69 -1.55 -9.77 -42.48
CA ILE B 69 -2.43 -10.13 -43.59
C ILE B 69 -1.63 -10.43 -44.84
N LYS B 70 -1.06 -9.39 -45.46
CA LYS B 70 -0.39 -9.57 -46.75
C LYS B 70 0.64 -10.68 -46.69
N LYS B 71 1.49 -10.67 -45.67
CA LYS B 71 2.52 -11.68 -45.47
C LYS B 71 2.24 -12.50 -44.22
N GLY B 72 0.97 -12.79 -43.96
CA GLY B 72 0.59 -13.47 -42.73
C GLY B 72 1.32 -14.79 -42.56
N LYS B 73 1.27 -15.65 -43.57
CA LYS B 73 1.86 -16.98 -43.46
C LYS B 73 3.36 -16.91 -43.23
N ASP B 74 4.00 -15.78 -43.53
CA ASP B 74 5.43 -15.62 -43.28
C ASP B 74 5.70 -15.38 -41.80
N PHE B 75 4.82 -14.64 -41.12
CA PHE B 75 5.00 -14.29 -39.71
C PHE B 75 3.92 -14.95 -38.84
N SER B 76 3.58 -16.19 -39.14
CA SER B 76 2.52 -16.90 -38.43
C SER B 76 3.05 -17.78 -37.30
N GLY B 77 4.35 -17.74 -37.02
CA GLY B 77 4.92 -18.56 -35.98
C GLY B 77 4.83 -17.92 -34.61
N ARG B 78 5.25 -18.67 -33.61
CA ARG B 78 5.33 -18.18 -32.24
C ARG B 78 6.73 -18.45 -31.70
N PRO B 79 7.35 -17.48 -31.02
CA PRO B 79 8.65 -17.75 -30.41
C PRO B 79 8.52 -18.66 -29.20
N GLN B 80 9.56 -19.46 -28.96
CA GLN B 80 9.57 -20.35 -27.81
C GLN B 80 9.95 -19.57 -26.55
N MET B 81 9.23 -19.86 -25.46
CA MET B 81 9.48 -19.23 -24.18
C MET B 81 9.35 -20.28 -23.09
N ALA B 82 10.27 -20.26 -22.13
CA ALA B 82 10.24 -21.22 -21.04
C ALA B 82 8.88 -21.22 -20.35
N THR B 83 8.30 -20.03 -20.17
CA THR B 83 7.03 -19.94 -19.45
C THR B 83 5.87 -20.46 -20.27
N LEU B 84 5.86 -20.18 -21.58
CA LEU B 84 4.78 -20.66 -22.43
C LEU B 84 4.89 -22.16 -22.68
N ASP B 85 6.10 -22.70 -22.67
CA ASP B 85 6.28 -24.13 -22.89
C ASP B 85 5.60 -24.95 -21.81
N ILE B 86 5.61 -24.45 -20.57
CA ILE B 86 4.99 -25.19 -19.46
C ILE B 86 3.48 -25.14 -19.58
N ALA B 87 2.91 -23.96 -19.85
CA ALA B 87 1.47 -23.82 -19.90
C ALA B 87 0.86 -24.43 -21.16
N SER B 88 1.67 -24.69 -22.18
CA SER B 88 1.20 -25.28 -23.43
C SER B 88 1.61 -26.73 -23.59
N ASN B 89 2.17 -27.35 -22.55
CA ASN B 89 2.59 -28.74 -22.60
C ASN B 89 3.55 -28.96 -23.78
N ASN B 90 4.61 -28.16 -23.78
CA ASN B 90 5.64 -28.21 -24.81
C ASN B 90 5.07 -27.83 -26.17
N ARG B 91 4.49 -26.62 -26.22
CA ARG B 91 4.14 -25.96 -27.46
C ARG B 91 3.01 -26.67 -28.21
N LYS B 92 2.12 -27.32 -27.48
CA LYS B 92 0.91 -27.88 -28.08
C LYS B 92 -0.19 -26.82 -28.05
N GLY B 93 -1.41 -27.21 -28.41
CA GLY B 93 -2.52 -26.28 -28.39
C GLY B 93 -2.62 -25.42 -29.62
N ILE B 94 -3.10 -24.18 -29.47
CA ILE B 94 -3.29 -23.28 -30.59
C ILE B 94 -2.50 -21.99 -30.35
N ALA B 95 -2.80 -21.31 -29.24
CA ALA B 95 -2.30 -19.96 -29.02
C ALA B 95 -0.77 -19.94 -28.97
N PHE B 96 -0.18 -20.81 -28.16
CA PHE B 96 1.27 -20.82 -27.95
C PHE B 96 1.97 -21.89 -28.79
N ALA B 97 1.27 -22.50 -29.74
CA ALA B 97 1.87 -23.51 -30.60
C ALA B 97 2.43 -22.84 -31.85
N ASP B 98 3.61 -23.30 -32.27
CA ASP B 98 4.23 -22.74 -33.46
C ASP B 98 3.47 -23.16 -34.71
N SER B 99 3.53 -22.31 -35.75
CA SER B 99 2.84 -22.63 -36.99
C SER B 99 3.33 -23.97 -37.54
N GLY B 100 2.37 -24.81 -37.92
CA GLY B 100 2.72 -26.15 -38.39
C GLY B 100 1.48 -27.01 -38.49
N ALA B 101 1.71 -28.32 -38.49
CA ALA B 101 0.61 -29.27 -38.67
C ALA B 101 -0.36 -29.23 -37.50
N HIS B 102 0.15 -29.45 -36.28
CA HIS B 102 -0.73 -29.52 -35.11
C HIS B 102 -1.51 -28.23 -34.94
N TRP B 103 -0.85 -27.07 -35.08
CA TRP B 103 -1.56 -25.80 -34.91
C TRP B 103 -2.68 -25.64 -35.92
N GLN B 104 -2.39 -25.88 -37.20
CA GLN B 104 -3.39 -25.67 -38.24
C GLN B 104 -4.58 -26.60 -38.06
N LEU B 105 -4.33 -27.86 -37.71
CA LEU B 105 -5.41 -28.82 -37.52
C LEU B 105 -6.30 -28.40 -36.37
N HIS B 106 -5.72 -28.21 -35.19
CA HIS B 106 -6.52 -27.91 -34.00
C HIS B 106 -7.25 -26.58 -34.16
N ARG B 107 -6.58 -25.57 -34.73
CA ARG B 107 -7.27 -24.30 -34.96
C ARG B 107 -8.48 -24.49 -35.85
N ARG B 108 -8.37 -25.33 -36.87
CA ARG B 108 -9.49 -25.59 -37.78
C ARG B 108 -10.64 -26.26 -37.04
N LEU B 109 -10.34 -27.30 -36.26
CA LEU B 109 -11.38 -28.01 -35.53
C LEU B 109 -12.05 -27.13 -34.50
N ALA B 110 -11.29 -26.21 -33.88
CA ALA B 110 -11.89 -25.28 -32.94
C ALA B 110 -12.85 -24.33 -33.65
N MET B 111 -12.42 -23.77 -34.79
CA MET B 111 -13.31 -22.93 -35.59
C MET B 111 -14.54 -23.71 -36.03
N ALA B 112 -14.36 -24.99 -36.38
CA ALA B 112 -15.50 -25.80 -36.78
C ALA B 112 -16.53 -25.90 -35.66
N THR B 113 -16.09 -26.11 -34.42
CA THR B 113 -17.01 -26.20 -33.30
C THR B 113 -17.84 -24.92 -33.19
N PHE B 114 -17.18 -23.76 -33.16
CA PHE B 114 -17.89 -22.50 -33.10
C PHE B 114 -18.85 -22.31 -34.27
N ALA B 115 -18.61 -23.01 -35.39
CA ALA B 115 -19.53 -22.94 -36.52
C ALA B 115 -20.82 -23.71 -36.23
N LEU B 116 -20.75 -24.75 -35.40
CA LEU B 116 -21.96 -25.49 -35.05
C LEU B 116 -22.98 -24.58 -34.38
N PHE B 117 -22.54 -23.80 -33.40
CA PHE B 117 -23.42 -22.98 -32.57
C PHE B 117 -23.98 -21.76 -33.30
N LYS B 118 -23.95 -21.75 -34.63
CA LYS B 118 -24.51 -20.63 -35.38
C LYS B 118 -26.02 -20.56 -35.23
N ASP B 119 -26.68 -21.69 -34.97
CA ASP B 119 -28.13 -21.74 -34.86
C ASP B 119 -28.53 -23.05 -34.19
N GLY B 120 -29.81 -23.37 -34.24
CA GLY B 120 -30.32 -24.62 -33.72
C GLY B 120 -30.83 -24.48 -32.29
N ASP B 121 -31.14 -25.64 -31.71
CA ASP B 121 -31.57 -25.68 -30.32
C ASP B 121 -30.51 -25.06 -29.41
N GLN B 122 -29.23 -25.32 -29.70
CA GLN B 122 -28.12 -24.75 -28.95
C GLN B 122 -27.57 -23.47 -29.59
N LYS B 123 -28.45 -22.62 -30.10
CA LYS B 123 -28.02 -21.31 -30.59
C LYS B 123 -27.24 -20.60 -29.51
N LEU B 124 -26.09 -20.03 -29.89
CA LEU B 124 -25.19 -19.43 -28.90
C LEU B 124 -25.92 -18.43 -28.02
N GLU B 125 -26.91 -17.73 -28.56
CA GLU B 125 -27.66 -16.75 -27.78
C GLU B 125 -28.37 -17.41 -26.60
N LYS B 126 -28.73 -18.69 -26.72
CA LYS B 126 -29.50 -19.35 -25.67
C LYS B 126 -28.60 -19.85 -24.54
N ILE B 127 -27.42 -20.36 -24.88
CA ILE B 127 -26.47 -20.77 -23.84
C ILE B 127 -26.06 -19.56 -23.01
N ILE B 128 -25.87 -18.41 -23.67
CA ILE B 128 -25.40 -17.22 -22.99
C ILE B 128 -26.50 -16.64 -22.12
N CYS B 129 -27.65 -16.34 -22.72
CA CYS B 129 -28.77 -15.75 -21.96
C CYS B 129 -29.17 -16.63 -20.79
N GLN B 130 -29.04 -17.95 -20.93
CA GLN B 130 -29.33 -18.85 -19.82
C GLN B 130 -28.49 -18.49 -18.60
N GLU B 131 -27.18 -18.34 -18.80
CA GLU B 131 -26.27 -18.09 -17.69
C GLU B 131 -26.27 -16.64 -17.26
N ILE B 132 -26.57 -15.71 -18.17
CA ILE B 132 -26.73 -14.31 -17.77
C ILE B 132 -27.92 -14.17 -16.84
N SER B 133 -29.00 -14.92 -17.10
CA SER B 133 -30.17 -14.88 -16.24
C SER B 133 -29.79 -15.29 -14.82
N THR B 134 -29.02 -16.36 -14.69
CA THR B 134 -28.51 -16.76 -13.37
C THR B 134 -27.66 -15.65 -12.77
N LEU B 135 -26.80 -15.04 -13.58
CA LEU B 135 -25.96 -13.95 -13.10
C LEU B 135 -26.80 -12.81 -12.53
N CYS B 136 -27.85 -12.41 -13.25
CA CYS B 136 -28.68 -11.29 -12.82
C CYS B 136 -29.47 -11.63 -11.58
N ASP B 137 -29.91 -12.87 -11.43
CA ASP B 137 -30.65 -13.25 -10.23
C ASP B 137 -29.76 -13.22 -8.99
N MET B 138 -28.52 -13.71 -9.12
CA MET B 138 -27.60 -13.66 -7.99
C MET B 138 -27.26 -12.21 -7.63
N LEU B 139 -26.96 -11.39 -8.64
CA LEU B 139 -26.61 -10.00 -8.38
C LEU B 139 -27.73 -9.27 -7.63
N ALA B 140 -28.98 -9.59 -7.97
CA ALA B 140 -30.10 -8.88 -7.36
C ALA B 140 -30.21 -9.17 -5.86
N THR B 141 -29.58 -10.24 -5.38
CA THR B 141 -29.56 -10.49 -3.94
C THR B 141 -28.71 -9.46 -3.21
N HIS B 142 -27.75 -8.83 -3.89
CA HIS B 142 -26.92 -7.78 -3.31
C HIS B 142 -27.50 -6.39 -3.54
N ASN B 143 -28.82 -6.27 -3.70
CA ASN B 143 -29.43 -4.97 -3.90
C ASN B 143 -29.08 -4.03 -2.75
N GLY B 144 -28.50 -2.88 -3.08
CA GLY B 144 -28.11 -1.92 -2.08
C GLY B 144 -26.75 -2.17 -1.44
N GLN B 145 -25.94 -3.04 -2.01
CA GLN B 145 -24.61 -3.34 -1.48
C GLN B 145 -23.56 -3.08 -2.55
N SER B 146 -22.33 -2.89 -2.09
CA SER B 146 -21.18 -2.71 -2.97
C SER B 146 -20.41 -4.02 -3.02
N ILE B 147 -20.26 -4.59 -4.22
CA ILE B 147 -19.65 -5.90 -4.39
C ILE B 147 -18.62 -5.85 -5.50
N ASP B 148 -17.78 -6.88 -5.54
CA ASP B 148 -16.90 -7.15 -6.67
C ASP B 148 -17.59 -8.17 -7.56
N ILE B 149 -17.90 -7.76 -8.80
CA ILE B 149 -18.67 -8.59 -9.71
C ILE B 149 -17.78 -9.60 -10.43
N SER B 150 -16.51 -9.66 -10.04
CA SER B 150 -15.57 -10.54 -10.74
C SER B 150 -16.05 -11.98 -10.74
N PHE B 151 -16.28 -12.56 -9.56
CA PHE B 151 -16.62 -13.98 -9.49
C PHE B 151 -17.97 -14.26 -10.11
N PRO B 152 -19.03 -13.48 -9.85
CA PRO B 152 -20.30 -13.73 -10.55
C PRO B 152 -20.16 -13.81 -12.06
N VAL B 153 -19.38 -12.90 -12.65
CA VAL B 153 -19.16 -12.94 -14.09
C VAL B 153 -18.28 -14.13 -14.46
N PHE B 154 -17.24 -14.39 -13.66
CA PHE B 154 -16.36 -15.53 -13.91
C PHE B 154 -17.16 -16.82 -14.02
N VAL B 155 -18.17 -16.99 -13.15
CA VAL B 155 -18.97 -18.21 -13.18
C VAL B 155 -19.85 -18.25 -14.42
N ALA B 156 -20.48 -17.12 -14.77
CA ALA B 156 -21.36 -17.08 -15.93
C ALA B 156 -20.63 -17.53 -17.19
N VAL B 157 -19.48 -16.91 -17.47
CA VAL B 157 -18.74 -17.22 -18.68
C VAL B 157 -18.08 -18.59 -18.58
N THR B 158 -17.70 -19.01 -17.38
CA THR B 158 -17.11 -20.34 -17.21
C THR B 158 -18.09 -21.43 -17.62
N ASN B 159 -19.38 -21.24 -17.36
CA ASN B 159 -20.37 -22.22 -17.76
C ASN B 159 -20.62 -22.17 -19.26
N VAL B 160 -20.61 -20.98 -19.85
CA VAL B 160 -20.81 -20.85 -21.29
C VAL B 160 -19.75 -21.65 -22.04
N ILE B 161 -18.47 -21.43 -21.70
CA ILE B 161 -17.41 -22.13 -22.41
C ILE B 161 -17.42 -23.61 -22.06
N SER B 162 -17.86 -23.96 -20.85
CA SER B 162 -17.91 -25.36 -20.46
C SER B 162 -18.96 -26.11 -21.27
N LEU B 163 -20.11 -25.49 -21.52
CA LEU B 163 -21.12 -26.10 -22.37
C LEU B 163 -20.64 -26.21 -23.81
N ILE B 164 -19.84 -25.25 -24.28
CA ILE B 164 -19.31 -25.30 -25.63
C ILE B 164 -18.20 -26.34 -25.76
N CYS B 165 -17.56 -26.70 -24.65
CA CYS B 165 -16.47 -27.68 -24.66
C CYS B 165 -16.91 -29.07 -24.26
N PHE B 166 -17.78 -29.20 -23.26
CA PHE B 166 -18.14 -30.50 -22.70
C PHE B 166 -19.64 -30.75 -22.62
N ASN B 167 -20.49 -29.76 -22.90
CA ASN B 167 -21.93 -29.88 -22.67
C ASN B 167 -22.21 -30.09 -21.18
N THR B 168 -21.47 -29.36 -20.34
CA THR B 168 -21.60 -29.45 -18.90
C THR B 168 -21.48 -28.07 -18.30
N SER B 169 -22.23 -27.81 -17.23
CA SER B 169 -22.14 -26.57 -16.49
C SER B 169 -21.99 -26.87 -15.01
N TYR B 170 -21.52 -25.88 -14.26
CA TYR B 170 -21.29 -26.05 -12.83
C TYR B 170 -22.49 -25.56 -12.04
N LYS B 171 -22.94 -26.38 -11.10
CA LYS B 171 -24.04 -26.00 -10.22
C LYS B 171 -23.61 -24.84 -9.33
N ASN B 172 -24.59 -24.21 -8.70
CA ASN B 172 -24.32 -23.07 -7.83
C ASN B 172 -23.58 -23.52 -6.58
N GLY B 173 -22.48 -22.86 -6.28
CA GLY B 173 -21.68 -23.18 -5.11
C GLY B 173 -20.69 -24.31 -5.31
N ASP B 174 -20.49 -24.77 -6.52
CA ASP B 174 -19.53 -25.84 -6.77
C ASP B 174 -18.12 -25.34 -6.47
N PRO B 175 -17.40 -25.94 -5.52
CA PRO B 175 -16.05 -25.44 -5.20
C PRO B 175 -15.06 -25.58 -6.35
N GLU B 176 -15.37 -26.41 -7.36
CA GLU B 176 -14.47 -26.55 -8.50
C GLU B 176 -14.32 -25.23 -9.25
N LEU B 177 -15.36 -24.39 -9.22
CA LEU B 177 -15.24 -23.05 -9.80
C LEU B 177 -14.18 -22.23 -9.06
N ASN B 178 -14.10 -22.41 -7.74
CA ASN B 178 -13.07 -21.70 -6.98
C ASN B 178 -11.68 -22.25 -7.28
N VAL B 179 -11.57 -23.55 -7.54
CA VAL B 179 -10.29 -24.12 -7.93
C VAL B 179 -9.81 -23.52 -9.24
N ILE B 180 -10.70 -23.48 -10.23
CA ILE B 180 -10.35 -22.88 -11.52
C ILE B 180 -9.94 -21.43 -11.32
N GLN B 181 -10.75 -20.66 -10.59
CA GLN B 181 -10.37 -19.30 -10.23
C GLN B 181 -8.94 -19.24 -9.70
N ASN B 182 -8.58 -20.21 -8.86
CA ASN B 182 -7.28 -20.16 -8.19
C ASN B 182 -6.14 -20.36 -9.17
N TYR B 183 -6.13 -21.49 -9.89
CA TYR B 183 -5.01 -21.75 -10.80
C TYR B 183 -5.03 -20.83 -12.01
N ASN B 184 -6.20 -20.31 -12.39
CA ASN B 184 -6.24 -19.27 -13.42
C ASN B 184 -5.44 -18.05 -12.99
N GLU B 185 -5.65 -17.60 -11.76
CA GLU B 185 -4.90 -16.47 -11.25
C GLU B 185 -3.42 -16.79 -11.09
N GLY B 186 -3.10 -18.04 -10.74
CA GLY B 186 -1.71 -18.39 -10.51
C GLY B 186 -0.92 -18.53 -11.81
N ILE B 187 -1.54 -19.11 -12.84
CA ILE B 187 -0.88 -19.21 -14.14
C ILE B 187 -0.64 -17.82 -14.72
N ILE B 188 -1.67 -16.98 -14.70
CA ILE B 188 -1.54 -15.63 -15.27
C ILE B 188 -0.45 -14.86 -14.54
N ASP B 189 -0.47 -14.88 -13.21
CA ASP B 189 0.50 -14.10 -12.44
C ASP B 189 1.93 -14.56 -12.73
N ASN B 190 2.13 -15.87 -12.91
CA ASN B 190 3.45 -16.42 -13.10
C ASN B 190 3.83 -16.59 -14.57
N LEU B 191 2.87 -16.51 -15.49
CA LEU B 191 3.20 -16.68 -16.90
C LEU B 191 4.14 -15.57 -17.38
N SER B 192 4.06 -14.39 -16.77
CA SER B 192 4.93 -13.28 -17.10
C SER B 192 4.74 -12.20 -16.05
N LYS B 193 5.84 -11.59 -15.62
CA LYS B 193 5.76 -10.49 -14.66
C LYS B 193 4.88 -9.37 -15.20
N ASP B 194 5.20 -8.89 -16.41
CA ASP B 194 4.39 -7.89 -17.09
C ASP B 194 3.81 -8.50 -18.36
N SER B 195 3.89 -7.80 -19.48
CA SER B 195 3.44 -8.37 -20.74
C SER B 195 4.32 -9.54 -21.12
N LEU B 196 3.89 -10.30 -22.13
CA LEU B 196 4.70 -11.40 -22.63
C LEU B 196 6.00 -10.90 -23.24
N VAL B 197 6.05 -9.64 -23.67
CA VAL B 197 7.26 -9.06 -24.23
C VAL B 197 8.14 -8.59 -23.08
N ASP B 198 9.33 -9.17 -22.96
CA ASP B 198 10.27 -8.81 -21.91
C ASP B 198 11.63 -8.56 -22.54
N LEU B 199 12.12 -7.33 -22.41
CA LEU B 199 13.43 -6.98 -22.95
C LEU B 199 14.51 -7.92 -22.41
N VAL B 200 14.75 -7.87 -21.11
CA VAL B 200 15.80 -8.67 -20.49
C VAL B 200 15.18 -9.97 -19.98
N PRO B 201 15.94 -11.25 -20.19
CA PRO B 201 15.43 -12.53 -19.66
C PRO B 201 15.81 -12.70 -18.18
N TRP B 202 15.00 -12.07 -17.31
CA TRP B 202 15.35 -12.03 -15.90
C TRP B 202 15.37 -13.42 -15.28
N LEU B 203 14.38 -14.26 -15.61
CA LEU B 203 14.30 -15.56 -14.93
C LEU B 203 15.43 -16.49 -15.31
N LYS B 204 16.26 -16.13 -16.29
CA LYS B 204 17.46 -16.88 -16.61
C LYS B 204 18.72 -16.23 -16.05
N ILE B 205 18.59 -15.07 -15.41
CA ILE B 205 19.73 -14.35 -14.86
C ILE B 205 19.85 -14.55 -13.35
N PHE B 206 18.75 -14.38 -12.61
CA PHE B 206 18.77 -14.47 -11.17
C PHE B 206 17.95 -15.67 -10.69
N PRO B 207 18.27 -16.22 -9.52
CA PRO B 207 17.50 -17.37 -9.03
C PRO B 207 16.09 -16.96 -8.64
N ASN B 208 15.13 -17.82 -9.00
CA ASN B 208 13.73 -17.53 -8.73
C ASN B 208 12.93 -18.82 -8.82
N LYS B 209 11.70 -18.77 -8.30
CA LYS B 209 10.81 -19.93 -8.26
C LYS B 209 9.65 -19.81 -9.24
N THR B 210 9.80 -19.00 -10.30
CA THR B 210 8.68 -18.74 -11.19
C THR B 210 8.22 -20.01 -11.89
N LEU B 211 9.15 -20.70 -12.57
CA LEU B 211 8.77 -21.94 -13.27
C LEU B 211 8.25 -22.98 -12.28
N GLU B 212 8.86 -23.05 -11.09
CA GLU B 212 8.37 -23.97 -10.08
C GLU B 212 6.93 -23.66 -9.71
N LYS B 213 6.65 -22.40 -9.37
CA LYS B 213 5.27 -21.98 -9.10
C LYS B 213 4.37 -22.28 -10.30
N LEU B 214 4.83 -21.92 -11.50
CA LEU B 214 4.00 -22.10 -12.69
C LEU B 214 3.65 -23.56 -12.91
N LYS B 215 4.66 -24.44 -12.85
CA LYS B 215 4.40 -25.87 -12.97
C LYS B 215 3.34 -26.32 -11.96
N SER B 216 3.38 -25.76 -10.75
CA SER B 216 2.45 -26.18 -9.71
C SER B 216 1.01 -25.90 -10.11
N HIS B 217 0.72 -24.70 -10.60
CA HIS B 217 -0.64 -24.37 -11.02
C HIS B 217 -1.02 -25.11 -12.30
N VAL B 218 -0.07 -25.32 -13.21
CA VAL B 218 -0.35 -26.07 -14.42
C VAL B 218 -0.70 -27.52 -14.09
N LYS B 219 -0.09 -28.07 -13.02
CA LYS B 219 -0.39 -29.45 -12.65
C LYS B 219 -1.83 -29.60 -12.19
N ILE B 220 -2.35 -28.60 -11.47
CA ILE B 220 -3.74 -28.66 -11.03
C ILE B 220 -4.68 -28.57 -12.23
N ARG B 221 -4.37 -27.67 -13.17
CA ARG B 221 -5.19 -27.59 -14.39
C ARG B 221 -5.18 -28.91 -15.15
N ASN B 222 -4.00 -29.52 -15.29
CA ASN B 222 -3.90 -30.75 -16.09
C ASN B 222 -4.64 -31.90 -15.42
N ASP B 223 -4.45 -32.09 -14.12
CA ASP B 223 -5.17 -33.14 -13.42
C ASP B 223 -6.68 -32.96 -13.55
N LEU B 224 -7.15 -31.71 -13.57
CA LEU B 224 -8.58 -31.45 -13.64
C LEU B 224 -9.14 -31.72 -15.03
N LEU B 225 -8.37 -31.43 -16.08
CA LEU B 225 -8.84 -31.68 -17.44
C LEU B 225 -8.72 -33.15 -17.82
N ASN B 226 -7.62 -33.80 -17.40
CA ASN B 226 -7.50 -35.23 -17.62
C ASN B 226 -8.72 -35.97 -17.09
N LYS B 227 -9.18 -35.58 -15.89
CA LYS B 227 -10.36 -36.22 -15.32
C LYS B 227 -11.60 -35.99 -16.19
N ILE B 228 -11.80 -34.76 -16.65
CA ILE B 228 -12.96 -34.46 -17.50
C ILE B 228 -12.85 -35.24 -18.81
N LEU B 229 -11.64 -35.42 -19.32
CA LEU B 229 -11.46 -36.14 -20.58
C LEU B 229 -11.67 -37.64 -20.39
N GLU B 230 -11.23 -38.19 -19.26
CA GLU B 230 -11.39 -39.62 -19.01
C GLU B 230 -12.86 -39.99 -18.83
N ASN B 231 -13.58 -39.23 -17.99
CA ASN B 231 -15.00 -39.49 -17.76
C ASN B 231 -15.84 -39.24 -18.99
N TYR B 232 -15.26 -38.75 -20.08
CA TYR B 232 -16.01 -38.45 -21.29
C TYR B 232 -15.80 -39.48 -22.40
N LYS B 233 -14.69 -40.21 -22.38
CA LYS B 233 -14.46 -41.22 -23.39
C LYS B 233 -15.63 -42.21 -23.48
N GLU B 234 -16.23 -42.53 -22.33
CA GLU B 234 -17.38 -43.43 -22.32
C GLU B 234 -18.58 -42.80 -23.02
N LYS B 235 -18.85 -41.53 -22.72
CA LYS B 235 -20.07 -40.88 -23.19
C LYS B 235 -20.06 -40.59 -24.68
N PHE B 236 -18.90 -40.65 -25.33
CA PHE B 236 -18.77 -40.18 -26.70
C PHE B 236 -19.50 -41.10 -27.67
N ARG B 237 -20.09 -40.49 -28.70
CA ARG B 237 -20.76 -41.22 -29.77
C ARG B 237 -20.59 -40.43 -31.07
N SER B 238 -20.32 -41.15 -32.16
CA SER B 238 -19.98 -40.49 -33.42
C SER B 238 -21.18 -39.76 -34.02
N ASP B 239 -22.41 -40.24 -33.75
CA ASP B 239 -23.58 -39.57 -34.32
C ASP B 239 -23.84 -38.22 -33.65
N SER B 240 -23.51 -38.08 -32.37
CA SER B 240 -23.76 -36.85 -31.61
C SER B 240 -22.48 -36.03 -31.58
N ILE B 241 -22.49 -34.89 -32.27
CA ILE B 241 -21.37 -33.96 -32.31
C ILE B 241 -21.93 -32.58 -31.97
N THR B 242 -21.80 -32.17 -30.71
CA THR B 242 -22.43 -30.95 -30.23
C THR B 242 -21.50 -30.03 -29.45
N ASN B 243 -20.25 -30.42 -29.22
CA ASN B 243 -19.32 -29.57 -28.48
C ASN B 243 -17.91 -29.81 -28.99
N MET B 244 -16.96 -29.11 -28.38
CA MET B 244 -15.59 -29.11 -28.91
C MET B 244 -14.90 -30.44 -28.66
N LEU B 245 -15.15 -31.08 -27.52
CA LEU B 245 -14.48 -32.34 -27.24
C LEU B 245 -14.95 -33.44 -28.18
N ASP B 246 -16.22 -33.40 -28.59
CA ASP B 246 -16.69 -34.32 -29.62
C ASP B 246 -15.90 -34.11 -30.91
N THR B 247 -15.82 -32.86 -31.36
CA THR B 247 -15.10 -32.55 -32.59
C THR B 247 -13.70 -33.14 -32.58
N LEU B 248 -12.97 -32.97 -31.49
CA LEU B 248 -11.59 -33.42 -31.43
C LEU B 248 -11.50 -34.95 -31.40
N MET B 249 -12.41 -35.60 -30.67
CA MET B 249 -12.39 -37.06 -30.60
C MET B 249 -12.82 -37.68 -31.94
N GLN B 250 -13.84 -37.10 -32.57
CA GLN B 250 -14.22 -37.59 -33.90
C GLN B 250 -13.07 -37.48 -34.88
N ALA B 251 -12.20 -36.47 -34.71
CA ALA B 251 -11.03 -36.36 -35.56
C ALA B 251 -10.04 -37.50 -35.30
N LYS B 252 -9.80 -37.82 -34.03
CA LYS B 252 -8.91 -38.94 -33.72
C LYS B 252 -9.54 -40.27 -34.08
N MET B 253 -10.88 -40.36 -34.04
CA MET B 253 -11.55 -41.59 -34.44
C MET B 253 -11.28 -41.88 -35.91
N ASN B 254 -11.41 -40.87 -36.76
CA ASN B 254 -10.88 -40.97 -38.11
C ASN B 254 -9.37 -41.18 -38.03
N SER B 255 -8.81 -41.80 -39.07
CA SER B 255 -7.49 -42.43 -38.97
C SER B 255 -7.62 -43.57 -37.97
N ASP B 256 -6.97 -43.46 -36.81
CA ASP B 256 -7.14 -44.43 -35.74
C ASP B 256 -6.89 -43.79 -34.37
N GLN B 264 -5.26 -41.21 -41.36
CA GLN B 264 -4.16 -40.37 -41.82
C GLN B 264 -3.27 -39.96 -40.65
N ASP B 265 -3.28 -38.66 -40.32
CA ASP B 265 -2.37 -38.11 -39.32
C ASP B 265 -3.17 -37.85 -38.04
N SER B 266 -3.15 -38.83 -37.13
CA SER B 266 -3.75 -38.68 -35.81
C SER B 266 -2.71 -38.62 -34.71
N GLU B 267 -1.42 -38.75 -35.05
CA GLU B 267 -0.36 -38.53 -34.06
C GLU B 267 -0.44 -37.12 -33.48
N LEU B 268 -1.05 -36.19 -34.20
CA LEU B 268 -1.27 -34.83 -33.72
C LEU B 268 -2.53 -34.69 -32.90
N LEU B 269 -3.20 -35.80 -32.57
CA LEU B 269 -4.46 -35.77 -31.84
C LEU B 269 -4.38 -36.63 -30.58
N SER B 270 -3.19 -36.85 -30.05
CA SER B 270 -3.06 -37.62 -28.82
C SER B 270 -3.81 -36.92 -27.69
N ASP B 271 -3.97 -37.63 -26.57
CA ASP B 271 -4.70 -37.06 -25.45
C ASP B 271 -4.03 -35.78 -24.93
N ASN B 272 -2.69 -35.73 -24.98
CA ASN B 272 -2.01 -34.50 -24.60
C ASN B 272 -2.41 -33.33 -25.50
N HIS B 273 -2.56 -33.58 -26.81
CA HIS B 273 -2.92 -32.51 -27.73
C HIS B 273 -4.34 -32.02 -27.48
N ILE B 274 -5.28 -32.96 -27.30
CA ILE B 274 -6.67 -32.57 -27.05
C ILE B 274 -6.77 -31.77 -25.76
N LEU B 275 -6.08 -32.23 -24.70
CA LEU B 275 -6.11 -31.51 -23.43
C LEU B 275 -5.64 -30.07 -23.59
N THR B 276 -4.51 -29.88 -24.27
CA THR B 276 -3.92 -28.54 -24.35
C THR B 276 -4.80 -27.60 -25.15
N THR B 277 -5.45 -28.09 -26.21
CA THR B 277 -6.33 -27.25 -27.00
C THR B 277 -7.56 -26.85 -26.19
N ILE B 278 -8.19 -27.82 -25.52
CA ILE B 278 -9.33 -27.50 -24.66
C ILE B 278 -8.92 -26.47 -23.62
N GLY B 279 -7.72 -26.62 -23.06
CA GLY B 279 -7.26 -25.65 -22.07
C GLY B 279 -7.22 -24.24 -22.60
N ASP B 280 -6.68 -24.06 -23.80
CA ASP B 280 -6.58 -22.72 -24.39
C ASP B 280 -7.96 -22.11 -24.57
N ILE B 281 -8.90 -22.87 -25.13
CA ILE B 281 -10.25 -22.37 -25.32
C ILE B 281 -10.91 -22.12 -23.97
N PHE B 282 -10.84 -23.11 -23.08
CA PHE B 282 -11.39 -22.94 -21.74
C PHE B 282 -10.84 -21.69 -21.06
N GLY B 283 -9.51 -21.57 -21.03
CA GLY B 283 -8.90 -20.42 -20.39
C GLY B 283 -9.22 -19.12 -21.10
N ALA B 284 -9.10 -19.11 -22.43
CA ALA B 284 -9.33 -17.89 -23.18
C ALA B 284 -10.77 -17.40 -23.04
N GLY B 285 -11.74 -18.33 -23.16
CA GLY B 285 -13.13 -17.95 -23.07
C GLY B 285 -13.53 -17.37 -21.73
N VAL B 286 -12.78 -17.65 -20.68
CA VAL B 286 -13.11 -17.18 -19.34
C VAL B 286 -12.38 -15.88 -19.01
N GLU B 287 -11.07 -15.85 -19.17
CA GLU B 287 -10.27 -14.74 -18.66
C GLU B 287 -10.43 -13.49 -19.53
N THR B 288 -10.58 -13.65 -20.85
CA THR B 288 -10.70 -12.50 -21.72
C THR B 288 -12.04 -11.79 -21.49
N THR B 289 -13.14 -12.54 -21.56
CA THR B 289 -14.47 -11.93 -21.47
C THR B 289 -14.66 -11.26 -20.12
N THR B 290 -14.30 -11.95 -19.03
CA THR B 290 -14.43 -11.36 -17.70
C THR B 290 -13.70 -10.03 -17.62
N SER B 291 -12.51 -9.94 -18.21
CA SER B 291 -11.71 -8.73 -18.11
C SER B 291 -12.37 -7.57 -18.86
N VAL B 292 -12.99 -7.86 -20.01
CA VAL B 292 -13.57 -6.78 -20.81
C VAL B 292 -14.83 -6.24 -20.14
N VAL B 293 -15.65 -7.12 -19.56
CA VAL B 293 -16.82 -6.67 -18.81
C VAL B 293 -16.39 -5.69 -17.72
N LYS B 294 -15.46 -6.12 -16.87
CA LYS B 294 -14.99 -5.26 -15.79
C LYS B 294 -14.48 -3.93 -16.32
N TRP B 295 -13.68 -3.97 -17.39
CA TRP B 295 -13.22 -2.74 -18.02
C TRP B 295 -14.39 -1.85 -18.43
N THR B 296 -15.45 -2.45 -18.98
CA THR B 296 -16.59 -1.66 -19.42
C THR B 296 -17.27 -0.97 -18.24
N LEU B 297 -17.60 -1.75 -17.20
CA LEU B 297 -18.17 -1.15 -15.99
C LEU B 297 -17.29 -0.03 -15.46
N ALA B 298 -15.97 -0.23 -15.49
CA ALA B 298 -15.06 0.79 -15.00
C ALA B 298 -15.24 2.11 -15.74
N PHE B 299 -15.31 2.05 -17.08
CA PHE B 299 -15.47 3.28 -17.85
C PHE B 299 -16.84 3.90 -17.62
N LEU B 300 -17.87 3.07 -17.45
CA LEU B 300 -19.21 3.62 -17.19
C LEU B 300 -19.27 4.32 -15.84
N LEU B 301 -18.52 3.83 -14.84
CA LEU B 301 -18.44 4.53 -13.57
C LEU B 301 -17.79 5.90 -13.74
N HIS B 302 -16.74 5.97 -14.56
CA HIS B 302 -16.05 7.24 -14.80
C HIS B 302 -16.79 8.15 -15.74
N ASN B 303 -17.77 7.64 -16.49
CA ASN B 303 -18.48 8.41 -17.50
C ASN B 303 -19.98 8.22 -17.29
N PRO B 304 -20.56 8.90 -16.30
CA PRO B 304 -22.00 8.71 -16.05
C PRO B 304 -22.87 9.21 -17.19
N GLN B 305 -22.43 10.24 -17.92
CA GLN B 305 -23.23 10.76 -19.01
C GLN B 305 -23.39 9.74 -20.12
N VAL B 306 -22.38 8.89 -20.35
CA VAL B 306 -22.53 7.80 -21.30
C VAL B 306 -23.43 6.71 -20.72
N LYS B 307 -23.25 6.39 -19.43
CA LYS B 307 -24.10 5.41 -18.78
C LYS B 307 -25.56 5.84 -18.82
N LYS B 308 -25.83 7.13 -18.64
CA LYS B 308 -27.19 7.62 -18.70
C LYS B 308 -27.80 7.41 -20.09
N LYS B 309 -27.04 7.74 -21.13
CA LYS B 309 -27.54 7.55 -22.49
C LYS B 309 -27.84 6.09 -22.77
N LEU B 310 -27.07 5.17 -22.18
CA LEU B 310 -27.29 3.75 -22.43
C LEU B 310 -28.60 3.28 -21.81
N TYR B 311 -28.89 3.70 -20.57
CA TYR B 311 -30.15 3.34 -19.94
C TYR B 311 -31.33 3.77 -20.80
N GLU B 312 -31.29 5.02 -21.28
CA GLU B 312 -32.36 5.51 -22.15
C GLU B 312 -32.46 4.64 -23.40
N GLU B 313 -31.35 4.46 -24.11
CA GLU B 313 -31.36 3.71 -25.36
C GLU B 313 -32.00 2.34 -25.19
N ILE B 314 -31.60 1.61 -24.13
CA ILE B 314 -32.13 0.27 -23.93
C ILE B 314 -33.58 0.32 -23.47
N ASP B 315 -34.03 1.43 -22.89
CA ASP B 315 -35.41 1.55 -22.45
C ASP B 315 -36.36 1.83 -23.61
N GLN B 316 -35.90 2.57 -24.62
CA GLN B 316 -36.73 2.93 -25.76
C GLN B 316 -36.70 1.88 -26.87
N ASN B 317 -35.74 0.96 -26.85
CA ASN B 317 -35.60 -0.04 -27.90
C ASN B 317 -35.86 -1.46 -27.44
N VAL B 318 -35.89 -1.71 -26.13
CA VAL B 318 -36.17 -3.05 -25.59
C VAL B 318 -37.24 -2.95 -24.52
N GLY B 319 -37.19 -1.90 -23.72
CA GLY B 319 -38.17 -1.75 -22.65
C GLY B 319 -38.02 -2.83 -21.61
N PHE B 320 -39.14 -3.26 -21.04
CA PHE B 320 -39.15 -4.28 -20.00
C PHE B 320 -40.14 -5.40 -20.31
N SER B 321 -40.78 -5.39 -21.48
CA SER B 321 -41.64 -6.50 -21.87
C SER B 321 -40.86 -7.79 -21.99
N ARG B 322 -39.55 -7.70 -22.26
CA ARG B 322 -38.73 -8.87 -22.51
C ARG B 322 -37.28 -8.54 -22.16
N THR B 323 -36.42 -9.55 -22.25
CA THR B 323 -34.99 -9.35 -22.03
C THR B 323 -34.27 -9.13 -23.36
N PRO B 324 -33.10 -8.50 -23.33
CA PRO B 324 -32.39 -8.23 -24.59
C PRO B 324 -32.07 -9.51 -25.35
N THR B 325 -32.02 -9.38 -26.67
CA THR B 325 -31.67 -10.47 -27.57
C THR B 325 -30.54 -10.03 -28.48
N ILE B 326 -29.79 -11.01 -28.98
CA ILE B 326 -28.71 -10.73 -29.93
C ILE B 326 -29.20 -9.83 -31.05
N SER B 327 -30.46 -9.98 -31.46
CA SER B 327 -31.01 -9.19 -32.55
C SER B 327 -31.08 -7.70 -32.21
N ASP B 328 -30.92 -7.32 -30.94
CA ASP B 328 -31.02 -5.93 -30.54
C ASP B 328 -29.78 -5.12 -30.88
N ARG B 329 -28.71 -5.75 -31.37
CA ARG B 329 -27.53 -5.01 -31.82
C ARG B 329 -27.89 -4.02 -32.91
N ASN B 330 -28.94 -4.30 -33.68
CA ASN B 330 -29.40 -3.36 -34.71
C ASN B 330 -30.02 -2.11 -34.11
N ARG B 331 -30.30 -2.10 -32.81
CA ARG B 331 -30.95 -0.98 -32.15
C ARG B 331 -30.10 -0.35 -31.06
N LEU B 332 -29.44 -1.16 -30.23
CA LEU B 332 -28.56 -0.65 -29.17
C LEU B 332 -27.20 -0.31 -29.78
N LEU B 333 -27.19 0.79 -30.55
CA LEU B 333 -25.98 1.17 -31.26
C LEU B 333 -24.94 1.80 -30.34
N LEU B 334 -25.38 2.61 -29.38
CA LEU B 334 -24.41 3.23 -28.46
C LEU B 334 -23.76 2.19 -27.58
N LEU B 335 -24.53 1.17 -27.16
CA LEU B 335 -23.93 0.07 -26.41
C LEU B 335 -22.89 -0.66 -27.26
N GLU B 336 -23.27 -1.03 -28.48
CA GLU B 336 -22.32 -1.69 -29.37
C GLU B 336 -21.11 -0.82 -29.65
N ALA B 337 -21.29 0.51 -29.67
CA ALA B 337 -20.15 1.41 -29.85
C ALA B 337 -19.31 1.51 -28.58
N THR B 338 -19.95 1.42 -27.41
CA THR B 338 -19.19 1.43 -26.16
C THR B 338 -18.23 0.25 -26.09
N ILE B 339 -18.70 -0.93 -26.51
CA ILE B 339 -17.85 -2.13 -26.48
C ILE B 339 -16.64 -1.93 -27.39
N ARG B 340 -16.83 -1.26 -28.52
CA ARG B 340 -15.71 -0.99 -29.42
C ARG B 340 -14.69 -0.06 -28.78
N GLU B 341 -15.16 1.01 -28.14
CA GLU B 341 -14.25 2.00 -27.57
C GLU B 341 -13.45 1.41 -26.42
N VAL B 342 -13.99 0.40 -25.73
CA VAL B 342 -13.22 -0.26 -24.67
C VAL B 342 -12.16 -1.16 -25.28
N LEU B 343 -12.51 -1.94 -26.30
CA LEU B 343 -11.53 -2.76 -26.98
C LEU B 343 -10.48 -1.93 -27.73
N ARG B 344 -10.72 -0.63 -27.90
CA ARG B 344 -9.71 0.26 -28.46
C ARG B 344 -8.80 0.83 -27.38
N LEU B 345 -9.39 1.48 -26.38
CA LEU B 345 -8.60 2.12 -25.32
C LEU B 345 -7.82 1.09 -24.52
N ARG B 346 -8.46 -0.02 -24.17
CA ARG B 346 -7.87 -1.03 -23.30
C ARG B 346 -7.95 -2.39 -23.98
N PRO B 347 -7.14 -2.60 -25.03
CA PRO B 347 -7.19 -3.87 -25.75
C PRO B 347 -6.83 -5.04 -24.84
N VAL B 348 -7.58 -6.14 -25.01
CA VAL B 348 -7.30 -7.35 -24.25
C VAL B 348 -5.83 -7.75 -24.39
N ALA B 349 -5.27 -7.59 -25.60
CA ALA B 349 -3.88 -7.92 -25.88
C ALA B 349 -3.22 -6.70 -26.51
N PRO B 350 -2.70 -5.77 -25.71
CA PRO B 350 -2.15 -4.54 -26.28
C PRO B 350 -1.00 -4.77 -27.25
N MET B 351 -0.34 -5.92 -27.19
CA MET B 351 0.71 -6.27 -28.15
C MET B 351 0.44 -7.65 -28.73
N LEU B 352 -0.85 -7.96 -28.96
CA LEU B 352 -1.26 -9.25 -29.49
C LEU B 352 -0.53 -10.37 -28.76
N ILE B 353 -0.11 -11.40 -29.49
CA ILE B 353 0.77 -12.43 -28.94
C ILE B 353 2.02 -12.45 -29.80
N PRO B 354 3.22 -12.58 -29.23
CA PRO B 354 4.43 -12.48 -30.04
C PRO B 354 4.40 -13.40 -31.26
N HIS B 355 4.62 -12.80 -32.43
CA HIS B 355 4.74 -13.54 -33.67
C HIS B 355 6.20 -13.90 -33.93
N LYS B 356 6.41 -14.75 -34.94
CA LYS B 356 7.75 -15.13 -35.35
C LYS B 356 7.78 -15.31 -36.87
N ALA B 357 8.90 -14.97 -37.47
CA ALA B 357 9.09 -15.11 -38.90
C ALA B 357 9.44 -16.55 -39.23
N ASN B 358 8.60 -17.20 -40.05
CA ASN B 358 8.86 -18.58 -40.44
C ASN B 358 9.95 -18.68 -41.51
N VAL B 359 10.11 -17.63 -42.31
CA VAL B 359 11.12 -17.58 -43.36
C VAL B 359 11.69 -16.18 -43.42
N ASP B 360 12.84 -16.05 -44.08
CA ASP B 360 13.35 -14.74 -44.42
C ASP B 360 12.28 -13.98 -45.19
N SER B 361 12.05 -12.73 -44.79
CA SER B 361 10.95 -11.96 -45.35
C SER B 361 11.28 -10.48 -45.22
N SER B 362 10.26 -9.62 -45.21
CA SER B 362 10.49 -8.19 -45.15
C SER B 362 9.25 -7.52 -44.57
N ILE B 363 9.47 -6.35 -43.97
CA ILE B 363 8.40 -5.49 -43.47
C ILE B 363 8.78 -4.06 -43.85
N GLY B 364 7.91 -3.40 -44.61
CA GLY B 364 8.26 -2.07 -45.10
C GLY B 364 9.56 -2.04 -45.86
N GLU B 365 9.82 -3.07 -46.66
CA GLU B 365 11.02 -3.18 -47.48
C GLU B 365 12.25 -3.53 -46.66
N PHE B 366 12.13 -3.55 -45.33
CA PHE B 366 13.25 -3.90 -44.48
C PHE B 366 13.38 -5.40 -44.34
N ALA B 367 14.60 -5.91 -44.42
CA ALA B 367 14.85 -7.33 -44.33
C ALA B 367 14.61 -7.83 -42.91
N VAL B 368 13.99 -9.00 -42.80
CA VAL B 368 13.65 -9.61 -41.51
C VAL B 368 14.05 -11.07 -41.58
N ASP B 369 15.05 -11.45 -40.79
CA ASP B 369 15.60 -12.79 -40.86
C ASP B 369 14.64 -13.82 -40.29
N LYS B 370 14.77 -15.06 -40.78
CA LYS B 370 14.02 -16.18 -40.25
C LYS B 370 14.29 -16.33 -38.75
N GLY B 371 13.24 -16.71 -38.01
CA GLY B 371 13.36 -16.86 -36.57
C GLY B 371 13.23 -15.57 -35.80
N THR B 372 13.25 -14.42 -36.46
CA THR B 372 13.11 -13.15 -35.75
C THR B 372 11.73 -13.05 -35.12
N GLU B 373 11.70 -12.56 -33.88
CA GLU B 373 10.44 -12.33 -33.18
C GLU B 373 9.87 -10.97 -33.60
N VAL B 374 8.59 -10.96 -33.94
CA VAL B 374 7.92 -9.77 -34.44
C VAL B 374 6.73 -9.48 -33.53
N ILE B 375 6.69 -8.28 -32.96
CA ILE B 375 5.62 -7.85 -32.06
C ILE B 375 4.82 -6.76 -32.75
N ILE B 376 3.50 -6.87 -32.69
CA ILE B 376 2.58 -5.85 -33.20
C ILE B 376 2.11 -5.04 -32.01
N ASN B 377 2.47 -3.76 -31.97
CA ASN B 377 2.06 -2.87 -30.88
C ASN B 377 0.68 -2.33 -31.18
N LEU B 378 -0.34 -3.15 -30.89
CA LEU B 378 -1.71 -2.74 -31.12
C LEU B 378 -2.06 -1.48 -30.33
N TRP B 379 -1.44 -1.29 -29.16
CA TRP B 379 -1.64 -0.06 -28.41
C TRP B 379 -1.28 1.15 -29.25
N ALA B 380 -0.16 1.09 -29.98
CA ALA B 380 0.22 2.19 -30.85
C ALA B 380 -0.82 2.40 -31.95
N LEU B 381 -1.33 1.31 -32.53
CA LEU B 381 -2.34 1.44 -33.58
C LEU B 381 -3.59 2.11 -33.06
N HIS B 382 -4.04 1.76 -31.85
CA HIS B 382 -5.27 2.28 -31.31
C HIS B 382 -5.11 3.69 -30.72
N HIS B 383 -3.89 4.20 -30.60
CA HIS B 383 -3.65 5.51 -30.02
C HIS B 383 -2.95 6.47 -30.98
N ASN B 384 -2.76 6.08 -32.23
CA ASN B 384 -2.16 6.98 -33.22
C ASN B 384 -3.03 8.22 -33.37
N GLU B 385 -2.44 9.39 -33.07
CA GLU B 385 -3.19 10.64 -33.09
C GLU B 385 -3.49 11.13 -34.50
N LYS B 386 -2.80 10.61 -35.51
CA LYS B 386 -3.19 10.91 -36.89
C LYS B 386 -4.45 10.17 -37.29
N GLU B 387 -4.66 8.97 -36.75
CA GLU B 387 -5.74 8.09 -37.15
C GLU B 387 -6.94 8.13 -36.20
N TRP B 388 -6.84 8.87 -35.09
CA TRP B 388 -7.91 8.92 -34.10
C TRP B 388 -8.03 10.33 -33.56
N HIS B 389 -9.26 10.72 -33.26
CA HIS B 389 -9.53 12.00 -32.62
C HIS B 389 -9.47 11.82 -31.11
N GLN B 390 -8.53 12.51 -30.47
CA GLN B 390 -8.35 12.45 -29.02
C GLN B 390 -8.36 11.00 -28.55
N PRO B 391 -7.34 10.22 -28.91
CA PRO B 391 -7.38 8.78 -28.62
C PRO B 391 -7.38 8.43 -27.14
N ASP B 392 -6.88 9.32 -26.28
CA ASP B 392 -6.84 9.05 -24.85
C ASP B 392 -8.18 9.30 -24.16
N GLN B 393 -9.17 9.81 -24.88
CA GLN B 393 -10.50 10.05 -24.34
C GLN B 393 -11.43 8.90 -24.67
N PHE B 394 -12.23 8.50 -23.69
CA PHE B 394 -13.25 7.47 -23.89
C PHE B 394 -14.46 8.12 -24.55
N MET B 395 -14.61 7.91 -25.85
CA MET B 395 -15.65 8.55 -26.66
C MET B 395 -16.32 7.50 -27.54
N PRO B 396 -17.36 6.83 -27.03
CA PRO B 396 -18.09 5.89 -27.90
C PRO B 396 -18.66 6.54 -29.13
N GLU B 397 -18.76 7.87 -29.15
CA GLU B 397 -19.33 8.57 -30.28
C GLU B 397 -18.50 8.37 -31.55
N ARG B 398 -17.19 8.23 -31.40
CA ARG B 398 -16.32 8.09 -32.57
C ARG B 398 -16.75 6.94 -33.48
N PHE B 399 -17.45 5.94 -32.93
CA PHE B 399 -17.93 4.80 -33.71
C PHE B 399 -19.38 4.96 -34.15
N LEU B 400 -19.91 6.18 -34.10
CA LEU B 400 -21.23 6.49 -34.59
C LEU B 400 -21.16 7.67 -35.54
N ASN B 401 -22.07 7.70 -36.51
CA ASN B 401 -22.22 8.87 -37.34
C ASN B 401 -22.83 10.00 -36.51
N PRO B 402 -22.63 11.25 -36.92
CA PRO B 402 -23.08 12.38 -36.09
C PRO B 402 -24.52 12.28 -35.63
N ALA B 403 -25.40 11.66 -36.42
CA ALA B 403 -26.79 11.50 -35.99
C ALA B 403 -26.97 10.38 -34.99
N GLY B 404 -26.00 9.48 -34.85
CA GLY B 404 -26.13 8.36 -33.95
C GLY B 404 -27.05 7.27 -34.45
N THR B 405 -27.23 7.15 -35.76
CA THR B 405 -28.20 6.23 -36.33
C THR B 405 -27.58 4.94 -36.88
N GLN B 406 -26.26 4.89 -37.07
CA GLN B 406 -25.62 3.67 -37.54
C GLN B 406 -24.15 3.70 -37.17
N LEU B 407 -23.56 2.52 -37.05
CA LEU B 407 -22.17 2.38 -36.69
C LEU B 407 -21.26 2.73 -37.87
N ILE B 408 -20.03 3.13 -37.55
CA ILE B 408 -19.04 3.51 -38.56
C ILE B 408 -17.67 3.03 -38.12
N SER B 409 -16.78 2.84 -39.09
CA SER B 409 -15.38 2.55 -38.81
C SER B 409 -14.58 3.84 -39.04
N PRO B 410 -14.35 4.64 -38.00
CA PRO B 410 -13.73 5.95 -38.22
C PRO B 410 -12.25 5.86 -38.59
N SER B 411 -11.59 4.76 -38.28
CA SER B 411 -10.15 4.64 -38.50
C SER B 411 -9.83 3.25 -39.01
N VAL B 412 -8.82 3.17 -39.88
CA VAL B 412 -8.34 1.89 -40.38
C VAL B 412 -7.33 1.25 -39.45
N SER B 413 -6.84 2.00 -38.45
CA SER B 413 -5.85 1.50 -37.51
C SER B 413 -6.52 0.86 -36.29
N TYR B 414 -7.39 -0.11 -36.54
CA TYR B 414 -8.22 -0.72 -35.50
C TYR B 414 -8.28 -2.21 -35.74
N LEU B 415 -7.62 -2.98 -34.87
CA LEU B 415 -7.57 -4.44 -35.00
C LEU B 415 -7.75 -5.07 -33.62
N PRO B 416 -8.93 -4.89 -33.01
CA PRO B 416 -9.14 -5.45 -31.67
C PRO B 416 -8.88 -6.94 -31.59
N PHE B 417 -9.29 -7.71 -32.60
CA PHE B 417 -9.17 -9.16 -32.59
C PHE B 417 -8.06 -9.66 -33.51
N GLY B 418 -7.16 -8.78 -33.93
CA GLY B 418 -6.08 -9.17 -34.79
C GLY B 418 -6.56 -9.42 -36.22
N ALA B 419 -5.68 -10.04 -37.01
CA ALA B 419 -5.98 -10.29 -38.40
C ALA B 419 -5.06 -11.40 -38.91
N GLY B 420 -5.49 -12.05 -39.99
CA GLY B 420 -4.68 -13.02 -40.67
C GLY B 420 -4.66 -14.37 -39.99
N PRO B 421 -3.67 -15.19 -40.34
CA PRO B 421 -3.62 -16.57 -39.83
C PRO B 421 -3.84 -16.71 -38.33
N ARG B 422 -3.40 -15.74 -37.53
CA ARG B 422 -3.43 -15.86 -36.08
C ARG B 422 -4.53 -15.03 -35.44
N SER B 423 -5.52 -14.59 -36.22
CA SER B 423 -6.59 -13.78 -35.65
C SER B 423 -7.37 -14.58 -34.61
N CYS B 424 -8.19 -13.87 -33.84
CA CYS B 424 -8.96 -14.50 -32.79
C CYS B 424 -9.99 -15.46 -33.37
N ILE B 425 -10.07 -16.66 -32.79
CA ILE B 425 -11.08 -17.63 -33.21
C ILE B 425 -12.36 -17.54 -32.39
N GLY B 426 -12.30 -16.96 -31.20
CA GLY B 426 -13.48 -16.79 -30.37
C GLY B 426 -14.08 -15.41 -30.48
N GLU B 427 -13.89 -14.76 -31.63
CA GLU B 427 -14.39 -13.40 -31.82
C GLU B 427 -15.92 -13.37 -31.77
N ILE B 428 -16.58 -14.37 -32.36
CA ILE B 428 -18.04 -14.40 -32.35
C ILE B 428 -18.56 -14.56 -30.92
N LEU B 429 -17.97 -15.50 -30.17
CA LEU B 429 -18.39 -15.71 -28.80
C LEU B 429 -18.26 -14.43 -27.97
N ALA B 430 -17.09 -13.79 -28.05
CA ALA B 430 -16.83 -12.63 -27.19
C ALA B 430 -17.83 -11.51 -27.46
N ARG B 431 -18.05 -11.18 -28.73
CA ARG B 431 -18.93 -10.06 -29.06
C ARG B 431 -20.36 -10.33 -28.57
N GLN B 432 -20.81 -11.58 -28.65
CA GLN B 432 -22.16 -11.89 -28.18
C GLN B 432 -22.23 -11.89 -26.66
N GLU B 433 -21.24 -12.46 -25.98
CA GLU B 433 -21.21 -12.43 -24.53
C GLU B 433 -21.15 -11.00 -24.01
N LEU B 434 -20.21 -10.21 -24.53
CA LEU B 434 -20.08 -8.83 -24.07
C LEU B 434 -21.38 -8.06 -24.25
N PHE B 435 -21.95 -8.10 -25.45
CA PHE B 435 -23.18 -7.33 -25.71
C PHE B 435 -24.31 -7.80 -24.82
N LEU B 436 -24.50 -9.11 -24.68
CA LEU B 436 -25.63 -9.62 -23.91
C LEU B 436 -25.46 -9.34 -22.42
N ILE B 437 -24.24 -9.51 -21.90
CA ILE B 437 -23.99 -9.24 -20.49
C ILE B 437 -24.31 -7.80 -20.16
N MET B 438 -23.76 -6.86 -20.93
CA MET B 438 -23.98 -5.44 -20.66
C MET B 438 -25.45 -5.08 -20.82
N ALA B 439 -26.08 -5.53 -21.91
CA ALA B 439 -27.47 -5.18 -22.15
C ALA B 439 -28.37 -5.65 -21.01
N TRP B 440 -28.19 -6.91 -20.59
CA TRP B 440 -29.00 -7.43 -19.49
C TRP B 440 -28.77 -6.64 -18.21
N LEU B 441 -27.52 -6.31 -17.90
CA LEU B 441 -27.23 -5.60 -16.65
C LEU B 441 -27.79 -4.19 -16.67
N LEU B 442 -27.65 -3.49 -17.80
CA LEU B 442 -28.17 -2.13 -17.88
C LEU B 442 -29.69 -2.09 -17.75
N GLN B 443 -30.37 -3.14 -18.23
CA GLN B 443 -31.82 -3.18 -18.15
C GLN B 443 -32.29 -3.28 -16.70
N ARG B 444 -31.57 -4.03 -15.87
CA ARG B 444 -32.07 -4.42 -14.56
C ARG B 444 -31.44 -3.65 -13.40
N PHE B 445 -30.23 -3.13 -13.55
CA PHE B 445 -29.49 -2.61 -12.40
C PHE B 445 -28.99 -1.20 -12.65
N ASP B 446 -29.12 -0.35 -11.63
CA ASP B 446 -28.35 0.89 -11.55
C ASP B 446 -26.96 0.55 -11.02
N LEU B 447 -25.92 0.91 -11.76
CA LEU B 447 -24.54 0.60 -11.42
C LEU B 447 -23.82 1.91 -11.11
N GLU B 448 -23.56 2.13 -9.82
CA GLU B 448 -23.07 3.42 -9.33
C GLU B 448 -21.82 3.19 -8.48
N VAL B 449 -21.16 4.30 -8.17
CA VAL B 449 -19.93 4.30 -7.38
C VAL B 449 -20.28 3.82 -5.97
N PRO B 450 -19.40 3.08 -5.30
CA PRO B 450 -19.71 2.63 -3.93
C PRO B 450 -19.84 3.81 -2.98
N ASP B 451 -20.34 3.50 -1.78
CA ASP B 451 -20.60 4.54 -0.79
C ASP B 451 -19.31 5.21 -0.32
N ASP B 452 -18.19 4.48 -0.34
CA ASP B 452 -16.92 5.07 0.04
C ASP B 452 -16.39 6.05 -1.01
N GLY B 453 -16.91 5.99 -2.23
CA GLY B 453 -16.54 6.94 -3.26
C GLY B 453 -15.34 6.56 -4.10
N GLN B 454 -14.80 5.36 -3.93
CA GLN B 454 -13.64 4.94 -4.70
C GLN B 454 -14.04 4.60 -6.13
N LEU B 455 -13.30 5.15 -7.10
CA LEU B 455 -13.44 4.81 -8.49
C LEU B 455 -12.35 3.83 -8.91
N PRO B 456 -12.62 2.93 -9.86
CA PRO B 456 -11.57 2.02 -10.31
C PRO B 456 -10.47 2.74 -11.06
N SER B 457 -9.27 2.16 -10.99
CA SER B 457 -8.11 2.72 -11.67
C SER B 457 -8.05 2.17 -13.09
N LEU B 458 -8.18 3.07 -14.06
CA LEU B 458 -8.14 2.69 -15.48
C LEU B 458 -6.72 2.53 -16.00
N GLU B 459 -5.71 2.60 -15.13
CA GLU B 459 -4.33 2.42 -15.58
C GLU B 459 -4.12 1.02 -16.15
N GLY B 460 -4.63 0.01 -15.45
CA GLY B 460 -4.53 -1.36 -15.90
C GLY B 460 -3.31 -2.07 -15.37
N ILE B 461 -3.29 -3.38 -15.58
CA ILE B 461 -2.18 -4.24 -15.14
C ILE B 461 -1.77 -5.13 -16.32
N PRO B 462 -0.70 -4.79 -17.04
CA PRO B 462 -0.29 -5.64 -18.17
C PRO B 462 0.16 -7.03 -17.76
N LYS B 463 -0.60 -8.04 -18.17
CA LYS B 463 -0.18 -9.43 -18.06
C LYS B 463 -0.31 -10.03 -19.46
N VAL B 464 -0.39 -11.35 -19.54
CA VAL B 464 -0.73 -11.99 -20.81
C VAL B 464 -2.06 -11.46 -21.32
N VAL B 465 -2.90 -10.94 -20.41
CA VAL B 465 -4.08 -10.16 -20.75
C VAL B 465 -3.97 -8.83 -20.03
N PHE B 466 -4.65 -7.81 -20.57
CA PHE B 466 -4.65 -6.48 -19.98
C PHE B 466 -5.75 -6.43 -18.93
N LEU B 467 -5.36 -6.48 -17.65
CA LEU B 467 -6.30 -6.60 -16.56
C LEU B 467 -6.54 -5.26 -15.88
N ILE B 468 -7.71 -5.13 -15.26
CA ILE B 468 -8.07 -3.99 -14.43
C ILE B 468 -8.02 -4.42 -12.97
N ASP B 469 -7.47 -3.56 -12.12
CA ASP B 469 -7.43 -3.87 -10.69
C ASP B 469 -8.84 -4.03 -10.15
N SER B 470 -8.97 -4.85 -9.12
CA SER B 470 -10.29 -5.14 -8.56
C SER B 470 -10.92 -3.87 -8.02
N PHE B 471 -12.25 -3.79 -8.15
CA PHE B 471 -13.02 -2.66 -7.66
C PHE B 471 -14.42 -3.16 -7.31
N LYS B 472 -15.19 -2.28 -6.67
CA LYS B 472 -16.55 -2.61 -6.25
C LYS B 472 -17.53 -1.64 -6.88
N VAL B 473 -18.76 -2.12 -7.07
CA VAL B 473 -19.86 -1.32 -7.60
C VAL B 473 -21.05 -1.47 -6.66
N LYS B 474 -21.69 -0.35 -6.34
CA LYS B 474 -22.95 -0.38 -5.62
C LYS B 474 -24.04 -0.79 -6.60
N ILE B 475 -24.58 -1.99 -6.43
CA ILE B 475 -25.58 -2.53 -7.34
C ILE B 475 -26.96 -2.30 -6.73
N LYS B 476 -27.85 -1.67 -7.49
CA LYS B 476 -29.22 -1.44 -7.09
C LYS B 476 -30.14 -1.86 -8.23
N VAL B 477 -31.25 -2.52 -7.88
CA VAL B 477 -32.25 -2.86 -8.88
C VAL B 477 -32.99 -1.59 -9.29
N ARG B 478 -33.12 -1.38 -10.60
CA ARG B 478 -33.80 -0.20 -11.11
C ARG B 478 -35.27 -0.23 -10.74
N GLN B 479 -35.82 0.96 -10.48
CA GLN B 479 -37.26 1.08 -10.25
C GLN B 479 -38.03 0.76 -11.52
N ALA B 480 -37.60 1.31 -12.65
CA ALA B 480 -38.28 1.04 -13.92
C ALA B 480 -38.45 -0.45 -14.14
N TRP B 481 -37.44 -1.24 -13.79
CA TRP B 481 -37.54 -2.69 -13.90
C TRP B 481 -38.42 -3.27 -12.79
N ARG B 482 -38.34 -2.69 -11.59
CA ARG B 482 -39.09 -3.22 -10.45
C ARG B 482 -40.58 -2.93 -10.60
N GLU B 483 -40.93 -1.71 -11.00
CA GLU B 483 -42.34 -1.34 -11.13
C GLU B 483 -43.06 -2.23 -12.14
N ALA B 484 -42.36 -2.62 -13.21
CA ALA B 484 -42.96 -3.41 -14.28
C ALA B 484 -43.01 -4.90 -13.96
N GLN B 485 -43.33 -5.27 -12.72
CA GLN B 485 -43.43 -6.67 -12.33
C GLN B 485 -44.78 -7.03 -11.73
N ALA B 486 -45.73 -6.09 -11.70
CA ALA B 486 -47.05 -6.37 -11.17
C ALA B 486 -47.96 -5.16 -11.33
N LYS C 11 14.86 -10.92 -52.34
CA LYS C 11 15.12 -10.72 -50.92
C LYS C 11 14.87 -9.26 -50.52
N SER C 12 15.76 -8.72 -49.69
CA SER C 12 15.65 -7.33 -49.25
C SER C 12 17.04 -6.85 -48.85
N LEU C 13 17.32 -5.60 -49.19
CA LEU C 13 18.64 -5.02 -48.98
C LEU C 13 18.66 -3.94 -47.92
N LEU C 14 17.51 -3.59 -47.36
CA LEU C 14 17.40 -2.55 -46.34
C LEU C 14 17.34 -3.17 -44.96
N SER C 15 17.93 -2.50 -43.98
CA SER C 15 18.03 -3.02 -42.63
C SER C 15 17.33 -2.09 -41.65
N LEU C 16 16.55 -2.68 -40.73
CA LEU C 16 15.83 -1.90 -39.74
C LEU C 16 16.81 -1.17 -38.83
N PRO C 17 16.32 -0.15 -38.12
CA PRO C 17 17.14 0.49 -37.09
C PRO C 17 17.26 -0.42 -35.87
N LEU C 18 18.49 -0.56 -35.36
CA LEU C 18 18.74 -1.28 -34.12
C LEU C 18 18.91 -0.25 -33.01
N VAL C 19 17.94 -0.18 -32.11
CA VAL C 19 17.87 0.87 -31.10
C VAL C 19 18.15 0.33 -29.70
N GLY C 20 18.56 -0.93 -29.58
CA GLY C 20 18.87 -1.52 -28.29
C GLY C 20 19.60 -2.82 -28.45
N SER C 21 20.61 -3.07 -27.62
CA SER C 21 21.43 -4.25 -27.79
C SER C 21 22.08 -4.65 -26.48
N LEU C 22 22.01 -5.93 -26.15
CA LEU C 22 22.76 -6.54 -25.06
C LEU C 22 23.46 -7.76 -25.64
N PRO C 23 24.59 -7.56 -26.32
CA PRO C 23 25.18 -8.66 -27.11
C PRO C 23 25.43 -9.93 -26.32
N PHE C 24 25.64 -9.84 -25.01
CA PHE C 24 25.90 -11.01 -24.18
C PHE C 24 24.93 -11.01 -23.01
N LEU C 25 24.72 -12.20 -22.45
CA LEU C 25 23.84 -12.41 -21.33
C LEU C 25 24.39 -13.57 -20.51
N PRO C 26 24.60 -13.42 -19.20
CA PRO C 26 25.11 -14.54 -18.41
C PRO C 26 24.00 -15.31 -17.71
N ARG C 27 23.94 -16.62 -17.94
CA ARG C 27 23.01 -17.49 -17.24
C ARG C 27 23.67 -18.32 -16.15
N HIS C 28 24.99 -18.37 -16.12
CA HIS C 28 25.73 -19.16 -15.14
C HIS C 28 26.53 -18.24 -14.23
N GLY C 29 26.42 -18.48 -12.92
CA GLY C 29 27.25 -17.79 -11.96
C GLY C 29 26.63 -16.52 -11.42
N HIS C 30 27.39 -15.88 -10.54
CA HIS C 30 26.99 -14.64 -9.90
C HIS C 30 27.35 -13.44 -10.79
N MET C 31 26.83 -12.28 -10.43
CA MET C 31 27.10 -11.07 -11.20
C MET C 31 28.58 -10.74 -11.20
N HIS C 32 29.21 -10.77 -10.02
CA HIS C 32 30.62 -10.39 -9.94
C HIS C 32 31.51 -11.34 -10.73
N ASN C 33 31.08 -12.59 -10.91
CA ASN C 33 31.81 -13.51 -11.77
C ASN C 33 31.64 -13.13 -13.24
N ASN C 34 30.43 -12.77 -13.64
CA ASN C 34 30.17 -12.46 -15.05
C ASN C 34 30.83 -11.14 -15.45
N PHE C 35 30.73 -10.12 -14.59
CA PHE C 35 31.45 -8.88 -14.86
C PHE C 35 32.94 -9.14 -15.00
N PHE C 36 33.48 -10.06 -14.20
CA PHE C 36 34.90 -10.39 -14.30
C PHE C 36 35.20 -11.10 -15.61
N LYS C 37 34.42 -12.11 -15.95
CA LYS C 37 34.62 -12.82 -17.22
C LYS C 37 34.48 -11.88 -18.41
N LEU C 38 33.62 -10.87 -18.30
CA LEU C 38 33.47 -9.90 -19.38
C LEU C 38 34.72 -9.06 -19.61
N GLN C 39 35.62 -8.97 -18.62
CA GLN C 39 36.80 -8.15 -18.76
C GLN C 39 37.74 -8.66 -19.84
N LYS C 40 37.68 -9.96 -20.17
CA LYS C 40 38.53 -10.49 -21.23
C LYS C 40 38.19 -9.87 -22.57
N LYS C 41 36.91 -9.55 -22.80
CA LYS C 41 36.48 -8.91 -24.04
C LYS C 41 36.64 -7.39 -23.99
N TYR C 42 36.29 -6.77 -22.86
CA TYR C 42 36.13 -5.32 -22.80
C TYR C 42 37.15 -4.62 -21.91
N GLY C 43 38.01 -5.36 -21.23
CA GLY C 43 39.02 -4.76 -20.38
C GLY C 43 38.51 -4.48 -18.98
N PRO C 44 39.26 -3.69 -18.21
CA PRO C 44 38.93 -3.51 -16.79
C PRO C 44 37.85 -2.48 -16.51
N ILE C 45 37.42 -1.69 -17.48
CA ILE C 45 36.41 -0.67 -17.27
C ILE C 45 35.50 -0.63 -18.50
N TYR C 46 34.19 -0.63 -18.25
CA TYR C 46 33.19 -0.57 -19.31
C TYR C 46 31.87 -0.14 -18.67
N SER C 47 30.88 0.15 -19.51
CA SER C 47 29.65 0.75 -19.04
C SER C 47 28.44 0.09 -19.71
N VAL C 48 27.27 0.38 -19.14
CA VAL C 48 26.00 -0.07 -19.68
C VAL C 48 25.03 1.11 -19.61
N ARG C 49 24.21 1.27 -20.65
CA ARG C 49 23.25 2.36 -20.73
C ARG C 49 21.83 1.80 -20.77
N MET C 50 20.99 2.29 -19.87
CA MET C 50 19.55 1.98 -19.89
C MET C 50 18.81 3.28 -19.69
N GLY C 51 18.07 3.71 -20.70
CA GLY C 51 17.45 5.03 -20.66
C GLY C 51 18.50 6.09 -20.42
N THR C 52 18.25 6.93 -19.42
CA THR C 52 19.22 7.96 -19.03
C THR C 52 20.24 7.47 -18.02
N LYS C 53 20.02 6.29 -17.44
CA LYS C 53 20.95 5.76 -16.43
C LYS C 53 22.17 5.15 -17.08
N THR C 54 23.34 5.43 -16.50
CA THR C 54 24.60 4.84 -16.94
C THR C 54 25.28 4.20 -15.74
N THR C 55 25.95 3.07 -15.98
CA THR C 55 26.60 2.33 -14.91
C THR C 55 27.97 1.87 -15.39
N VAL C 56 29.02 2.28 -14.67
CA VAL C 56 30.39 1.86 -14.94
C VAL C 56 30.75 0.74 -13.98
N ILE C 57 31.58 -0.19 -14.47
CA ILE C 57 32.04 -1.32 -13.67
C ILE C 57 33.56 -1.37 -13.77
N VAL C 58 34.24 -1.26 -12.62
CA VAL C 58 35.69 -1.22 -12.54
C VAL C 58 36.18 -2.53 -11.94
N GLY C 59 37.16 -3.15 -12.59
CA GLY C 59 37.68 -4.43 -12.15
C GLY C 59 39.20 -4.50 -12.15
N HIS C 60 39.85 -3.37 -11.90
CA HIS C 60 41.31 -3.33 -11.80
C HIS C 60 41.70 -2.39 -10.67
N HIS C 61 42.69 -2.82 -9.88
CA HIS C 61 43.02 -2.08 -8.66
C HIS C 61 43.49 -0.66 -8.96
N GLN C 62 44.19 -0.46 -10.08
CA GLN C 62 44.67 0.87 -10.42
C GLN C 62 43.51 1.85 -10.59
N LEU C 63 42.46 1.43 -11.28
CA LEU C 63 41.30 2.28 -11.47
C LEU C 63 40.45 2.36 -10.21
N ALA C 64 40.35 1.26 -9.47
CA ALA C 64 39.57 1.25 -8.23
C ALA C 64 40.10 2.29 -7.25
N LYS C 65 41.42 2.27 -6.99
CA LYS C 65 42.00 3.22 -6.07
C LYS C 65 41.89 4.65 -6.55
N GLU C 66 41.59 4.85 -7.85
CA GLU C 66 41.30 6.18 -8.34
C GLU C 66 39.88 6.61 -7.98
N VAL C 67 38.93 5.67 -8.04
CA VAL C 67 37.56 5.96 -7.66
C VAL C 67 37.46 6.13 -6.15
N LEU C 68 38.14 5.26 -5.40
CA LEU C 68 37.98 5.22 -3.95
C LEU C 68 38.83 6.25 -3.21
N ILE C 69 40.04 6.54 -3.71
CA ILE C 69 40.98 7.37 -2.95
C ILE C 69 41.30 8.64 -3.70
N LYS C 70 42.03 8.52 -4.81
CA LYS C 70 42.55 9.71 -5.50
C LYS C 70 41.44 10.69 -5.84
N LYS C 71 40.32 10.18 -6.35
CA LYS C 71 39.14 10.99 -6.64
C LYS C 71 37.97 10.55 -5.77
N GLY C 72 38.26 10.21 -4.51
CA GLY C 72 37.23 9.67 -3.64
C GLY C 72 36.06 10.61 -3.45
N LYS C 73 36.34 11.90 -3.28
CA LYS C 73 35.27 12.87 -3.12
C LYS C 73 34.35 12.90 -4.34
N ASP C 74 34.94 12.85 -5.54
CA ASP C 74 34.12 12.92 -6.75
C ASP C 74 33.19 11.72 -6.87
N PHE C 75 33.54 10.58 -6.28
CA PHE C 75 32.77 9.36 -6.39
C PHE C 75 32.22 8.88 -5.04
N SER C 76 32.06 9.78 -4.08
CA SER C 76 31.62 9.41 -2.75
C SER C 76 30.10 9.37 -2.62
N GLY C 77 29.38 9.36 -3.74
CA GLY C 77 27.94 9.36 -3.70
C GLY C 77 27.35 7.95 -3.77
N ARG C 78 26.08 7.86 -3.40
CA ARG C 78 25.33 6.62 -3.48
C ARG C 78 24.15 6.79 -4.43
N PRO C 79 23.89 5.82 -5.31
CA PRO C 79 22.74 5.96 -6.21
C PRO C 79 21.44 5.68 -5.50
N GLN C 80 20.40 6.38 -5.94
CA GLN C 80 19.06 6.16 -5.42
C GLN C 80 18.50 4.86 -5.97
N MET C 81 18.02 3.99 -5.08
CA MET C 81 17.49 2.70 -5.44
C MET C 81 16.21 2.45 -4.66
N ALA C 82 15.18 1.95 -5.36
CA ALA C 82 13.89 1.72 -4.71
C ALA C 82 14.04 0.81 -3.49
N THR C 83 14.71 -0.33 -3.66
CA THR C 83 14.85 -1.27 -2.56
C THR C 83 15.55 -0.65 -1.37
N LEU C 84 16.55 0.21 -1.62
CA LEU C 84 17.28 0.84 -0.52
C LEU C 84 16.48 1.95 0.14
N ASP C 85 15.60 2.62 -0.61
CA ASP C 85 14.75 3.65 0.00
C ASP C 85 13.95 3.06 1.15
N ILE C 86 13.41 1.85 0.97
CA ILE C 86 12.60 1.23 2.01
C ILE C 86 13.46 0.85 3.20
N ALA C 87 14.69 0.38 2.95
CA ALA C 87 15.54 -0.11 4.03
C ALA C 87 16.22 1.04 4.78
N SER C 88 16.43 2.18 4.14
CA SER C 88 17.14 3.29 4.75
C SER C 88 16.21 4.44 5.12
N ASN C 89 14.90 4.19 5.21
CA ASN C 89 13.92 5.21 5.55
C ASN C 89 14.16 6.47 4.71
N ASN C 90 14.21 6.27 3.39
CA ASN C 90 14.37 7.36 2.44
C ASN C 90 15.76 7.97 2.50
N ARG C 91 16.79 7.16 2.30
CA ARG C 91 18.16 7.63 2.11
C ARG C 91 18.70 8.35 3.35
N LYS C 92 18.32 7.86 4.52
CA LYS C 92 18.93 8.29 5.77
C LYS C 92 19.98 7.28 6.20
N GLY C 93 20.62 7.54 7.33
CA GLY C 93 21.61 6.63 7.87
C GLY C 93 23.01 6.91 7.37
N ILE C 94 23.79 5.84 7.14
CA ILE C 94 25.18 5.98 6.72
C ILE C 94 25.40 5.23 5.41
N ALA C 95 25.21 3.90 5.44
CA ALA C 95 25.61 3.06 4.33
C ALA C 95 24.94 3.50 3.03
N PHE C 96 23.62 3.62 3.04
CA PHE C 96 22.85 3.89 1.83
C PHE C 96 22.50 5.37 1.68
N ALA C 97 22.97 6.23 2.57
CA ALA C 97 22.73 7.65 2.45
C ALA C 97 23.73 8.27 1.47
N ASP C 98 23.22 9.19 0.64
CA ASP C 98 24.06 9.84 -0.34
C ASP C 98 25.02 10.82 0.33
N SER C 99 26.12 11.11 -0.35
CA SER C 99 27.10 12.07 0.17
C SER C 99 26.41 13.38 0.51
N GLY C 100 26.86 14.01 1.59
CA GLY C 100 26.28 15.25 2.03
C GLY C 100 26.40 15.39 3.54
N ALA C 101 25.65 16.36 4.07
CA ALA C 101 25.78 16.72 5.47
C ALA C 101 25.35 15.57 6.39
N HIS C 102 24.13 15.09 6.22
CA HIS C 102 23.61 14.07 7.13
C HIS C 102 24.49 12.82 7.13
N TRP C 103 24.97 12.41 5.95
CA TRP C 103 25.87 11.28 5.89
C TRP C 103 27.19 11.61 6.60
N GLN C 104 27.75 12.78 6.30
CA GLN C 104 29.00 13.20 6.95
C GLN C 104 28.83 13.23 8.47
N LEU C 105 27.76 13.86 8.94
CA LEU C 105 27.54 13.99 10.37
C LEU C 105 27.45 12.63 11.05
N HIS C 106 26.56 11.77 10.56
CA HIS C 106 26.30 10.52 11.26
C HIS C 106 27.46 9.54 11.12
N ARG C 107 28.20 9.59 10.01
CA ARG C 107 29.41 8.79 9.90
C ARG C 107 30.47 9.28 10.89
N ARG C 108 30.57 10.61 11.06
CA ARG C 108 31.53 11.16 12.02
C ARG C 108 31.18 10.75 13.44
N LEU C 109 29.88 10.75 13.78
CA LEU C 109 29.47 10.42 15.14
C LEU C 109 29.64 8.93 15.43
N ALA C 110 29.39 8.08 14.44
CA ALA C 110 29.55 6.65 14.64
C ALA C 110 31.02 6.28 14.87
N MET C 111 31.91 6.86 14.08
CA MET C 111 33.34 6.63 14.28
C MET C 111 33.76 7.05 15.69
N ALA C 112 33.31 8.24 16.12
CA ALA C 112 33.67 8.73 17.45
C ALA C 112 33.22 7.78 18.55
N THR C 113 32.13 7.04 18.33
CA THR C 113 31.68 6.08 19.33
C THR C 113 32.68 4.94 19.47
N PHE C 114 33.10 4.36 18.35
CA PHE C 114 34.11 3.31 18.39
C PHE C 114 35.40 3.79 19.02
N ALA C 115 35.61 5.10 19.09
CA ALA C 115 36.81 5.64 19.74
C ALA C 115 36.70 5.57 21.26
N LEU C 116 35.48 5.56 21.81
CA LEU C 116 35.33 5.43 23.25
C LEU C 116 35.91 4.11 23.75
N PHE C 117 35.72 3.03 22.99
CA PHE C 117 36.18 1.71 23.37
C PHE C 117 37.63 1.46 22.98
N LYS C 118 38.48 2.48 23.06
CA LYS C 118 39.86 2.35 22.58
C LYS C 118 40.74 1.69 23.63
N ASP C 119 40.85 2.31 24.81
CA ASP C 119 41.74 1.79 25.84
C ASP C 119 41.14 1.76 27.24
N GLY C 120 40.20 2.64 27.58
CA GLY C 120 39.69 2.70 28.94
C GLY C 120 38.93 1.45 29.34
N ASP C 121 38.36 1.44 30.54
CA ASP C 121 37.53 0.31 30.93
C ASP C 121 36.42 0.10 29.91
N GLN C 122 35.64 -0.96 30.14
CA GLN C 122 34.69 -1.48 29.15
C GLN C 122 35.36 -1.57 27.78
N LYS C 123 36.63 -1.97 27.79
CA LYS C 123 37.39 -2.11 26.56
C LYS C 123 36.62 -2.96 25.56
N LEU C 124 36.79 -2.65 24.28
CA LEU C 124 36.11 -3.42 23.25
C LEU C 124 36.44 -4.90 23.37
N GLU C 125 37.68 -5.22 23.73
CA GLU C 125 38.07 -6.62 23.87
C GLU C 125 37.29 -7.29 25.00
N LYS C 126 37.11 -6.61 26.12
CA LYS C 126 36.43 -7.21 27.26
C LYS C 126 34.96 -7.48 26.94
N ILE C 127 34.30 -6.54 26.26
CA ILE C 127 32.93 -6.79 25.81
C ILE C 127 32.88 -8.05 24.95
N ILE C 128 33.84 -8.17 24.02
CA ILE C 128 33.81 -9.28 23.06
C ILE C 128 34.09 -10.60 23.76
N CYS C 129 35.18 -10.66 24.53
CA CYS C 129 35.52 -11.90 25.22
C CYS C 129 34.41 -12.34 26.16
N GLN C 130 33.72 -11.39 26.78
CA GLN C 130 32.57 -11.72 27.63
C GLN C 130 31.56 -12.55 26.86
N GLU C 131 31.21 -12.12 25.63
CA GLU C 131 30.18 -12.80 24.87
C GLU C 131 30.68 -14.06 24.19
N ILE C 132 31.98 -14.13 23.88
CA ILE C 132 32.54 -15.36 23.31
C ILE C 132 32.55 -16.46 24.37
N SER C 133 32.80 -16.10 25.63
CA SER C 133 32.75 -17.07 26.71
C SER C 133 31.38 -17.76 26.73
N THR C 134 30.31 -16.97 26.71
CA THR C 134 28.97 -17.54 26.64
C THR C 134 28.79 -18.38 25.38
N LEU C 135 29.44 -18.00 24.28
CA LEU C 135 29.30 -18.75 23.03
C LEU C 135 29.92 -20.13 23.15
N CYS C 136 31.11 -20.22 23.76
CA CYS C 136 31.77 -21.52 23.86
C CYS C 136 31.05 -22.45 24.83
N ASP C 137 30.56 -21.91 25.96
CA ASP C 137 29.78 -22.73 26.88
C ASP C 137 28.50 -23.23 26.23
N MET C 138 27.79 -22.35 25.52
CA MET C 138 26.59 -22.77 24.79
C MET C 138 26.91 -23.87 23.80
N LEU C 139 28.09 -23.81 23.18
CA LEU C 139 28.47 -24.83 22.21
C LEU C 139 28.93 -26.12 22.88
N ALA C 140 29.53 -26.04 24.06
CA ALA C 140 29.97 -27.24 24.76
C ALA C 140 28.81 -28.19 25.01
N THR C 141 27.60 -27.65 25.24
CA THR C 141 26.46 -28.50 25.53
C THR C 141 26.08 -29.39 24.35
N HIS C 142 26.55 -29.07 23.14
CA HIS C 142 26.29 -29.86 21.95
C HIS C 142 27.44 -30.82 21.63
N ASN C 143 28.21 -31.21 22.64
CA ASN C 143 29.38 -32.06 22.41
C ASN C 143 28.98 -33.35 21.69
N GLY C 144 29.68 -33.64 20.60
CA GLY C 144 29.48 -34.87 19.86
C GLY C 144 28.41 -34.80 18.79
N GLN C 145 27.68 -33.69 18.68
CA GLN C 145 26.57 -33.57 17.76
C GLN C 145 26.96 -32.76 16.53
N SER C 146 26.20 -32.92 15.46
CA SER C 146 26.36 -32.15 14.24
C SER C 146 25.30 -31.06 14.22
N ILE C 147 25.73 -29.79 14.14
CA ILE C 147 24.83 -28.66 14.30
C ILE C 147 25.21 -27.54 13.34
N ASP C 148 24.28 -26.62 13.14
CA ASP C 148 24.52 -25.37 12.42
C ASP C 148 24.80 -24.29 13.45
N ILE C 149 25.97 -23.65 13.34
CA ILE C 149 26.47 -22.79 14.41
C ILE C 149 26.08 -21.34 14.16
N SER C 150 25.08 -21.12 13.30
CA SER C 150 24.70 -19.76 12.94
C SER C 150 24.12 -19.00 14.13
N PHE C 151 23.07 -19.55 14.73
CA PHE C 151 22.39 -18.82 15.82
C PHE C 151 23.29 -18.54 17.00
N PRO C 152 24.00 -19.52 17.59
CA PRO C 152 24.85 -19.18 18.75
C PRO C 152 25.87 -18.11 18.44
N VAL C 153 26.51 -18.15 17.27
CA VAL C 153 27.40 -17.08 16.86
C VAL C 153 26.63 -15.77 16.74
N PHE C 154 25.47 -15.83 16.07
CA PHE C 154 24.62 -14.65 15.92
C PHE C 154 24.36 -13.98 17.26
N VAL C 155 24.09 -14.77 18.31
CA VAL C 155 23.81 -14.22 19.62
C VAL C 155 25.04 -13.49 20.16
N ALA C 156 26.23 -14.09 20.00
CA ALA C 156 27.45 -13.49 20.52
C ALA C 156 27.64 -12.09 19.94
N VAL C 157 27.70 -11.98 18.62
CA VAL C 157 27.97 -10.69 17.98
C VAL C 157 26.79 -9.73 18.18
N THR C 158 25.57 -10.25 18.28
CA THR C 158 24.43 -9.38 18.56
C THR C 158 24.60 -8.65 19.87
N ASN C 159 25.00 -9.39 20.92
CA ASN C 159 25.18 -8.76 22.23
C ASN C 159 26.31 -7.74 22.19
N VAL C 160 27.38 -8.03 21.46
CA VAL C 160 28.50 -7.11 21.37
C VAL C 160 28.03 -5.77 20.82
N ILE C 161 27.27 -5.79 19.73
CA ILE C 161 26.85 -4.53 19.11
C ILE C 161 25.75 -3.87 19.91
N SER C 162 24.88 -4.66 20.55
CA SER C 162 23.85 -4.07 21.40
C SER C 162 24.47 -3.34 22.60
N LEU C 163 25.60 -3.84 23.10
CA LEU C 163 26.30 -3.14 24.17
C LEU C 163 26.97 -1.87 23.64
N ILE C 164 27.57 -1.95 22.46
CA ILE C 164 28.18 -0.77 21.85
C ILE C 164 27.11 0.28 21.54
N CYS C 165 25.90 -0.17 21.21
CA CYS C 165 24.84 0.74 20.80
C CYS C 165 24.00 1.26 21.96
N PHE C 166 23.65 0.39 22.92
CA PHE C 166 22.79 0.78 24.02
C PHE C 166 23.30 0.37 25.40
N ASN C 167 24.46 -0.30 25.48
CA ASN C 167 24.94 -0.88 26.74
C ASN C 167 23.91 -1.86 27.30
N THR C 168 23.43 -2.75 26.45
CA THR C 168 22.52 -3.81 26.84
C THR C 168 22.85 -5.07 26.06
N SER C 169 22.49 -6.21 26.63
CA SER C 169 22.66 -7.51 25.99
C SER C 169 21.48 -8.39 26.34
N TYR C 170 21.42 -9.55 25.69
CA TYR C 170 20.27 -10.45 25.80
C TYR C 170 20.68 -11.72 26.54
N LYS C 171 19.85 -12.14 27.49
CA LYS C 171 20.04 -13.43 28.12
C LYS C 171 19.80 -14.54 27.10
N ASN C 172 20.55 -15.62 27.22
CA ASN C 172 20.34 -16.76 26.34
C ASN C 172 18.89 -17.23 26.47
N GLY C 173 18.14 -17.11 25.39
CA GLY C 173 16.73 -17.47 25.37
C GLY C 173 15.78 -16.31 25.25
N ASP C 174 16.27 -15.08 25.32
CA ASP C 174 15.39 -13.93 25.14
C ASP C 174 14.77 -14.00 23.74
N PRO C 175 13.43 -13.96 23.63
CA PRO C 175 12.82 -14.07 22.29
C PRO C 175 13.19 -12.94 21.35
N GLU C 176 13.62 -11.79 21.87
CA GLU C 176 14.00 -10.69 21.00
C GLU C 176 15.12 -11.08 20.04
N LEU C 177 15.96 -12.04 20.45
CA LEU C 177 17.01 -12.53 19.56
C LEU C 177 16.41 -13.18 18.32
N ASN C 178 15.40 -14.03 18.50
CA ASN C 178 14.76 -14.67 17.36
C ASN C 178 14.05 -13.66 16.48
N VAL C 179 13.46 -12.63 17.08
CA VAL C 179 12.86 -11.55 16.30
C VAL C 179 13.90 -10.91 15.39
N ILE C 180 15.06 -10.57 15.97
CA ILE C 180 16.11 -9.90 15.20
C ILE C 180 16.60 -10.82 14.08
N GLN C 181 16.93 -12.07 14.40
CA GLN C 181 17.40 -12.99 13.38
C GLN C 181 16.40 -13.13 12.24
N ASN C 182 15.11 -13.07 12.55
CA ASN C 182 14.10 -13.31 11.52
C ASN C 182 13.95 -12.13 10.56
N TYR C 183 13.95 -10.90 11.08
CA TYR C 183 13.80 -9.76 10.16
C TYR C 183 15.14 -9.38 9.54
N ASN C 184 16.26 -9.64 10.21
CA ASN C 184 17.56 -9.54 9.56
C ASN C 184 17.62 -10.46 8.36
N GLU C 185 17.25 -11.73 8.56
CA GLU C 185 17.20 -12.68 7.45
C GLU C 185 16.16 -12.26 6.42
N GLY C 186 15.14 -11.52 6.82
CA GLY C 186 14.09 -11.11 5.92
C GLY C 186 14.49 -9.92 5.05
N ILE C 187 15.05 -8.88 5.67
CA ILE C 187 15.46 -7.70 4.91
C ILE C 187 16.54 -8.05 3.91
N ILE C 188 17.48 -8.91 4.30
CA ILE C 188 18.56 -9.30 3.40
C ILE C 188 18.00 -10.09 2.21
N ASP C 189 17.08 -11.00 2.47
CA ASP C 189 16.60 -11.90 1.42
C ASP C 189 15.72 -11.20 0.40
N ASN C 190 15.09 -10.08 0.77
CA ASN C 190 14.18 -9.38 -0.12
C ASN C 190 14.74 -8.06 -0.63
N LEU C 191 15.99 -7.72 -0.29
CA LEU C 191 16.56 -6.47 -0.80
C LEU C 191 17.11 -6.64 -2.20
N SER C 192 17.50 -7.84 -2.58
CA SER C 192 18.07 -8.10 -3.90
C SER C 192 18.28 -9.59 -4.06
N LYS C 193 18.54 -10.00 -5.31
CA LYS C 193 18.89 -11.37 -5.64
C LYS C 193 20.37 -11.54 -5.93
N ASP C 194 21.13 -10.46 -5.99
CA ASP C 194 22.58 -10.51 -6.16
C ASP C 194 23.15 -9.28 -5.46
N SER C 195 24.37 -8.89 -5.83
CA SER C 195 24.92 -7.65 -5.30
C SER C 195 24.12 -6.46 -5.85
N LEU C 196 24.20 -5.34 -5.12
CA LEU C 196 23.38 -4.19 -5.44
C LEU C 196 23.86 -3.48 -6.70
N VAL C 197 22.93 -3.27 -7.63
CA VAL C 197 23.19 -2.49 -8.84
C VAL C 197 21.89 -1.80 -9.23
N ASP C 198 21.94 -0.49 -9.48
CA ASP C 198 20.73 0.25 -9.82
C ASP C 198 20.21 -0.10 -11.21
N LEU C 199 20.99 -0.82 -12.02
CA LEU C 199 20.49 -1.28 -13.32
C LEU C 199 19.28 -2.18 -13.16
N VAL C 200 19.27 -3.02 -12.12
CA VAL C 200 18.25 -4.03 -11.92
C VAL C 200 17.14 -3.40 -11.07
N PRO C 201 15.89 -3.37 -11.54
CA PRO C 201 14.78 -2.98 -10.66
C PRO C 201 14.37 -4.13 -9.76
N TRP C 202 14.99 -4.22 -8.59
CA TRP C 202 14.93 -5.44 -7.79
C TRP C 202 13.51 -5.76 -7.35
N LEU C 203 12.70 -4.75 -7.07
CA LEU C 203 11.36 -4.96 -6.56
C LEU C 203 10.36 -5.30 -7.67
N LYS C 204 10.77 -5.32 -8.93
CA LYS C 204 9.84 -5.44 -10.05
C LYS C 204 10.19 -6.54 -11.04
N ILE C 205 11.28 -7.28 -10.85
CA ILE C 205 11.71 -8.23 -11.87
C ILE C 205 10.98 -9.57 -11.79
N PHE C 206 10.43 -9.92 -10.64
CA PHE C 206 9.71 -11.19 -10.49
C PHE C 206 8.38 -10.96 -9.79
N PRO C 207 7.30 -11.82 -10.14
CA PRO C 207 6.02 -11.79 -9.39
C PRO C 207 6.09 -12.62 -8.12
N ASN C 208 6.78 -12.07 -7.11
CA ASN C 208 7.03 -12.81 -5.87
C ASN C 208 6.78 -11.97 -4.62
N LYS C 209 6.06 -10.85 -4.74
CA LYS C 209 5.71 -10.02 -3.60
C LYS C 209 6.95 -9.54 -2.83
N THR C 210 8.04 -9.31 -3.57
CA THR C 210 9.27 -8.84 -2.92
C THR C 210 9.03 -7.56 -2.13
N LEU C 211 8.33 -6.60 -2.75
CA LEU C 211 8.09 -5.33 -2.07
C LEU C 211 7.28 -5.52 -0.79
N GLU C 212 6.18 -6.26 -0.88
CA GLU C 212 5.35 -6.49 0.31
C GLU C 212 6.16 -7.19 1.40
N LYS C 213 6.95 -8.20 1.02
CA LYS C 213 7.74 -8.92 2.02
C LYS C 213 8.82 -8.03 2.63
N LEU C 214 9.53 -7.26 1.79
CA LEU C 214 10.56 -6.36 2.31
C LEU C 214 9.96 -5.35 3.27
N LYS C 215 8.80 -4.79 2.93
CA LYS C 215 8.18 -3.78 3.78
C LYS C 215 7.82 -4.34 5.15
N SER C 216 7.29 -5.56 5.19
CA SER C 216 6.83 -6.12 6.46
C SER C 216 7.98 -6.38 7.42
N HIS C 217 9.15 -6.79 6.90
CA HIS C 217 10.30 -7.02 7.76
C HIS C 217 10.88 -5.70 8.26
N VAL C 218 10.96 -4.70 7.38
CA VAL C 218 11.43 -3.38 7.79
C VAL C 218 10.53 -2.81 8.87
N LYS C 219 9.22 -3.07 8.77
CA LYS C 219 8.29 -2.56 9.77
C LYS C 219 8.62 -3.11 11.14
N ILE C 220 8.85 -4.43 11.23
CA ILE C 220 9.25 -5.04 12.50
C ILE C 220 10.54 -4.41 13.00
N ARG C 221 11.52 -4.22 12.11
CA ARG C 221 12.76 -3.56 12.48
C ARG C 221 12.49 -2.16 13.02
N ASN C 222 11.69 -1.37 12.29
CA ASN C 222 11.43 0.00 12.70
C ASN C 222 10.69 0.07 14.03
N ASP C 223 9.73 -0.84 14.24
CA ASP C 223 8.95 -0.81 15.47
C ASP C 223 9.81 -1.16 16.68
N LEU C 224 10.72 -2.13 16.52
CA LEU C 224 11.56 -2.54 17.63
C LEU C 224 12.57 -1.46 18.01
N LEU C 225 13.20 -0.85 17.00
CA LEU C 225 14.17 0.21 17.31
C LEU C 225 13.48 1.43 17.88
N ASN C 226 12.29 1.77 17.38
CA ASN C 226 11.53 2.87 17.96
C ASN C 226 11.16 2.60 19.41
N LYS C 227 10.90 1.33 19.75
CA LYS C 227 10.63 0.99 21.14
C LYS C 227 11.86 1.17 22.01
N ILE C 228 13.02 0.71 21.53
CA ILE C 228 14.26 0.90 22.28
C ILE C 228 14.56 2.38 22.46
N LEU C 229 14.44 3.15 21.38
CA LEU C 229 14.71 4.59 21.45
C LEU C 229 13.82 5.27 22.48
N GLU C 230 12.52 4.98 22.44
CA GLU C 230 11.58 5.64 23.35
C GLU C 230 11.92 5.32 24.81
N ASN C 231 12.18 4.04 25.11
CA ASN C 231 12.52 3.66 26.47
C ASN C 231 13.84 4.29 26.92
N TYR C 232 14.75 4.56 25.99
CA TYR C 232 16.06 5.09 26.34
C TYR C 232 16.03 6.59 26.63
N LYS C 233 14.96 7.29 26.26
CA LYS C 233 14.88 8.72 26.53
C LYS C 233 15.07 9.05 28.01
N GLU C 234 14.80 8.11 28.91
CA GLU C 234 14.93 8.35 30.34
C GLU C 234 16.30 7.96 30.88
N LYS C 235 16.92 6.92 30.31
CA LYS C 235 18.24 6.50 30.78
C LYS C 235 19.33 7.48 30.39
N PHE C 236 19.11 8.31 29.36
CA PHE C 236 20.15 9.19 28.87
C PHE C 236 20.48 10.27 29.90
N ARG C 237 21.77 10.58 30.02
CA ARG C 237 22.24 11.64 30.90
C ARG C 237 23.51 12.22 30.30
N SER C 238 23.52 13.55 30.12
CA SER C 238 24.61 14.20 29.39
C SER C 238 25.97 13.85 29.96
N ASP C 239 26.06 13.63 31.27
CA ASP C 239 27.33 13.38 31.94
C ASP C 239 27.82 11.95 31.80
N SER C 240 27.31 11.18 30.83
CA SER C 240 27.72 9.79 30.67
C SER C 240 27.51 9.32 29.24
N ILE C 241 28.48 9.60 28.36
CA ILE C 241 28.42 9.23 26.96
C ILE C 241 29.25 7.96 26.80
N THR C 242 28.57 6.81 26.75
CA THR C 242 29.25 5.52 26.76
C THR C 242 28.85 4.60 25.61
N ASN C 243 27.92 5.00 24.76
CA ASN C 243 27.46 4.15 23.66
C ASN C 243 27.09 5.04 22.49
N MET C 244 26.67 4.39 21.40
CA MET C 244 26.40 5.11 20.16
C MET C 244 25.14 5.96 20.29
N LEU C 245 24.14 5.45 21.02
CA LEU C 245 22.90 6.21 21.16
C LEU C 245 23.09 7.43 22.06
N ASP C 246 24.01 7.35 23.02
CA ASP C 246 24.35 8.52 23.83
C ASP C 246 24.99 9.60 22.95
N THR C 247 25.99 9.22 22.16
CA THR C 247 26.64 10.17 21.27
C THR C 247 25.61 10.87 20.38
N LEU C 248 24.67 10.11 19.83
CA LEU C 248 23.69 10.69 18.92
C LEU C 248 22.74 11.64 19.65
N MET C 249 22.24 11.22 20.82
CA MET C 249 21.35 12.09 21.58
C MET C 249 22.08 13.35 22.05
N GLN C 250 23.28 13.18 22.59
CA GLN C 250 24.09 14.33 22.98
C GLN C 250 24.30 15.27 21.80
N ALA C 251 24.61 14.73 20.63
CA ALA C 251 24.75 15.54 19.43
C ALA C 251 23.46 16.31 19.15
N LYS C 252 22.31 15.66 19.32
CA LYS C 252 21.04 16.37 19.14
C LYS C 252 20.85 17.45 20.19
N MET C 253 21.29 17.19 21.43
CA MET C 253 21.10 18.17 22.50
C MET C 253 21.95 19.41 22.25
N ASN C 254 23.25 19.22 22.01
CA ASN C 254 24.15 20.35 21.78
C ASN C 254 23.82 21.12 20.51
N SER C 255 23.08 20.51 19.58
CA SER C 255 22.68 21.21 18.36
C SER C 255 21.47 22.11 18.57
N ASP C 256 20.82 22.06 19.74
CA ASP C 256 19.69 22.92 20.04
C ASP C 256 20.01 24.02 21.05
N ASN C 257 21.02 23.83 21.89
CA ASN C 257 21.38 24.84 22.88
C ASN C 257 21.97 26.07 22.19
N GLY C 258 21.44 27.24 22.52
CA GLY C 258 21.90 28.48 21.94
C GLY C 258 23.37 28.73 22.18
N ALA C 260 24.03 31.47 20.65
CA ALA C 260 22.57 31.52 20.62
C ALA C 260 22.04 31.02 19.28
N GLY C 261 20.91 30.31 19.32
CA GLY C 261 20.31 29.76 18.13
C GLY C 261 20.80 28.36 17.84
N PRO C 262 19.90 27.49 17.40
CA PRO C 262 20.29 26.11 17.08
C PRO C 262 20.89 26.02 15.68
N ASP C 263 22.09 25.47 15.60
CA ASP C 263 22.84 25.44 14.35
C ASP C 263 22.20 24.43 13.39
N GLN C 264 22.89 24.14 12.28
CA GLN C 264 22.30 23.40 11.18
C GLN C 264 22.09 21.92 11.52
N ASP C 265 22.93 21.36 12.38
CA ASP C 265 22.93 19.92 12.62
C ASP C 265 21.70 19.44 13.38
N SER C 266 20.75 20.32 13.75
CA SER C 266 19.62 19.91 14.55
C SER C 266 18.63 19.08 13.73
N GLU C 267 18.29 19.56 12.53
CA GLU C 267 17.31 18.86 11.70
C GLU C 267 17.86 17.57 11.12
N LEU C 268 19.18 17.43 11.06
CA LEU C 268 19.79 16.19 10.61
C LEU C 268 19.87 15.14 11.71
N LEU C 269 19.30 15.41 12.89
CA LEU C 269 19.38 14.51 14.04
C LEU C 269 18.01 14.20 14.61
N SER C 270 16.97 14.24 13.78
CA SER C 270 15.65 13.85 14.24
C SER C 270 15.68 12.39 14.69
N ASP C 271 14.57 11.95 15.29
CA ASP C 271 14.48 10.56 15.73
C ASP C 271 14.58 9.59 14.57
N ASN C 272 14.03 9.95 13.40
CA ASN C 272 14.14 9.09 12.24
C ASN C 272 15.59 8.96 11.77
N HIS C 273 16.32 10.07 11.75
CA HIS C 273 17.74 10.01 11.40
C HIS C 273 18.51 9.13 12.39
N ILE C 274 18.40 9.42 13.68
CA ILE C 274 19.06 8.60 14.69
C ILE C 274 18.64 7.14 14.53
N LEU C 275 17.35 6.90 14.27
CA LEU C 275 16.85 5.55 14.12
C LEU C 275 17.58 4.81 12.99
N THR C 276 17.70 5.44 11.82
CA THR C 276 18.28 4.76 10.67
C THR C 276 19.75 4.44 10.86
N THR C 277 20.49 5.31 11.56
CA THR C 277 21.91 5.06 11.75
C THR C 277 22.15 3.90 12.72
N ILE C 278 21.42 3.87 13.83
CA ILE C 278 21.50 2.73 14.73
C ILE C 278 21.23 1.44 13.95
N GLY C 279 20.25 1.48 13.05
CA GLY C 279 19.94 0.30 12.25
C GLY C 279 21.12 -0.17 11.42
N ASP C 280 21.77 0.75 10.71
CA ASP C 280 22.93 0.39 9.92
C ASP C 280 24.00 -0.26 10.79
N ILE C 281 24.35 0.39 11.90
CA ILE C 281 25.39 -0.15 12.77
C ILE C 281 24.95 -1.47 13.38
N PHE C 282 23.69 -1.53 13.84
CA PHE C 282 23.20 -2.75 14.47
C PHE C 282 23.13 -3.90 13.48
N GLY C 283 22.78 -3.61 12.23
CA GLY C 283 22.69 -4.63 11.20
C GLY C 283 24.05 -5.06 10.70
N ALA C 284 24.93 -4.08 10.41
CA ALA C 284 26.25 -4.41 9.90
C ALA C 284 27.07 -5.18 10.93
N GLY C 285 26.94 -4.81 12.21
CA GLY C 285 27.71 -5.47 13.25
C GLY C 285 27.37 -6.93 13.45
N VAL C 286 26.21 -7.37 12.96
CA VAL C 286 25.74 -8.74 13.19
C VAL C 286 25.98 -9.58 11.94
N GLU C 287 25.42 -9.16 10.81
CA GLU C 287 25.35 -10.03 9.65
C GLU C 287 26.68 -10.14 8.92
N THR C 288 27.52 -9.10 8.94
CA THR C 288 28.82 -9.20 8.29
C THR C 288 29.73 -10.18 9.03
N THR C 289 29.89 -10.00 10.33
CA THR C 289 30.81 -10.84 11.10
C THR C 289 30.32 -12.28 11.16
N THR C 290 29.02 -12.48 11.42
CA THR C 290 28.48 -13.83 11.41
C THR C 290 28.77 -14.53 10.10
N SER C 291 28.72 -13.78 8.99
CA SER C 291 28.95 -14.39 7.68
C SER C 291 30.41 -14.80 7.51
N VAL C 292 31.33 -13.91 7.88
CA VAL C 292 32.76 -14.22 7.72
C VAL C 292 33.14 -15.44 8.56
N VAL C 293 32.64 -15.51 9.80
CA VAL C 293 32.93 -16.66 10.65
C VAL C 293 32.52 -17.94 9.96
N LYS C 294 31.28 -18.00 9.45
CA LYS C 294 30.80 -19.21 8.81
C LYS C 294 31.65 -19.58 7.60
N TRP C 295 32.04 -18.57 6.80
CA TRP C 295 32.92 -18.85 5.66
C TRP C 295 34.24 -19.46 6.12
N THR C 296 34.80 -18.94 7.23
CA THR C 296 36.09 -19.44 7.69
C THR C 296 36.00 -20.90 8.11
N LEU C 297 34.92 -21.26 8.83
CA LEU C 297 34.75 -22.65 9.22
C LEU C 297 34.61 -23.55 8.00
N ALA C 298 33.88 -23.09 6.99
CA ALA C 298 33.68 -23.90 5.78
C ALA C 298 35.01 -24.17 5.09
N PHE C 299 35.92 -23.19 5.07
CA PHE C 299 37.19 -23.39 4.41
C PHE C 299 38.09 -24.34 5.19
N LEU C 300 38.08 -24.24 6.52
CA LEU C 300 38.89 -25.16 7.32
C LEU C 300 38.41 -26.60 7.15
N LEU C 301 37.10 -26.80 7.02
CA LEU C 301 36.59 -28.14 6.73
C LEU C 301 37.02 -28.62 5.35
N HIS C 302 37.40 -27.72 4.46
CA HIS C 302 37.92 -28.08 3.14
C HIS C 302 39.43 -28.19 3.11
N ASN C 303 40.12 -27.68 4.15
CA ASN C 303 41.58 -27.71 4.20
C ASN C 303 42.01 -28.15 5.60
N PRO C 304 41.85 -29.44 5.91
CA PRO C 304 42.24 -29.91 7.25
C PRO C 304 43.70 -29.67 7.54
N GLN C 305 44.55 -29.61 6.51
CA GLN C 305 45.96 -29.28 6.73
C GLN C 305 46.09 -27.94 7.44
N VAL C 306 45.41 -26.91 6.94
CA VAL C 306 45.47 -25.60 7.58
C VAL C 306 44.86 -25.66 8.96
N LYS C 307 43.75 -26.39 9.11
CA LYS C 307 43.12 -26.52 10.42
C LYS C 307 44.06 -27.15 11.43
N LYS C 308 44.90 -28.09 11.00
CA LYS C 308 45.87 -28.71 11.91
C LYS C 308 46.96 -27.74 12.31
N LYS C 309 47.52 -27.02 11.33
CA LYS C 309 48.53 -26.01 11.62
C LYS C 309 48.02 -24.99 12.63
N LEU C 310 46.73 -24.67 12.58
CA LEU C 310 46.18 -23.66 13.48
C LEU C 310 46.07 -24.19 14.90
N TYR C 311 45.71 -25.46 15.06
CA TYR C 311 45.68 -26.05 16.39
C TYR C 311 47.07 -26.02 17.03
N GLU C 312 48.09 -26.40 16.25
CA GLU C 312 49.45 -26.40 16.77
C GLU C 312 49.89 -24.98 17.16
N GLU C 313 49.53 -24.00 16.34
CA GLU C 313 49.96 -22.62 16.60
C GLU C 313 49.37 -22.10 17.91
N ILE C 314 48.07 -22.33 18.13
CA ILE C 314 47.42 -21.80 19.32
C ILE C 314 47.88 -22.55 20.55
N ASP C 315 48.23 -23.83 20.42
CA ASP C 315 48.72 -24.58 21.56
C ASP C 315 50.12 -24.13 21.96
N GLN C 316 50.96 -23.81 20.99
CA GLN C 316 52.33 -23.40 21.28
CA GLN C 316 52.33 -23.40 21.27
C GLN C 316 52.41 -21.97 21.80
N ASN C 317 51.50 -21.09 21.37
CA ASN C 317 51.57 -19.68 21.74
C ASN C 317 50.56 -19.28 22.81
N VAL C 318 49.47 -20.02 22.98
CA VAL C 318 48.45 -19.72 23.97
C VAL C 318 48.32 -20.83 25.00
N GLY C 319 48.32 -22.08 24.55
CA GLY C 319 48.19 -23.18 25.50
C GLY C 319 46.78 -23.25 26.04
N PHE C 320 46.68 -23.56 27.34
CA PHE C 320 45.38 -23.76 27.97
C PHE C 320 45.27 -23.13 29.36
N SER C 321 46.30 -22.43 29.84
CA SER C 321 46.24 -21.81 31.16
C SER C 321 45.49 -20.49 31.16
N ARG C 322 45.11 -19.97 30.00
CA ARG C 322 44.35 -18.73 29.92
C ARG C 322 43.54 -18.73 28.63
N THR C 323 42.77 -17.64 28.42
CA THR C 323 41.98 -17.48 27.21
C THR C 323 42.64 -16.46 26.29
N PRO C 324 42.46 -16.58 24.97
CA PRO C 324 43.10 -15.65 24.05
C PRO C 324 42.69 -14.20 24.30
N THR C 325 43.55 -13.29 23.85
CA THR C 325 43.31 -11.85 23.90
C THR C 325 43.67 -11.26 22.53
N ILE C 326 43.41 -9.96 22.37
CA ILE C 326 43.79 -9.30 21.12
C ILE C 326 45.29 -9.20 20.99
N SER C 327 46.01 -9.18 22.11
CA SER C 327 47.47 -9.16 22.06
C SER C 327 48.04 -10.41 21.41
N ASP C 328 47.26 -11.49 21.33
CA ASP C 328 47.67 -12.70 20.64
C ASP C 328 47.62 -12.57 19.13
N ARG C 329 47.24 -11.40 18.60
CA ARG C 329 47.25 -11.19 17.16
C ARG C 329 48.67 -11.27 16.60
N ASN C 330 49.68 -10.99 17.43
CA ASN C 330 51.07 -11.02 17.00
C ASN C 330 51.69 -12.40 17.08
N ARG C 331 51.04 -13.34 17.77
CA ARG C 331 51.55 -14.70 17.89
C ARG C 331 50.81 -15.69 17.01
N LEU C 332 49.54 -15.45 16.71
CA LEU C 332 48.76 -16.34 15.85
C LEU C 332 48.71 -15.78 14.43
N LEU C 333 49.88 -15.77 13.80
CA LEU C 333 50.01 -15.21 12.46
C LEU C 333 49.19 -16.00 11.45
N LEU C 334 49.24 -17.33 11.53
CA LEU C 334 48.50 -18.14 10.56
C LEU C 334 47.00 -17.90 10.68
N LEU C 335 46.50 -17.60 11.88
CA LEU C 335 45.09 -17.30 12.04
C LEU C 335 44.74 -15.96 11.42
N GLU C 336 45.47 -14.91 11.77
CA GLU C 336 45.27 -13.62 11.13
C GLU C 336 45.43 -13.72 9.62
N ALA C 337 46.32 -14.61 9.16
CA ALA C 337 46.47 -14.82 7.72
C ALA C 337 45.29 -15.58 7.16
N THR C 338 44.79 -16.58 7.89
CA THR C 338 43.59 -17.29 7.45
C THR C 338 42.44 -16.33 7.23
N ILE C 339 42.25 -15.38 8.15
CA ILE C 339 41.15 -14.43 8.01
C ILE C 339 41.38 -13.49 6.84
N ARG C 340 42.63 -13.06 6.63
CA ARG C 340 42.94 -12.24 5.47
C ARG C 340 42.59 -12.97 4.17
N GLU C 341 42.85 -14.28 4.12
CA GLU C 341 42.60 -15.04 2.90
C GLU C 341 41.11 -15.22 2.66
N VAL C 342 40.33 -15.43 3.73
CA VAL C 342 38.88 -15.54 3.58
C VAL C 342 38.31 -14.23 3.04
N LEU C 343 38.77 -13.10 3.57
CA LEU C 343 38.34 -11.81 3.08
C LEU C 343 38.77 -11.55 1.64
N ARG C 344 39.83 -12.24 1.18
CA ARG C 344 40.22 -12.13 -0.22
C ARG C 344 39.37 -13.05 -1.09
N LEU C 345 39.29 -14.33 -0.70
CA LEU C 345 38.66 -15.33 -1.56
C LEU C 345 37.15 -15.21 -1.58
N ARG C 346 36.55 -14.79 -0.46
CA ARG C 346 35.10 -14.62 -0.35
C ARG C 346 34.81 -13.32 0.38
N PRO C 347 35.01 -12.18 -0.28
CA PRO C 347 34.81 -10.89 0.40
C PRO C 347 33.38 -10.71 0.86
N VAL C 348 33.21 -9.93 1.93
CA VAL C 348 31.89 -9.66 2.47
C VAL C 348 31.03 -8.94 1.43
N ALA C 349 31.63 -7.99 0.72
CA ALA C 349 30.94 -7.20 -0.31
C ALA C 349 31.72 -7.35 -1.61
N PRO C 350 31.47 -8.42 -2.37
CA PRO C 350 32.26 -8.64 -3.60
C PRO C 350 32.20 -7.49 -4.59
N MET C 351 31.17 -6.65 -4.54
CA MET C 351 31.10 -5.45 -5.37
C MET C 351 30.92 -4.21 -4.50
N LEU C 352 31.43 -4.25 -3.27
CA LEU C 352 31.30 -3.16 -2.33
C LEU C 352 29.85 -2.71 -2.24
N ILE C 353 29.61 -1.41 -2.14
CA ILE C 353 28.29 -0.82 -2.25
C ILE C 353 28.35 0.17 -3.40
N PRO C 354 27.39 0.17 -4.33
CA PRO C 354 27.50 1.03 -5.51
C PRO C 354 27.79 2.48 -5.15
N HIS C 355 28.73 3.07 -5.87
CA HIS C 355 29.07 4.49 -5.76
C HIS C 355 28.35 5.28 -6.83
N LYS C 356 28.41 6.60 -6.70
CA LYS C 356 27.83 7.52 -7.67
C LYS C 356 28.75 8.72 -7.84
N ALA C 357 28.89 9.19 -9.07
CA ALA C 357 29.72 10.36 -9.36
C ALA C 357 28.96 11.63 -9.00
N ASN C 358 29.49 12.39 -8.05
CA ASN C 358 28.89 13.64 -7.65
C ASN C 358 29.16 14.78 -8.64
N VAL C 359 30.16 14.61 -9.50
CA VAL C 359 30.53 15.65 -10.47
C VAL C 359 31.06 14.96 -11.71
N ASP C 360 30.97 15.66 -12.84
CA ASP C 360 31.66 15.20 -14.04
C ASP C 360 33.13 14.98 -13.72
N SER C 361 33.61 13.77 -13.95
CA SER C 361 34.95 13.38 -13.54
C SER C 361 35.51 12.43 -14.59
N SER C 362 36.50 11.63 -14.19
CA SER C 362 37.12 10.66 -15.08
C SER C 362 37.67 9.51 -14.26
N ILE C 363 37.83 8.37 -14.92
CA ILE C 363 38.42 7.16 -14.34
C ILE C 363 39.38 6.65 -15.40
N GLY C 364 40.65 6.98 -15.27
CA GLY C 364 41.63 6.58 -16.27
C GLY C 364 41.55 7.48 -17.48
N GLU C 365 41.41 6.86 -18.66
CA GLU C 365 41.34 7.62 -19.90
C GLU C 365 39.96 8.19 -20.18
N PHE C 366 38.94 7.71 -19.48
CA PHE C 366 37.55 7.91 -19.89
C PHE C 366 36.86 8.92 -18.98
N ALA C 367 35.90 9.64 -19.57
CA ALA C 367 35.10 10.61 -18.84
C ALA C 367 33.90 9.91 -18.20
N VAL C 368 33.45 10.46 -17.08
CA VAL C 368 32.31 9.94 -16.34
C VAL C 368 31.37 11.11 -16.06
N ASP C 369 30.15 11.02 -16.57
CA ASP C 369 29.17 12.09 -16.37
C ASP C 369 28.63 12.05 -14.95
N LYS C 370 28.35 13.23 -14.41
CA LYS C 370 27.73 13.33 -13.10
C LYS C 370 26.49 12.45 -13.02
N GLY C 371 26.24 11.89 -11.84
CA GLY C 371 25.10 11.02 -11.64
C GLY C 371 25.31 9.59 -12.10
N THR C 372 26.48 9.26 -12.63
CA THR C 372 26.75 7.91 -13.10
C THR C 372 26.98 6.97 -11.93
N GLU C 373 26.38 5.80 -11.99
CA GLU C 373 26.63 4.74 -11.02
C GLU C 373 27.97 4.09 -11.32
N VAL C 374 28.78 3.90 -10.28
CA VAL C 374 30.10 3.31 -10.41
C VAL C 374 30.21 2.15 -9.44
N ILE C 375 30.73 1.02 -9.92
CA ILE C 375 30.80 -0.21 -9.14
C ILE C 375 32.22 -0.74 -9.20
N ILE C 376 32.80 -0.97 -8.04
CA ILE C 376 34.11 -1.61 -7.93
C ILE C 376 33.90 -3.10 -7.79
N ASN C 377 34.37 -3.86 -8.80
CA ASN C 377 34.27 -5.31 -8.76
C ASN C 377 35.43 -5.82 -7.91
N LEU C 378 35.26 -5.70 -6.59
CA LEU C 378 36.31 -6.13 -5.67
C LEU C 378 36.66 -7.59 -5.89
N TRP C 379 35.70 -8.40 -6.34
CA TRP C 379 36.00 -9.79 -6.67
C TRP C 379 37.09 -9.87 -7.74
N ALA C 380 37.00 -9.01 -8.75
CA ALA C 380 38.02 -9.01 -9.81
C ALA C 380 39.38 -8.61 -9.24
N LEU C 381 39.41 -7.63 -8.34
CA LEU C 381 40.67 -7.24 -7.73
C LEU C 381 41.32 -8.40 -6.98
N HIS C 382 40.52 -9.24 -6.34
CA HIS C 382 41.03 -10.31 -5.50
C HIS C 382 41.34 -11.58 -6.25
N HIS C 383 41.00 -11.67 -7.54
CA HIS C 383 41.29 -12.85 -8.35
C HIS C 383 42.10 -12.52 -9.60
N ASN C 384 42.59 -11.29 -9.73
CA ASN C 384 43.48 -10.96 -10.84
C ASN C 384 44.75 -11.79 -10.75
N GLU C 385 45.04 -12.56 -11.80
CA GLU C 385 46.15 -13.49 -11.76
C GLU C 385 47.51 -12.83 -11.98
N LYS C 386 47.54 -11.61 -12.52
CA LYS C 386 48.81 -10.89 -12.60
C LYS C 386 49.23 -10.38 -11.23
N GLU C 387 48.27 -10.14 -10.34
CA GLU C 387 48.55 -9.58 -9.02
C GLU C 387 48.50 -10.61 -7.90
N TRP C 388 47.99 -11.81 -8.16
CA TRP C 388 47.92 -12.86 -7.15
C TRP C 388 48.43 -14.17 -7.74
N HIS C 389 49.05 -14.98 -6.90
CA HIS C 389 49.55 -16.29 -7.29
C HIS C 389 48.50 -17.32 -6.91
N GLN C 390 47.90 -17.98 -7.90
CA GLN C 390 46.88 -18.99 -7.68
C GLN C 390 45.71 -18.38 -6.92
N PRO C 391 45.07 -17.33 -7.46
CA PRO C 391 43.95 -16.71 -6.73
C PRO C 391 42.78 -17.65 -6.50
N ASP C 392 42.64 -18.71 -7.29
CA ASP C 392 41.53 -19.64 -7.14
C ASP C 392 41.71 -20.59 -5.96
N GLN C 393 42.86 -20.55 -5.28
CA GLN C 393 43.16 -21.50 -4.22
C GLN C 393 43.22 -20.80 -2.86
N PHE C 394 42.83 -21.54 -1.83
CA PHE C 394 42.85 -21.04 -0.46
C PHE C 394 44.25 -21.27 0.11
N MET C 395 45.04 -20.20 0.16
CA MET C 395 46.43 -20.26 0.62
C MET C 395 46.67 -19.20 1.68
N PRO C 396 46.38 -19.48 2.94
CA PRO C 396 46.73 -18.52 4.00
C PRO C 396 48.23 -18.24 4.06
N GLU C 397 49.06 -19.23 3.74
CA GLU C 397 50.50 -19.02 3.63
C GLU C 397 50.84 -17.79 2.79
N ARG C 398 49.93 -17.39 1.91
CA ARG C 398 50.16 -16.24 1.04
C ARG C 398 50.58 -15.01 1.83
N PHE C 399 49.88 -14.73 2.93
CA PHE C 399 50.11 -13.52 3.70
C PHE C 399 51.23 -13.66 4.72
N LEU C 400 52.03 -14.71 4.64
CA LEU C 400 53.12 -14.96 5.57
C LEU C 400 54.45 -15.01 4.84
N ASN C 401 55.49 -14.50 5.49
CA ASN C 401 56.84 -14.65 4.99
C ASN C 401 57.24 -16.12 5.08
N PRO C 402 58.32 -16.53 4.40
CA PRO C 402 58.64 -17.96 4.35
C PRO C 402 58.77 -18.62 5.72
N ALA C 403 59.29 -17.89 6.71
CA ALA C 403 59.50 -18.46 8.04
C ALA C 403 58.24 -18.48 8.88
N GLY C 404 57.18 -17.76 8.49
CA GLY C 404 55.98 -17.72 9.27
C GLY C 404 56.11 -16.92 10.54
N THR C 405 56.96 -15.88 10.54
CA THR C 405 57.21 -15.08 11.72
C THR C 405 56.69 -13.65 11.62
N GLN C 406 56.18 -13.24 10.46
CA GLN C 406 55.55 -11.93 10.33
C GLN C 406 54.67 -11.93 9.09
N LEU C 407 53.68 -11.05 9.11
CA LEU C 407 52.71 -10.92 8.02
C LEU C 407 53.24 -10.01 6.92
N ILE C 408 52.73 -10.23 5.72
CA ILE C 408 53.15 -9.48 4.54
C ILE C 408 51.92 -9.07 3.74
N SER C 409 52.09 -8.04 2.91
CA SER C 409 51.07 -7.65 1.95
C SER C 409 51.47 -8.20 0.58
N PRO C 410 51.02 -9.41 0.23
CA PRO C 410 51.47 -10.04 -1.02
C PRO C 410 51.03 -9.33 -2.27
N SER C 411 50.08 -8.39 -2.19
CA SER C 411 49.58 -7.72 -3.38
C SER C 411 48.97 -6.39 -2.98
N VAL C 412 48.92 -5.48 -3.96
CA VAL C 412 48.24 -4.20 -3.80
C VAL C 412 46.80 -4.25 -4.29
N SER C 413 46.35 -5.38 -4.81
CA SER C 413 44.98 -5.53 -5.29
C SER C 413 44.13 -6.20 -4.21
N TYR C 414 44.13 -5.57 -3.04
CA TYR C 414 43.51 -6.14 -1.84
C TYR C 414 42.83 -5.01 -1.07
N LEU C 415 41.50 -5.01 -1.06
CA LEU C 415 40.72 -3.96 -0.39
C LEU C 415 39.49 -4.57 0.27
N PRO C 416 39.69 -5.52 1.19
CA PRO C 416 38.53 -6.17 1.81
C PRO C 416 37.58 -5.20 2.50
N PHE C 417 38.11 -4.11 3.06
CA PHE C 417 37.29 -3.11 3.75
C PHE C 417 37.15 -1.83 2.92
N GLY C 418 37.38 -1.91 1.62
CA GLY C 418 37.29 -0.73 0.78
C GLY C 418 38.39 0.26 1.10
N ALA C 419 38.17 1.50 0.66
CA ALA C 419 39.13 2.56 0.89
C ALA C 419 38.46 3.90 0.63
N GLY C 420 38.99 4.94 1.26
CA GLY C 420 38.56 6.29 0.97
C GLY C 420 37.37 6.74 1.78
N PRO C 421 36.65 7.75 1.27
CA PRO C 421 35.58 8.36 2.07
C PRO C 421 34.46 7.40 2.46
N ARG C 422 34.35 6.25 1.80
CA ARG C 422 33.24 5.32 2.04
C ARG C 422 33.70 3.97 2.59
N SER C 423 34.91 3.90 3.13
CA SER C 423 35.42 2.65 3.66
C SER C 423 34.68 2.25 4.93
N CYS C 424 34.82 0.98 5.31
CA CYS C 424 34.16 0.47 6.50
C CYS C 424 34.54 1.30 7.71
N ILE C 425 33.51 1.70 8.48
CA ILE C 425 33.75 2.36 9.76
C ILE C 425 33.79 1.38 10.92
N GLY C 426 33.62 0.09 10.65
CA GLY C 426 33.64 -0.92 11.69
C GLY C 426 34.71 -1.98 11.46
N GLU C 427 35.78 -1.62 10.74
CA GLU C 427 36.86 -2.56 10.50
C GLU C 427 37.52 -3.00 11.81
N ILE C 428 37.77 -2.04 12.71
CA ILE C 428 38.36 -2.38 14.00
C ILE C 428 37.51 -3.40 14.73
N LEU C 429 36.22 -3.11 14.90
CA LEU C 429 35.33 -4.05 15.57
C LEU C 429 35.35 -5.41 14.88
N ALA C 430 35.32 -5.42 13.55
CA ALA C 430 35.23 -6.67 12.81
C ALA C 430 36.50 -7.51 13.02
N ARG C 431 37.68 -6.91 12.83
CA ARG C 431 38.91 -7.67 12.92
C ARG C 431 39.09 -8.28 14.31
N GLN C 432 38.65 -7.57 15.35
CA GLN C 432 38.78 -8.10 16.71
C GLN C 432 37.80 -9.25 16.94
N GLU C 433 36.53 -9.05 16.59
CA GLU C 433 35.54 -10.12 16.73
C GLU C 433 36.00 -11.37 15.99
N LEU C 434 36.33 -11.24 14.71
CA LEU C 434 36.69 -12.39 13.89
C LEU C 434 37.90 -13.12 14.48
N PHE C 435 38.90 -12.38 14.96
CA PHE C 435 40.08 -13.02 15.52
C PHE C 435 39.75 -13.75 16.81
N LEU C 436 39.07 -13.08 17.74
CA LEU C 436 38.79 -13.69 19.04
C LEU C 436 37.87 -14.90 18.91
N ILE C 437 36.80 -14.76 18.12
CA ILE C 437 35.86 -15.88 17.96
C ILE C 437 36.59 -17.11 17.45
N MET C 438 37.45 -16.94 16.45
CA MET C 438 38.16 -18.08 15.88
C MET C 438 39.20 -18.64 16.85
N ALA C 439 39.85 -17.77 17.61
CA ALA C 439 40.86 -18.23 18.57
C ALA C 439 40.21 -19.05 19.68
N TRP C 440 39.15 -18.52 20.29
CA TRP C 440 38.48 -19.24 21.37
C TRP C 440 37.94 -20.59 20.91
N LEU C 441 37.40 -20.64 19.69
CA LEU C 441 36.79 -21.87 19.20
C LEU C 441 37.85 -22.92 18.91
N LEU C 442 38.92 -22.55 18.21
CA LEU C 442 39.96 -23.51 17.87
C LEU C 442 40.68 -24.01 19.13
N GLN C 443 40.81 -23.17 20.14
CA GLN C 443 41.43 -23.60 21.39
C GLN C 443 40.65 -24.74 22.03
N ARG C 444 39.32 -24.69 21.98
CA ARG C 444 38.49 -25.54 22.80
C ARG C 444 37.81 -26.68 22.06
N PHE C 445 37.56 -26.55 20.76
CA PHE C 445 36.67 -27.45 20.05
C PHE C 445 37.35 -28.08 18.85
N ASP C 446 37.14 -29.37 18.68
CA ASP C 446 37.40 -30.04 17.41
C ASP C 446 36.24 -29.76 16.46
N LEU C 447 36.54 -29.27 15.28
CA LEU C 447 35.53 -28.89 14.29
C LEU C 447 35.72 -29.76 13.06
N GLU C 448 34.81 -30.71 12.86
CA GLU C 448 34.98 -31.74 11.85
C GLU C 448 33.77 -31.78 10.92
N VAL C 449 33.97 -32.47 9.80
CA VAL C 449 32.85 -32.76 8.90
C VAL C 449 31.79 -33.54 9.67
N PRO C 450 30.50 -33.26 9.48
CA PRO C 450 29.49 -34.07 10.18
C PRO C 450 29.60 -35.53 9.79
N ASP C 451 29.17 -36.40 10.69
CA ASP C 451 29.27 -37.83 10.45
C ASP C 451 28.54 -38.26 9.17
N ASP C 452 27.61 -37.45 8.68
CA ASP C 452 26.91 -37.77 7.44
C ASP C 452 27.74 -37.48 6.20
N GLY C 453 28.95 -36.93 6.35
CA GLY C 453 29.90 -36.85 5.27
C GLY C 453 29.76 -35.68 4.32
N GLN C 454 28.77 -34.82 4.51
CA GLN C 454 28.52 -33.73 3.57
C GLN C 454 29.38 -32.53 3.92
N LEU C 455 30.10 -32.00 2.90
CA LEU C 455 30.89 -30.80 3.08
C LEU C 455 30.06 -29.55 2.79
N PRO C 456 30.48 -28.39 3.30
CA PRO C 456 29.76 -27.16 2.97
C PRO C 456 30.02 -26.72 1.54
N SER C 457 29.06 -26.00 0.97
CA SER C 457 29.18 -25.49 -0.38
C SER C 457 29.81 -24.10 -0.33
N LEU C 458 30.96 -23.94 -0.96
CA LEU C 458 31.63 -22.65 -1.06
C LEU C 458 31.14 -21.83 -2.25
N GLU C 459 30.04 -22.25 -2.88
CA GLU C 459 29.47 -21.50 -3.98
C GLU C 459 29.12 -20.08 -3.56
N GLY C 460 28.34 -19.95 -2.49
CA GLY C 460 27.95 -18.65 -1.98
C GLY C 460 26.59 -18.21 -2.49
N ILE C 461 26.06 -17.18 -1.83
CA ILE C 461 24.75 -16.63 -2.16
C ILE C 461 24.89 -15.11 -2.19
N PRO C 462 25.04 -14.49 -3.36
CA PRO C 462 25.24 -13.03 -3.39
C PRO C 462 24.01 -12.29 -2.91
N LYS C 463 24.21 -11.43 -1.92
CA LYS C 463 23.17 -10.52 -1.43
C LYS C 463 23.85 -9.20 -1.11
N VAL C 464 23.21 -8.38 -0.28
CA VAL C 464 23.90 -7.25 0.32
C VAL C 464 25.20 -7.73 0.95
N VAL C 465 25.17 -8.92 1.55
CA VAL C 465 26.36 -9.59 2.07
C VAL C 465 26.54 -10.87 1.26
N PHE C 466 27.79 -11.26 1.06
CA PHE C 466 28.08 -12.52 0.37
C PHE C 466 27.88 -13.64 1.38
N LEU C 467 26.72 -14.28 1.33
CA LEU C 467 26.36 -15.30 2.30
C LEU C 467 26.80 -16.68 1.83
N ILE C 468 26.78 -17.64 2.77
CA ILE C 468 27.12 -19.02 2.50
C ILE C 468 25.91 -19.88 2.80
N ASP C 469 25.78 -20.98 2.06
CA ASP C 469 24.71 -21.94 2.33
C ASP C 469 24.90 -22.54 3.72
N SER C 470 23.83 -22.55 4.51
CA SER C 470 23.89 -23.14 5.84
C SER C 470 24.45 -24.55 5.77
N PHE C 471 25.29 -24.89 6.74
CA PHE C 471 25.95 -26.19 6.79
C PHE C 471 26.06 -26.63 8.23
N LYS C 472 26.44 -27.89 8.42
CA LYS C 472 26.54 -28.48 9.74
C LYS C 472 27.99 -28.80 10.07
N VAL C 473 28.29 -28.85 11.37
CA VAL C 473 29.63 -29.12 11.88
C VAL C 473 29.50 -30.04 13.07
N LYS C 474 30.31 -31.11 13.09
CA LYS C 474 30.41 -31.92 14.29
C LYS C 474 31.39 -31.26 15.25
N ILE C 475 30.89 -30.83 16.40
CA ILE C 475 31.67 -30.11 17.39
C ILE C 475 31.79 -30.96 18.64
N LYS C 476 32.97 -30.98 19.24
CA LYS C 476 33.21 -31.72 20.47
C LYS C 476 34.39 -31.12 21.18
N VAL C 477 34.28 -30.98 22.50
CA VAL C 477 35.36 -30.38 23.29
C VAL C 477 36.66 -31.09 22.98
N ARG C 478 37.71 -30.31 22.77
CA ARG C 478 38.99 -30.87 22.36
C ARG C 478 39.61 -31.65 23.51
N GLN C 479 40.10 -32.85 23.21
CA GLN C 479 40.74 -33.69 24.22
C GLN C 479 41.84 -32.93 24.96
N ALA C 480 42.65 -32.16 24.22
CA ALA C 480 43.71 -31.39 24.84
C ALA C 480 43.16 -30.39 25.84
N TRP C 481 41.92 -29.95 25.67
CA TRP C 481 41.35 -28.94 26.55
C TRP C 481 40.93 -29.55 27.88
N ARG C 482 40.21 -30.67 27.85
CA ARG C 482 39.76 -31.32 29.07
C ARG C 482 40.92 -31.55 30.04
N GLU C 483 41.93 -32.28 29.58
CA GLU C 483 43.06 -32.61 30.44
C GLU C 483 43.66 -31.37 31.09
N ALA C 484 43.69 -30.25 30.36
CA ALA C 484 44.24 -29.02 30.91
C ALA C 484 43.36 -28.46 32.03
N GLN C 485 42.06 -28.70 31.98
CA GLN C 485 41.16 -28.19 33.02
C GLN C 485 41.28 -29.04 34.29
N ALA C 486 41.11 -30.35 34.17
CA ALA C 486 41.34 -31.23 35.30
C ALA C 486 42.77 -31.04 35.80
N GLU C 487 43.73 -31.62 35.07
CA GLU C 487 45.15 -31.45 35.39
C GLU C 487 45.52 -29.98 35.51
N LYS D 11 -19.74 6.08 50.59
CA LYS D 11 -18.92 6.93 49.73
C LYS D 11 -17.45 6.63 49.93
N SER D 12 -16.61 7.36 49.18
CA SER D 12 -15.16 7.26 49.32
C SER D 12 -14.54 8.64 49.11
N LEU D 13 -13.53 8.96 49.92
CA LEU D 13 -12.98 10.31 49.97
C LEU D 13 -11.77 10.51 49.05
N LEU D 14 -11.28 9.47 48.41
CA LEU D 14 -10.10 9.57 47.55
C LEU D 14 -10.52 9.77 46.10
N SER D 15 -9.63 10.39 45.31
CA SER D 15 -9.92 10.70 43.92
C SER D 15 -8.77 10.23 43.04
N LEU D 16 -9.10 9.52 41.96
CA LEU D 16 -8.08 8.98 41.08
C LEU D 16 -7.48 10.09 40.20
N PRO D 17 -6.30 9.85 39.64
CA PRO D 17 -5.64 10.90 38.84
C PRO D 17 -6.35 11.14 37.53
N LEU D 18 -6.54 12.41 37.20
CA LEU D 18 -7.13 12.86 35.94
C LEU D 18 -5.99 13.25 35.01
N VAL D 19 -5.67 12.37 34.05
CA VAL D 19 -4.49 12.54 33.21
C VAL D 19 -4.84 13.04 31.82
N GLY D 20 -6.12 13.18 31.50
CA GLY D 20 -6.53 13.69 30.20
C GLY D 20 -7.80 14.50 30.30
N SER D 21 -7.82 15.69 29.68
CA SER D 21 -8.98 16.57 29.82
C SER D 21 -9.12 17.42 28.57
N LEU D 22 -10.31 17.36 27.97
CA LEU D 22 -10.74 18.28 26.92
C LEU D 22 -12.04 18.92 27.42
N PRO D 23 -11.94 19.95 28.26
CA PRO D 23 -13.14 20.44 28.95
C PRO D 23 -14.27 20.85 28.03
N PHE D 24 -13.97 21.30 26.81
CA PHE D 24 -14.99 21.78 25.90
C PHE D 24 -14.80 21.16 24.52
N LEU D 25 -15.90 20.85 23.86
CA LEU D 25 -15.90 20.30 22.52
C LEU D 25 -16.81 21.11 21.61
N PRO D 26 -16.46 21.27 20.34
CA PRO D 26 -17.21 22.18 19.47
C PRO D 26 -18.52 21.57 18.96
N ARG D 27 -19.31 22.41 18.30
CA ARG D 27 -20.57 21.99 17.73
C ARG D 27 -21.11 23.07 16.79
N HIS D 28 -21.83 22.64 15.77
CA HIS D 28 -22.66 23.48 14.90
C HIS D 28 -21.87 24.49 14.07
N GLY D 29 -20.55 24.54 14.18
CA GLY D 29 -19.77 25.54 13.48
C GLY D 29 -18.53 24.93 12.84
N HIS D 30 -17.84 25.77 12.07
CA HIS D 30 -16.55 25.40 11.52
C HIS D 30 -15.49 25.49 12.61
N MET D 31 -14.28 25.02 12.29
CA MET D 31 -13.23 24.96 13.30
C MET D 31 -12.67 26.35 13.61
N HIS D 32 -12.62 27.24 12.62
CA HIS D 32 -12.14 28.59 12.90
C HIS D 32 -13.18 29.41 13.65
N ASN D 33 -14.47 29.10 13.45
CA ASN D 33 -15.51 29.77 14.21
C ASN D 33 -15.53 29.31 15.65
N ASN D 34 -15.14 28.06 15.91
CA ASN D 34 -15.11 27.52 17.26
C ASN D 34 -13.88 28.00 18.03
N PHE D 35 -12.71 27.99 17.38
CA PHE D 35 -11.54 28.60 18.00
C PHE D 35 -11.83 30.03 18.42
N PHE D 36 -12.66 30.74 17.64
CA PHE D 36 -12.98 32.13 17.95
C PHE D 36 -13.84 32.22 19.21
N LYS D 37 -14.96 31.48 19.23
CA LYS D 37 -15.83 31.48 20.40
C LYS D 37 -15.06 31.09 21.67
N LEU D 38 -14.03 30.26 21.54
CA LEU D 38 -13.25 29.86 22.70
C LEU D 38 -12.49 31.03 23.32
N GLN D 39 -12.20 32.07 22.55
CA GLN D 39 -11.41 33.18 23.07
C GLN D 39 -12.15 33.92 24.19
N LYS D 40 -13.48 33.85 24.20
CA LYS D 40 -14.24 34.52 25.24
C LYS D 40 -13.87 34.00 26.62
N LYS D 41 -13.59 32.70 26.72
CA LYS D 41 -13.21 32.10 28.00
C LYS D 41 -11.70 32.12 28.22
N TYR D 42 -10.92 31.67 27.23
CA TYR D 42 -9.50 31.46 27.41
C TYR D 42 -8.62 32.57 26.86
N GLY D 43 -9.19 33.55 26.16
CA GLY D 43 -8.44 34.69 25.72
C GLY D 43 -7.95 34.57 24.28
N PRO D 44 -7.09 35.50 23.87
CA PRO D 44 -6.67 35.55 22.46
C PRO D 44 -5.56 34.59 22.09
N ILE D 45 -4.95 33.90 23.05
CA ILE D 45 -3.88 32.95 22.75
C ILE D 45 -3.94 31.80 23.74
N TYR D 46 -4.07 30.58 23.24
CA TYR D 46 -4.11 29.39 24.08
C TYR D 46 -3.47 28.23 23.33
N SER D 47 -3.30 27.11 24.02
CA SER D 47 -2.58 25.97 23.48
C SER D 47 -3.34 24.69 23.79
N VAL D 48 -3.08 23.67 22.98
CA VAL D 48 -3.61 22.33 23.17
C VAL D 48 -2.43 21.36 23.10
N ARG D 49 -2.48 20.33 23.94
CA ARG D 49 -1.36 19.40 24.09
C ARG D 49 -1.88 17.97 23.90
N MET D 50 -1.26 17.26 22.97
CA MET D 50 -1.57 15.86 22.70
C MET D 50 -0.25 15.11 22.61
N GLY D 51 0.01 14.24 23.58
CA GLY D 51 1.30 13.59 23.67
C GLY D 51 2.43 14.61 23.67
N THR D 52 3.35 14.48 22.73
CA THR D 52 4.47 15.41 22.63
C THR D 52 4.17 16.61 21.74
N LYS D 53 3.02 16.62 21.07
CA LYS D 53 2.67 17.72 20.17
C LYS D 53 1.96 18.82 20.94
N THR D 54 2.40 20.06 20.72
CA THR D 54 1.75 21.25 21.26
C THR D 54 1.33 22.13 20.08
N THR D 55 0.19 22.81 20.23
CA THR D 55 -0.34 23.65 19.17
C THR D 55 -0.93 24.91 19.77
N VAL D 56 -0.46 26.06 19.31
CA VAL D 56 -0.92 27.36 19.78
C VAL D 56 -1.84 27.96 18.72
N ILE D 57 -2.93 28.57 19.17
CA ILE D 57 -3.87 29.27 18.32
C ILE D 57 -3.85 30.75 18.71
N VAL D 58 -3.67 31.62 17.72
CA VAL D 58 -3.57 33.06 17.92
C VAL D 58 -4.75 33.74 17.23
N GLY D 59 -5.45 34.60 17.97
CA GLY D 59 -6.67 35.21 17.47
C GLY D 59 -6.79 36.70 17.73
N HIS D 60 -5.66 37.40 17.81
CA HIS D 60 -5.64 38.85 17.94
C HIS D 60 -4.51 39.41 17.09
N HIS D 61 -4.77 40.53 16.42
CA HIS D 61 -3.81 41.06 15.46
C HIS D 61 -2.48 41.42 16.12
N GLN D 62 -2.53 41.85 17.38
CA GLN D 62 -1.30 42.22 18.07
C GLN D 62 -0.32 41.05 18.13
N LEU D 63 -0.81 39.85 18.43
CA LEU D 63 0.05 38.68 18.54
C LEU D 63 0.32 38.05 17.19
N ALA D 64 -0.68 38.03 16.30
CA ALA D 64 -0.49 37.41 15.00
C ALA D 64 0.63 38.11 14.21
N LYS D 65 0.62 39.44 14.19
CA LYS D 65 1.66 40.16 13.46
C LYS D 65 3.03 39.90 14.06
N GLU D 66 3.11 39.61 15.36
CA GLU D 66 4.39 39.25 15.96
C GLU D 66 4.86 37.90 15.42
N VAL D 67 3.94 36.98 15.14
CA VAL D 67 4.30 35.69 14.59
C VAL D 67 4.70 35.83 13.12
N LEU D 68 3.99 36.65 12.37
CA LEU D 68 4.20 36.73 10.93
C LEU D 68 5.30 37.71 10.54
N ILE D 69 5.42 38.84 11.23
CA ILE D 69 6.31 39.90 10.81
C ILE D 69 7.49 40.03 11.76
N LYS D 70 7.23 40.49 12.98
CA LYS D 70 8.31 40.80 13.91
C LYS D 70 9.22 39.61 14.12
N LYS D 71 8.65 38.46 14.46
CA LYS D 71 9.40 37.22 14.63
C LYS D 71 9.08 36.23 13.51
N GLY D 72 8.88 36.75 12.29
CA GLY D 72 8.50 35.89 11.18
C GLY D 72 9.50 34.79 10.90
N LYS D 73 10.79 35.07 11.07
CA LYS D 73 11.79 34.03 10.88
C LYS D 73 11.65 32.92 11.90
N ASP D 74 11.39 33.28 13.17
CA ASP D 74 11.25 32.27 14.20
C ASP D 74 10.10 31.31 13.91
N PHE D 75 9.07 31.79 13.22
CA PHE D 75 7.84 31.02 13.00
C PHE D 75 7.58 30.77 11.52
N SER D 76 8.65 30.70 10.71
CA SER D 76 8.51 30.53 9.27
C SER D 76 8.43 29.07 8.84
N GLY D 77 8.52 28.13 9.79
CA GLY D 77 8.49 26.73 9.44
C GLY D 77 7.08 26.21 9.25
N ARG D 78 7.00 25.00 8.70
CA ARG D 78 5.73 24.31 8.51
C ARG D 78 5.75 22.98 9.25
N PRO D 79 4.65 22.58 9.87
CA PRO D 79 4.62 21.27 10.54
C PRO D 79 4.48 20.14 9.55
N GLN D 80 5.14 19.02 9.86
CA GLN D 80 5.05 17.83 9.03
C GLN D 80 3.72 17.13 9.27
N MET D 81 2.91 17.02 8.22
CA MET D 81 1.60 16.38 8.29
C MET D 81 1.53 15.27 7.25
N ALA D 82 0.83 14.19 7.60
CA ALA D 82 0.76 13.04 6.71
C ALA D 82 -0.04 13.35 5.46
N THR D 83 -1.11 14.15 5.59
CA THR D 83 -1.93 14.48 4.43
C THR D 83 -1.18 15.39 3.47
N LEU D 84 -0.28 16.24 3.98
CA LEU D 84 0.49 17.13 3.11
C LEU D 84 1.66 16.41 2.47
N ASP D 85 2.33 15.52 3.22
CA ASP D 85 3.42 14.74 2.65
C ASP D 85 3.01 14.12 1.33
N ILE D 86 1.77 13.62 1.25
CA ILE D 86 1.27 13.06 0.01
C ILE D 86 1.12 14.14 -1.05
N ALA D 87 0.36 15.19 -0.72
CA ALA D 87 0.08 16.25 -1.69
C ALA D 87 1.33 17.00 -2.13
N SER D 88 2.38 16.99 -1.32
CA SER D 88 3.57 17.81 -1.58
C SER D 88 4.77 16.97 -1.97
N ASN D 89 4.58 15.70 -2.30
CA ASN D 89 5.68 14.83 -2.71
C ASN D 89 6.81 14.89 -1.70
N ASN D 90 6.45 14.74 -0.42
CA ASN D 90 7.42 14.64 0.67
C ASN D 90 8.08 15.99 0.94
N ARG D 91 7.26 17.02 1.16
CA ARG D 91 7.71 18.30 1.69
C ARG D 91 8.47 19.13 0.66
N LYS D 92 8.14 18.98 -0.62
CA LYS D 92 8.69 19.82 -1.67
C LYS D 92 7.71 20.95 -1.99
N GLY D 93 8.06 21.77 -2.98
CA GLY D 93 7.22 22.89 -3.36
C GLY D 93 7.48 24.12 -2.51
N ILE D 94 6.44 24.89 -2.21
CA ILE D 94 6.58 26.14 -1.48
C ILE D 94 5.62 26.17 -0.30
N ALA D 95 4.32 26.01 -0.58
CA ALA D 95 3.31 26.21 0.44
C ALA D 95 3.52 25.27 1.62
N PHE D 96 3.79 24.00 1.34
CA PHE D 96 3.87 22.98 2.39
C PHE D 96 5.30 22.56 2.71
N ALA D 97 6.29 23.21 2.11
CA ALA D 97 7.68 22.91 2.43
C ALA D 97 8.08 23.56 3.75
N ASP D 98 9.02 22.95 4.45
CA ASP D 98 9.56 23.53 5.66
C ASP D 98 10.53 24.66 5.31
N SER D 99 10.82 25.50 6.29
CA SER D 99 11.79 26.56 6.11
C SER D 99 13.17 25.96 5.86
N GLY D 100 13.86 26.46 4.86
CA GLY D 100 15.16 25.93 4.50
C GLY D 100 15.54 26.33 3.09
N ALA D 101 16.58 25.67 2.58
CA ALA D 101 17.09 25.99 1.25
C ALA D 101 16.03 25.76 0.18
N HIS D 102 15.42 24.57 0.17
CA HIS D 102 14.40 24.26 -0.83
C HIS D 102 13.36 25.36 -0.92
N TRP D 103 12.67 25.62 0.19
CA TRP D 103 11.60 26.62 0.19
C TRP D 103 12.12 28.00 -0.18
N GLN D 104 13.32 28.35 0.29
CA GLN D 104 13.86 29.68 0.04
C GLN D 104 14.18 29.88 -1.43
N LEU D 105 14.79 28.87 -2.07
CA LEU D 105 15.17 28.99 -3.47
C LEU D 105 13.93 29.01 -4.37
N HIS D 106 13.03 28.03 -4.20
CA HIS D 106 11.89 27.94 -5.09
C HIS D 106 10.89 29.08 -4.87
N ARG D 107 10.81 29.59 -3.63
CA ARG D 107 9.99 30.78 -3.41
C ARG D 107 10.60 32.00 -4.10
N ARG D 108 11.93 32.14 -4.04
CA ARG D 108 12.60 33.24 -4.71
C ARG D 108 12.37 33.17 -6.22
N LEU D 109 12.49 31.99 -6.81
CA LEU D 109 12.34 31.84 -8.25
C LEU D 109 10.90 32.10 -8.68
N ALA D 110 9.92 31.57 -7.94
CA ALA D 110 8.53 31.80 -8.29
C ALA D 110 8.20 33.29 -8.33
N MET D 111 8.82 34.09 -7.45
CA MET D 111 8.63 35.53 -7.49
C MET D 111 9.45 36.18 -8.60
N ALA D 112 10.62 35.62 -8.92
CA ALA D 112 11.38 36.10 -10.06
C ALA D 112 10.59 35.93 -11.35
N THR D 113 9.74 34.90 -11.43
CA THR D 113 8.88 34.73 -12.60
C THR D 113 7.85 35.84 -12.68
N PHE D 114 7.09 36.06 -11.60
CA PHE D 114 6.07 37.10 -11.61
C PHE D 114 6.67 38.48 -11.91
N ALA D 115 7.93 38.70 -11.51
CA ALA D 115 8.55 40.00 -11.77
C ALA D 115 8.70 40.24 -13.26
N LEU D 116 8.97 39.19 -14.03
CA LEU D 116 9.09 39.30 -15.49
C LEU D 116 7.75 39.23 -16.19
N PHE D 117 6.71 39.86 -15.61
CA PHE D 117 5.41 39.94 -16.25
C PHE D 117 4.76 41.31 -16.07
N LYS D 118 5.52 42.31 -15.62
CA LYS D 118 4.92 43.62 -15.36
C LYS D 118 4.63 44.38 -16.65
N ASP D 119 5.52 44.31 -17.63
CA ASP D 119 5.28 44.95 -18.92
C ASP D 119 6.14 44.26 -19.97
N GLY D 120 6.02 44.74 -21.20
CA GLY D 120 6.65 44.11 -22.35
C GLY D 120 5.60 43.44 -23.23
N ASP D 121 6.09 42.67 -24.19
CA ASP D 121 5.18 41.88 -25.02
C ASP D 121 4.37 40.92 -24.18
N GLN D 122 5.00 40.31 -23.18
CA GLN D 122 4.31 39.50 -22.18
C GLN D 122 3.95 40.40 -21.01
N LYS D 123 2.71 40.85 -20.96
CA LYS D 123 2.21 41.69 -19.88
C LYS D 123 1.02 41.02 -19.22
N LEU D 124 0.90 41.21 -17.90
CA LEU D 124 -0.07 40.43 -17.14
C LEU D 124 -1.50 40.82 -17.50
N GLU D 125 -1.78 42.12 -17.62
CA GLU D 125 -3.14 42.54 -17.94
C GLU D 125 -3.57 42.06 -19.31
N LYS D 126 -2.63 42.00 -20.27
CA LYS D 126 -2.96 41.51 -21.60
C LYS D 126 -3.39 40.05 -21.55
N ILE D 127 -2.57 39.20 -20.94
CA ILE D 127 -2.89 37.78 -20.82
C ILE D 127 -4.26 37.60 -20.17
N ILE D 128 -4.50 38.31 -19.07
CA ILE D 128 -5.75 38.13 -18.34
C ILE D 128 -6.94 38.48 -19.22
N CYS D 129 -6.99 39.73 -19.70
CA CYS D 129 -8.13 40.16 -20.51
C CYS D 129 -8.33 39.26 -21.72
N GLN D 130 -7.24 38.77 -22.30
CA GLN D 130 -7.35 37.84 -23.43
C GLN D 130 -8.23 36.65 -23.09
N GLU D 131 -8.27 36.27 -21.80
CA GLU D 131 -9.05 35.11 -21.37
C GLU D 131 -10.43 35.47 -20.83
N ILE D 132 -10.61 36.70 -20.33
CA ILE D 132 -11.92 37.10 -19.85
C ILE D 132 -12.86 37.36 -21.01
N SER D 133 -12.33 37.86 -22.14
CA SER D 133 -13.16 38.00 -23.34
C SER D 133 -13.69 36.65 -23.78
N THR D 134 -12.82 35.64 -23.84
CA THR D 134 -13.28 34.28 -24.10
C THR D 134 -14.30 33.83 -23.06
N LEU D 135 -14.16 34.31 -21.81
CA LEU D 135 -15.10 33.94 -20.76
C LEU D 135 -16.47 34.56 -21.01
N CYS D 136 -16.49 35.86 -21.32
CA CYS D 136 -17.76 36.53 -21.58
C CYS D 136 -18.42 35.99 -22.84
N ASP D 137 -17.64 35.68 -23.87
CA ASP D 137 -18.18 35.03 -25.05
C ASP D 137 -18.89 33.73 -24.69
N MET D 138 -18.23 32.88 -23.89
CA MET D 138 -18.84 31.63 -23.47
C MET D 138 -20.10 31.88 -22.66
N LEU D 139 -20.03 32.81 -21.70
CA LEU D 139 -21.18 33.08 -20.84
C LEU D 139 -22.36 33.60 -21.65
N ALA D 140 -22.09 34.41 -22.68
CA ALA D 140 -23.16 34.96 -23.49
C ALA D 140 -24.07 33.88 -24.06
N THR D 141 -23.50 32.71 -24.40
CA THR D 141 -24.27 31.63 -25.00
C THR D 141 -25.30 31.03 -24.05
N HIS D 142 -25.26 31.39 -22.76
CA HIS D 142 -26.19 30.88 -21.77
C HIS D 142 -27.23 31.92 -21.36
N ASN D 143 -27.48 32.91 -22.22
CA ASN D 143 -28.36 34.01 -21.87
C ASN D 143 -29.74 33.50 -21.46
N GLY D 144 -30.26 34.03 -20.36
CA GLY D 144 -31.57 33.68 -19.87
C GLY D 144 -31.62 32.43 -19.01
N GLN D 145 -30.58 31.62 -18.99
CA GLN D 145 -30.57 30.34 -18.30
C GLN D 145 -29.88 30.47 -16.94
N SER D 146 -30.25 29.57 -16.04
CA SER D 146 -29.58 29.45 -14.74
C SER D 146 -28.46 28.44 -14.85
N ILE D 147 -27.24 28.86 -14.48
CA ILE D 147 -26.04 28.06 -14.71
C ILE D 147 -25.13 28.11 -13.48
N ASP D 148 -24.21 27.16 -13.43
CA ASP D 148 -23.14 27.16 -12.44
C ASP D 148 -21.94 27.86 -13.05
N ILE D 149 -21.62 29.05 -12.54
CA ILE D 149 -20.53 29.85 -13.08
C ILE D 149 -19.19 29.14 -12.95
N SER D 150 -19.09 28.13 -12.09
CA SER D 150 -17.83 27.51 -11.72
C SER D 150 -16.92 27.21 -12.91
N PHE D 151 -17.33 26.31 -13.80
CA PHE D 151 -16.42 25.82 -14.84
C PHE D 151 -15.92 26.92 -15.76
N PRO D 152 -16.77 27.74 -16.39
CA PRO D 152 -16.23 28.77 -17.29
C PRO D 152 -15.19 29.67 -16.65
N VAL D 153 -15.34 30.00 -15.37
CA VAL D 153 -14.33 30.81 -14.68
C VAL D 153 -13.08 29.98 -14.44
N PHE D 154 -13.25 28.71 -14.03
CA PHE D 154 -12.11 27.84 -13.84
C PHE D 154 -11.24 27.77 -15.09
N VAL D 155 -11.87 27.69 -16.26
CA VAL D 155 -11.12 27.65 -17.51
C VAL D 155 -10.38 28.97 -17.72
N ALA D 156 -11.03 30.08 -17.41
CA ALA D 156 -10.41 31.39 -17.62
C ALA D 156 -9.12 31.52 -16.80
N VAL D 157 -9.20 31.26 -15.50
CA VAL D 157 -8.02 31.43 -14.65
C VAL D 157 -7.01 30.31 -14.91
N THR D 158 -7.47 29.14 -15.31
CA THR D 158 -6.55 28.05 -15.64
C THR D 158 -5.64 28.43 -16.80
N ASN D 159 -6.19 29.05 -17.83
CA ASN D 159 -5.38 29.45 -18.97
C ASN D 159 -4.36 30.51 -18.58
N VAL D 160 -4.74 31.43 -17.68
CA VAL D 160 -3.81 32.46 -17.25
C VAL D 160 -2.59 31.83 -16.58
N ILE D 161 -2.81 30.93 -15.64
CA ILE D 161 -1.70 30.34 -14.91
C ILE D 161 -0.91 29.40 -15.79
N SER D 162 -1.59 28.68 -16.69
CA SER D 162 -0.89 27.78 -17.60
C SER D 162 0.04 28.56 -18.53
N LEU D 163 -0.33 29.79 -18.88
CA LEU D 163 0.55 30.63 -19.70
C LEU D 163 1.72 31.15 -18.89
N ILE D 164 1.51 31.45 -17.60
CA ILE D 164 2.60 31.93 -16.76
C ILE D 164 3.61 30.80 -16.53
N CYS D 165 3.14 29.55 -16.48
CA CYS D 165 4.02 28.43 -16.15
C CYS D 165 4.67 27.82 -17.38
N PHE D 166 3.90 27.58 -18.45
CA PHE D 166 4.39 26.88 -19.62
C PHE D 166 4.26 27.66 -20.91
N ASN D 167 3.63 28.85 -20.90
CA ASN D 167 3.30 29.55 -22.14
C ASN D 167 2.41 28.69 -23.03
N THR D 168 1.36 28.14 -22.43
CA THR D 168 0.39 27.33 -23.15
C THR D 168 -1.00 27.60 -22.57
N SER D 169 -2.01 27.47 -23.43
CA SER D 169 -3.40 27.62 -23.03
C SER D 169 -4.20 26.44 -23.57
N TYR D 170 -5.46 26.37 -23.17
CA TYR D 170 -6.34 25.26 -23.53
C TYR D 170 -7.45 25.77 -24.45
N LYS D 171 -7.59 25.11 -25.61
CA LYS D 171 -8.70 25.40 -26.50
C LYS D 171 -10.01 25.04 -25.81
N ASN D 172 -11.04 25.85 -26.02
CA ASN D 172 -12.34 25.57 -25.43
C ASN D 172 -12.79 24.17 -25.80
N GLY D 173 -13.19 23.40 -24.79
CA GLY D 173 -13.57 22.02 -24.99
C GLY D 173 -12.46 21.01 -24.82
N ASP D 174 -11.23 21.47 -24.59
CA ASP D 174 -10.12 20.54 -24.39
C ASP D 174 -10.40 19.65 -23.19
N PRO D 175 -10.33 18.32 -23.32
CA PRO D 175 -10.66 17.44 -22.19
C PRO D 175 -9.69 17.56 -21.02
N GLU D 176 -8.45 18.01 -21.25
CA GLU D 176 -7.50 18.14 -20.15
C GLU D 176 -8.01 19.11 -19.09
N LEU D 177 -8.82 20.09 -19.48
CA LEU D 177 -9.43 20.99 -18.51
C LEU D 177 -10.28 20.22 -17.51
N ASN D 178 -11.01 19.20 -17.98
CA ASN D 178 -11.85 18.41 -17.10
C ASN D 178 -11.01 17.49 -16.22
N VAL D 179 -9.88 17.00 -16.74
CA VAL D 179 -8.95 16.23 -15.93
C VAL D 179 -8.51 17.04 -14.71
N ILE D 180 -8.15 18.31 -14.93
CA ILE D 180 -7.63 19.14 -13.86
C ILE D 180 -8.73 19.47 -12.86
N GLN D 181 -9.90 19.88 -13.36
CA GLN D 181 -11.02 20.16 -12.46
C GLN D 181 -11.30 18.99 -11.54
N ASN D 182 -11.11 17.76 -12.03
CA ASN D 182 -11.47 16.58 -11.24
C ASN D 182 -10.43 16.30 -10.16
N TYR D 183 -9.15 16.29 -10.52
CA TYR D 183 -8.13 15.99 -9.50
C TYR D 183 -7.89 17.18 -8.58
N ASN D 184 -8.13 18.40 -9.07
CA ASN D 184 -8.17 19.55 -8.16
C ASN D 184 -9.29 19.38 -7.14
N GLU D 185 -10.47 19.00 -7.61
CA GLU D 185 -11.60 18.79 -6.71
C GLU D 185 -11.32 17.65 -5.74
N GLY D 186 -10.70 16.58 -6.22
CA GLY D 186 -10.45 15.43 -5.36
C GLY D 186 -9.39 15.68 -4.32
N ILE D 187 -8.30 16.36 -4.70
CA ILE D 187 -7.23 16.65 -3.75
C ILE D 187 -7.75 17.56 -2.65
N ILE D 188 -8.45 18.64 -3.02
CA ILE D 188 -8.95 19.58 -2.03
C ILE D 188 -9.92 18.89 -1.08
N ASP D 189 -10.67 17.90 -1.55
CA ASP D 189 -11.71 17.30 -0.74
C ASP D 189 -11.20 16.20 0.18
N ASN D 190 -10.15 15.49 -0.21
CA ASN D 190 -9.58 14.43 0.61
C ASN D 190 -8.36 14.88 1.42
N LEU D 191 -7.89 16.12 1.21
CA LEU D 191 -6.75 16.59 1.98
C LEU D 191 -7.14 16.87 3.43
N SER D 192 -8.39 17.26 3.66
CA SER D 192 -8.85 17.59 5.00
C SER D 192 -10.36 17.76 4.97
N LYS D 193 -10.95 17.86 6.16
CA LYS D 193 -12.36 18.17 6.32
C LYS D 193 -12.57 19.51 7.02
N ASP D 194 -11.51 20.29 7.19
CA ASP D 194 -11.59 21.66 7.69
C ASP D 194 -10.29 22.35 7.29
N SER D 195 -10.02 23.51 7.88
CA SER D 195 -8.73 24.14 7.69
C SER D 195 -7.64 23.26 8.28
N LEU D 196 -6.44 23.35 7.70
CA LEU D 196 -5.35 22.45 8.07
C LEU D 196 -4.93 22.67 9.53
N VAL D 197 -4.85 21.58 10.29
CA VAL D 197 -4.36 21.60 11.66
C VAL D 197 -3.71 20.25 11.94
N ASP D 198 -2.49 20.27 12.46
CA ASP D 198 -1.73 19.04 12.67
C ASP D 198 -2.22 18.23 13.87
N LEU D 199 -3.05 18.80 14.74
CA LEU D 199 -3.62 18.02 15.84
C LEU D 199 -4.54 16.92 15.33
N VAL D 200 -5.14 17.12 14.16
CA VAL D 200 -6.15 16.21 13.63
C VAL D 200 -5.45 15.20 12.74
N PRO D 201 -5.50 13.91 13.06
CA PRO D 201 -4.98 12.92 12.11
C PRO D 201 -5.93 12.72 10.94
N TRP D 202 -5.84 13.62 9.97
CA TRP D 202 -6.87 13.71 8.94
C TRP D 202 -7.13 12.38 8.24
N LEU D 203 -6.07 11.65 7.92
CA LEU D 203 -6.21 10.42 7.15
C LEU D 203 -6.67 9.24 7.98
N LYS D 204 -6.81 9.39 9.30
CA LYS D 204 -7.09 8.26 10.18
C LYS D 204 -8.28 8.46 11.10
N ILE D 205 -9.07 9.53 10.93
CA ILE D 205 -10.15 9.80 11.86
C ILE D 205 -11.44 9.05 11.50
N PHE D 206 -11.66 8.75 10.23
CA PHE D 206 -12.93 8.15 9.83
C PHE D 206 -12.70 6.84 9.07
N PRO D 207 -13.64 5.90 9.14
CA PRO D 207 -13.49 4.65 8.39
C PRO D 207 -13.86 4.80 6.92
N ASN D 208 -13.39 5.87 6.30
CA ASN D 208 -13.55 6.08 4.87
C ASN D 208 -12.27 5.62 4.17
N LYS D 209 -12.14 5.98 2.89
CA LYS D 209 -10.94 5.66 2.14
C LYS D 209 -10.24 6.94 1.71
N THR D 210 -9.96 7.81 2.67
CA THR D 210 -9.38 9.12 2.37
C THR D 210 -7.96 8.97 1.85
N LEU D 211 -7.12 8.21 2.55
CA LEU D 211 -5.74 8.00 2.11
C LEU D 211 -5.69 7.50 0.68
N GLU D 212 -6.45 6.44 0.39
CA GLU D 212 -6.41 5.86 -0.94
C GLU D 212 -6.94 6.83 -1.99
N LYS D 213 -8.00 7.58 -1.65
CA LYS D 213 -8.59 8.50 -2.62
C LYS D 213 -7.68 9.70 -2.86
N LEU D 214 -7.05 10.23 -1.80
CA LEU D 214 -6.12 11.33 -1.98
C LEU D 214 -4.96 10.91 -2.88
N LYS D 215 -4.40 9.72 -2.65
CA LYS D 215 -3.31 9.24 -3.48
C LYS D 215 -3.74 9.08 -4.93
N SER D 216 -4.99 8.64 -5.15
CA SER D 216 -5.45 8.37 -6.51
C SER D 216 -5.47 9.65 -7.34
N HIS D 217 -5.89 10.76 -6.74
CA HIS D 217 -5.91 12.03 -7.48
C HIS D 217 -4.50 12.59 -7.62
N VAL D 218 -3.69 12.51 -6.57
CA VAL D 218 -2.32 13.01 -6.63
C VAL D 218 -1.55 12.32 -7.74
N LYS D 219 -1.87 11.06 -8.03
CA LYS D 219 -1.19 10.36 -9.11
C LYS D 219 -1.54 10.96 -10.46
N ILE D 220 -2.84 11.22 -10.70
CA ILE D 220 -3.26 11.83 -11.96
C ILE D 220 -2.56 13.18 -12.14
N ARG D 221 -2.49 13.97 -11.08
CA ARG D 221 -1.81 15.26 -11.17
C ARG D 221 -0.32 15.07 -11.48
N ASN D 222 0.35 14.22 -10.70
CA ASN D 222 1.78 14.02 -10.89
C ASN D 222 2.11 13.46 -12.26
N ASP D 223 1.24 12.59 -12.80
CA ASP D 223 1.51 12.01 -14.11
C ASP D 223 1.32 13.04 -15.22
N LEU D 224 0.27 13.87 -15.12
CA LEU D 224 0.11 14.95 -16.07
C LEU D 224 1.32 15.88 -16.06
N LEU D 225 1.69 16.37 -14.88
CA LEU D 225 2.83 17.29 -14.79
C LEU D 225 4.12 16.63 -15.26
N ASN D 226 4.32 15.36 -14.90
CA ASN D 226 5.48 14.64 -15.43
C ASN D 226 5.49 14.66 -16.95
N LYS D 227 4.32 14.56 -17.58
CA LYS D 227 4.25 14.56 -19.03
C LYS D 227 4.66 15.93 -19.59
N ILE D 228 4.20 17.01 -18.95
CA ILE D 228 4.51 18.35 -19.43
C ILE D 228 6.01 18.60 -19.36
N LEU D 229 6.60 18.41 -18.17
CA LEU D 229 8.05 18.59 -18.03
C LEU D 229 8.82 17.68 -18.97
N GLU D 230 8.23 16.56 -19.39
CA GLU D 230 8.90 15.67 -20.33
C GLU D 230 8.92 16.27 -21.73
N ASN D 231 7.77 16.70 -22.22
CA ASN D 231 7.71 17.30 -23.55
C ASN D 231 8.44 18.63 -23.60
N TYR D 232 8.36 19.42 -22.52
CA TYR D 232 8.93 20.75 -22.52
C TYR D 232 10.45 20.75 -22.52
N LYS D 233 11.08 19.62 -22.15
CA LYS D 233 12.53 19.53 -22.24
C LYS D 233 13.04 19.80 -23.65
N GLU D 234 12.18 19.67 -24.67
CA GLU D 234 12.57 20.00 -26.04
C GLU D 234 12.45 21.48 -26.32
N LYS D 235 11.36 22.10 -25.85
CA LYS D 235 11.04 23.48 -26.21
C LYS D 235 11.87 24.51 -25.44
N PHE D 236 12.68 24.09 -24.47
CA PHE D 236 13.42 25.03 -23.63
C PHE D 236 14.62 25.58 -24.37
N ARG D 237 14.84 26.88 -24.26
CA ARG D 237 15.97 27.57 -24.84
C ARG D 237 16.69 28.37 -23.76
N SER D 238 18.00 28.15 -23.61
CA SER D 238 18.78 28.91 -22.64
C SER D 238 18.60 30.40 -22.84
N ASP D 239 18.55 30.84 -24.10
CA ASP D 239 18.49 32.26 -24.40
C ASP D 239 17.12 32.88 -24.14
N SER D 240 16.05 32.08 -24.09
CA SER D 240 14.69 32.58 -23.98
C SER D 240 14.08 32.12 -22.67
N ILE D 241 13.92 33.04 -21.73
CA ILE D 241 13.28 32.79 -20.45
C ILE D 241 11.99 33.60 -20.42
N THR D 242 10.85 32.91 -20.46
CA THR D 242 9.56 33.59 -20.58
C THR D 242 8.46 33.01 -19.69
N ASN D 243 8.71 31.93 -18.96
CA ASN D 243 7.71 31.36 -18.08
C ASN D 243 8.40 30.75 -16.87
N MET D 244 7.58 30.29 -15.91
CA MET D 244 8.13 29.77 -14.67
C MET D 244 8.99 28.54 -14.91
N LEU D 245 8.55 27.65 -15.80
CA LEU D 245 9.32 26.45 -16.07
C LEU D 245 10.68 26.79 -16.67
N ASP D 246 10.74 27.84 -17.50
CA ASP D 246 12.03 28.32 -18.00
C ASP D 246 12.91 28.79 -16.84
N THR D 247 12.34 29.57 -15.92
CA THR D 247 13.10 30.07 -14.79
C THR D 247 13.70 28.92 -13.98
N LEU D 248 12.92 27.88 -13.74
CA LEU D 248 13.41 26.77 -12.91
C LEU D 248 14.47 25.96 -13.66
N MET D 249 14.26 25.68 -14.94
CA MET D 249 15.26 24.96 -15.71
C MET D 249 16.52 25.80 -15.90
N GLN D 250 16.36 27.10 -16.15
CA GLN D 250 17.50 27.99 -16.25
C GLN D 250 18.34 27.95 -14.98
N ALA D 251 17.67 27.97 -13.81
CA ALA D 251 18.40 27.96 -12.54
C ALA D 251 19.13 26.63 -12.34
N LYS D 252 18.55 25.53 -12.79
CA LYS D 252 19.22 24.24 -12.67
C LYS D 252 20.43 24.17 -13.58
N MET D 253 20.30 24.67 -14.81
CA MET D 253 21.43 24.67 -15.74
C MET D 253 22.65 25.34 -15.11
N ASN D 254 22.45 26.53 -14.54
CA ASN D 254 23.56 27.27 -13.95
C ASN D 254 24.26 26.51 -12.82
N SER D 255 23.66 25.43 -12.33
CA SER D 255 24.30 24.57 -11.35
C SER D 255 25.30 23.68 -12.07
N ASP D 256 26.58 24.01 -11.97
CA ASP D 256 27.63 23.26 -12.65
C ASP D 256 29.00 23.57 -12.04
N GLN D 264 25.54 22.30 -5.69
CA GLN D 264 24.83 22.72 -4.48
C GLN D 264 23.33 22.84 -4.76
N ASP D 265 22.94 23.91 -5.47
CA ASP D 265 21.54 24.10 -5.81
C ASP D 265 21.01 22.99 -6.71
N SER D 266 21.88 22.28 -7.41
CA SER D 266 21.45 21.23 -8.33
C SER D 266 20.49 20.27 -7.65
N GLU D 267 20.88 19.74 -6.48
CA GLU D 267 20.02 18.80 -5.77
C GLU D 267 18.68 19.44 -5.41
N LEU D 268 18.65 20.76 -5.21
CA LEU D 268 17.42 21.46 -4.90
C LEU D 268 16.53 21.66 -6.11
N LEU D 269 16.99 21.30 -7.30
CA LEU D 269 16.26 21.55 -8.53
C LEU D 269 16.11 20.27 -9.36
N SER D 270 15.95 19.14 -8.70
CA SER D 270 15.64 17.92 -9.43
C SER D 270 14.26 18.02 -10.06
N ASP D 271 13.95 17.06 -10.93
CA ASP D 271 12.67 17.09 -11.62
C ASP D 271 11.50 17.14 -10.64
N ASN D 272 11.60 16.41 -9.53
CA ASN D 272 10.49 16.35 -8.59
C ASN D 272 10.31 17.66 -7.84
N HIS D 273 11.39 18.38 -7.56
CA HIS D 273 11.26 19.71 -6.95
C HIS D 273 10.57 20.67 -7.90
N ILE D 274 11.01 20.70 -9.16
CA ILE D 274 10.38 21.57 -10.16
C ILE D 274 8.92 21.19 -10.32
N LEU D 275 8.61 19.90 -10.33
CA LEU D 275 7.24 19.44 -10.54
C LEU D 275 6.34 19.88 -9.38
N THR D 276 6.75 19.57 -8.15
CA THR D 276 5.93 19.95 -6.99
C THR D 276 5.71 21.46 -6.96
N THR D 277 6.75 22.24 -7.26
CA THR D 277 6.61 23.69 -7.23
C THR D 277 5.62 24.16 -8.29
N ILE D 278 5.71 23.63 -9.51
CA ILE D 278 4.71 23.94 -10.53
C ILE D 278 3.32 23.59 -10.01
N GLY D 279 3.18 22.44 -9.36
CA GLY D 279 1.89 22.05 -8.83
C GLY D 279 1.32 23.08 -7.87
N ASP D 280 2.12 23.50 -6.89
CA ASP D 280 1.68 24.52 -5.94
C ASP D 280 1.23 25.78 -6.65
N ILE D 281 2.02 26.24 -7.62
CA ILE D 281 1.67 27.44 -8.36
C ILE D 281 0.45 27.19 -9.25
N PHE D 282 0.40 26.02 -9.88
CA PHE D 282 -0.70 25.73 -10.80
C PHE D 282 -2.01 25.53 -10.06
N GLY D 283 -1.97 24.91 -8.89
CA GLY D 283 -3.17 24.67 -8.11
C GLY D 283 -3.65 25.91 -7.39
N ALA D 284 -2.73 26.63 -6.77
CA ALA D 284 -3.09 27.85 -6.06
C ALA D 284 -3.60 28.92 -7.02
N GLY D 285 -2.97 29.05 -8.19
CA GLY D 285 -3.38 30.05 -9.15
C GLY D 285 -4.78 29.86 -9.69
N VAL D 286 -5.34 28.66 -9.54
CA VAL D 286 -6.65 28.33 -10.11
C VAL D 286 -7.71 28.32 -9.03
N GLU D 287 -7.50 27.51 -7.99
CA GLU D 287 -8.56 27.25 -7.03
C GLU D 287 -8.83 28.45 -6.14
N THR D 288 -7.81 29.26 -5.84
CA THR D 288 -8.03 30.43 -4.98
C THR D 288 -8.91 31.46 -5.67
N THR D 289 -8.44 32.01 -6.79
CA THR D 289 -9.17 33.08 -7.45
C THR D 289 -10.58 32.64 -7.84
N THR D 290 -10.71 31.41 -8.35
CA THR D 290 -12.04 30.90 -8.69
C THR D 290 -12.96 30.94 -7.48
N SER D 291 -12.41 30.65 -6.30
CA SER D 291 -13.24 30.61 -5.09
C SER D 291 -13.73 32.01 -4.70
N VAL D 292 -12.85 33.01 -4.78
CA VAL D 292 -13.25 34.36 -4.40
C VAL D 292 -14.25 34.93 -5.41
N VAL D 293 -14.03 34.65 -6.69
CA VAL D 293 -15.01 35.06 -7.71
C VAL D 293 -16.38 34.50 -7.37
N LYS D 294 -16.46 33.19 -7.12
CA LYS D 294 -17.74 32.58 -6.76
C LYS D 294 -18.29 33.21 -5.49
N TRP D 295 -17.43 33.52 -4.51
CA TRP D 295 -17.91 34.15 -3.28
C TRP D 295 -18.50 35.52 -3.56
N THR D 296 -17.80 36.34 -4.35
CA THR D 296 -18.29 37.69 -4.63
C THR D 296 -19.69 37.66 -5.22
N LEU D 297 -19.90 36.84 -6.25
CA LEU D 297 -21.20 36.80 -6.91
C LEU D 297 -22.31 36.45 -5.93
N ALA D 298 -22.06 35.50 -5.02
CA ALA D 298 -23.08 35.11 -4.07
C ALA D 298 -23.41 36.24 -3.10
N PHE D 299 -22.46 37.12 -2.82
CA PHE D 299 -22.73 38.26 -1.95
C PHE D 299 -23.56 39.31 -2.68
N LEU D 300 -23.18 39.64 -3.91
CA LEU D 300 -23.98 40.58 -4.70
C LEU D 300 -25.40 40.08 -4.88
N LEU D 301 -25.59 38.75 -4.85
CA LEU D 301 -26.95 38.20 -4.92
C LEU D 301 -27.73 38.51 -3.66
N HIS D 302 -27.07 38.44 -2.50
CA HIS D 302 -27.72 38.76 -1.22
C HIS D 302 -27.73 40.25 -0.92
N ASN D 303 -27.12 41.07 -1.76
CA ASN D 303 -27.03 42.51 -1.53
C ASN D 303 -27.25 43.24 -2.84
N PRO D 304 -28.50 43.28 -3.34
CA PRO D 304 -28.76 43.94 -4.62
C PRO D 304 -28.44 45.42 -4.61
N GLN D 305 -28.65 46.10 -3.48
CA GLN D 305 -28.30 47.51 -3.37
C GLN D 305 -26.83 47.72 -3.74
N VAL D 306 -25.93 46.94 -3.11
CA VAL D 306 -24.53 47.03 -3.47
C VAL D 306 -24.32 46.68 -4.94
N LYS D 307 -25.13 45.76 -5.47
CA LYS D 307 -25.00 45.38 -6.86
C LYS D 307 -25.46 46.49 -7.80
N LYS D 308 -26.55 47.17 -7.45
CA LYS D 308 -27.03 48.28 -8.27
C LYS D 308 -25.98 49.39 -8.33
N LYS D 309 -25.57 49.90 -7.16
CA LYS D 309 -24.52 50.90 -7.11
C LYS D 309 -23.29 50.46 -7.88
N LEU D 310 -23.01 49.16 -7.91
CA LEU D 310 -21.86 48.66 -8.64
C LEU D 310 -22.06 48.80 -10.15
N TYR D 311 -23.23 48.41 -10.65
CA TYR D 311 -23.53 48.62 -12.06
C TYR D 311 -23.33 50.07 -12.46
N GLU D 312 -23.77 51.00 -11.61
CA GLU D 312 -23.71 52.41 -11.95
C GLU D 312 -22.26 52.90 -12.02
N GLU D 313 -21.39 52.40 -11.14
CA GLU D 313 -20.03 52.92 -11.07
C GLU D 313 -19.24 52.61 -12.35
N ILE D 314 -19.54 51.50 -13.02
CA ILE D 314 -18.86 51.20 -14.27
C ILE D 314 -19.41 52.05 -15.40
N ASP D 315 -20.73 52.10 -15.53
CA ASP D 315 -21.36 52.91 -16.57
C ASP D 315 -20.81 54.33 -16.57
N GLN D 316 -20.67 54.92 -15.38
CA GLN D 316 -20.19 56.30 -15.28
C GLN D 316 -18.71 56.39 -15.65
N ASN D 317 -17.86 55.61 -14.97
CA ASN D 317 -16.42 55.83 -15.01
C ASN D 317 -15.73 55.12 -16.16
N VAL D 318 -16.27 53.99 -16.62
CA VAL D 318 -15.70 53.24 -17.73
C VAL D 318 -16.48 53.46 -19.02
N GLY D 319 -17.80 53.25 -18.96
CA GLY D 319 -18.64 53.41 -20.13
C GLY D 319 -18.85 52.11 -20.87
N PHE D 320 -19.05 52.20 -22.18
CA PHE D 320 -19.21 51.02 -23.03
C PHE D 320 -18.32 51.05 -24.26
N SER D 321 -17.58 52.13 -24.49
CA SER D 321 -16.71 52.20 -25.66
C SER D 321 -15.59 51.18 -25.57
N ARG D 322 -15.02 50.99 -24.39
CA ARG D 322 -13.92 50.07 -24.16
C ARG D 322 -14.31 49.08 -23.06
N THR D 323 -13.37 48.22 -22.72
CA THR D 323 -13.54 47.26 -21.65
C THR D 323 -12.68 47.62 -20.45
N PRO D 324 -13.04 47.16 -19.26
CA PRO D 324 -12.28 47.54 -18.05
C PRO D 324 -10.78 47.32 -18.20
N THR D 325 -10.03 48.38 -17.91
CA THR D 325 -8.58 48.32 -17.83
C THR D 325 -8.15 48.13 -16.38
N ILE D 326 -6.87 47.79 -16.18
CA ILE D 326 -6.34 47.74 -14.83
C ILE D 326 -6.17 49.15 -14.26
N SER D 327 -6.06 50.16 -15.13
CA SER D 327 -6.02 51.54 -14.70
C SER D 327 -7.35 52.03 -14.12
N ASP D 328 -8.39 51.19 -14.14
CA ASP D 328 -9.71 51.58 -13.65
C ASP D 328 -9.89 51.31 -12.17
N ARG D 329 -8.89 50.73 -11.49
CA ARG D 329 -8.96 50.60 -10.04
C ARG D 329 -9.18 51.97 -9.39
N ASN D 330 -8.52 52.99 -9.94
CA ASN D 330 -8.65 54.34 -9.38
C ASN D 330 -10.06 54.88 -9.53
N ARG D 331 -10.77 54.47 -10.58
CA ARG D 331 -12.11 54.97 -10.83
C ARG D 331 -13.19 54.05 -10.26
N LEU D 332 -12.95 52.73 -10.24
CA LEU D 332 -13.94 51.77 -9.76
C LEU D 332 -13.66 51.47 -8.30
N LEU D 333 -14.06 52.40 -7.42
CA LEU D 333 -13.70 52.31 -6.01
C LEU D 333 -14.58 51.32 -5.26
N LEU D 334 -15.91 51.43 -5.41
CA LEU D 334 -16.79 50.51 -4.71
C LEU D 334 -16.50 49.06 -5.10
N LEU D 335 -16.00 48.82 -6.31
CA LEU D 335 -15.64 47.47 -6.72
C LEU D 335 -14.45 46.97 -5.93
N GLU D 336 -13.36 47.75 -5.90
CA GLU D 336 -12.20 47.37 -5.11
C GLU D 336 -12.57 47.14 -3.66
N ALA D 337 -13.48 47.97 -3.13
CA ALA D 337 -13.91 47.80 -1.74
C ALA D 337 -14.72 46.52 -1.56
N THR D 338 -15.60 46.21 -2.53
CA THR D 338 -16.38 44.98 -2.46
C THR D 338 -15.46 43.76 -2.43
N ILE D 339 -14.37 43.80 -3.19
CA ILE D 339 -13.39 42.72 -3.16
C ILE D 339 -12.74 42.62 -1.78
N ARG D 340 -12.27 43.76 -1.26
CA ARG D 340 -11.63 43.76 0.05
C ARG D 340 -12.59 43.23 1.13
N GLU D 341 -13.86 43.58 1.04
CA GLU D 341 -14.82 43.11 2.03
C GLU D 341 -15.06 41.61 1.90
N VAL D 342 -15.07 41.09 0.67
CA VAL D 342 -15.21 39.65 0.48
C VAL D 342 -14.00 38.92 1.06
N LEU D 343 -12.80 39.48 0.86
CA LEU D 343 -11.61 38.88 1.45
C LEU D 343 -11.60 39.00 2.97
N ARG D 344 -12.37 39.95 3.53
CA ARG D 344 -12.49 40.04 4.98
C ARG D 344 -13.50 39.02 5.50
N LEU D 345 -14.72 39.04 4.95
CA LEU D 345 -15.79 38.19 5.48
C LEU D 345 -15.50 36.71 5.24
N ARG D 346 -15.03 36.37 4.04
CA ARG D 346 -14.76 34.99 3.65
C ARG D 346 -13.33 34.90 3.14
N PRO D 347 -12.35 34.93 4.04
CA PRO D 347 -10.95 34.85 3.59
C PRO D 347 -10.67 33.49 2.96
N VAL D 348 -9.83 33.51 1.92
CA VAL D 348 -9.46 32.28 1.24
C VAL D 348 -8.94 31.25 2.23
N ALA D 349 -8.10 31.69 3.17
CA ALA D 349 -7.53 30.82 4.20
C ALA D 349 -7.91 31.38 5.56
N PRO D 350 -9.07 31.00 6.11
CA PRO D 350 -9.48 31.57 7.41
C PRO D 350 -8.49 31.31 8.53
N MET D 351 -7.64 30.28 8.40
CA MET D 351 -6.60 30.03 9.39
C MET D 351 -5.22 29.98 8.74
N LEU D 352 -5.05 30.61 7.59
CA LEU D 352 -3.77 30.69 6.88
C LEU D 352 -3.33 29.25 6.59
N ILE D 353 -2.03 28.96 6.69
CA ILE D 353 -1.50 27.60 6.65
C ILE D 353 -0.70 27.45 7.93
N PRO D 354 -0.76 26.32 8.63
CA PRO D 354 -0.09 26.21 9.92
C PRO D 354 1.37 26.63 9.86
N HIS D 355 1.81 27.39 10.86
CA HIS D 355 3.20 27.73 11.06
C HIS D 355 3.81 26.80 12.12
N LYS D 356 5.14 26.85 12.23
CA LYS D 356 5.87 26.05 13.19
C LYS D 356 7.03 26.86 13.74
N ALA D 357 7.25 26.75 15.05
CA ALA D 357 8.35 27.45 15.70
C ALA D 357 9.66 26.77 15.36
N ASN D 358 10.48 27.43 14.53
CA ASN D 358 11.80 26.89 14.19
C ASN D 358 12.75 26.90 15.38
N VAL D 359 12.51 27.76 16.36
CA VAL D 359 13.39 27.90 17.52
C VAL D 359 12.53 28.22 18.74
N ASP D 360 13.14 28.09 19.91
CA ASP D 360 12.52 28.62 21.12
C ASP D 360 12.33 30.12 20.97
N SER D 361 11.09 30.56 21.10
CA SER D 361 10.76 31.97 20.91
C SER D 361 9.60 32.32 21.83
N SER D 362 9.00 33.49 21.61
CA SER D 362 7.87 33.94 22.40
C SER D 362 6.86 34.65 21.52
N ILE D 363 5.60 34.62 21.95
CA ILE D 363 4.53 35.38 21.32
C ILE D 363 3.95 36.26 22.41
N GLY D 364 4.38 37.52 22.47
CA GLY D 364 3.83 38.46 23.43
C GLY D 364 3.91 37.97 24.86
N GLU D 365 5.13 37.69 25.33
CA GLU D 365 5.42 37.39 26.74
C GLU D 365 5.19 35.93 27.09
N PHE D 366 4.42 35.20 26.29
CA PHE D 366 4.27 33.76 26.46
C PHE D 366 5.40 33.03 25.75
N ALA D 367 5.89 31.97 26.38
CA ALA D 367 6.93 31.16 25.77
C ALA D 367 6.35 30.19 24.76
N VAL D 368 7.11 29.94 23.69
CA VAL D 368 6.73 28.99 22.65
C VAL D 368 7.95 28.14 22.34
N ASP D 369 7.83 26.83 22.47
CA ASP D 369 8.97 25.94 22.32
C ASP D 369 9.21 25.61 20.85
N LYS D 370 10.45 25.23 20.55
CA LYS D 370 10.79 24.75 19.22
C LYS D 370 9.87 23.61 18.81
N GLY D 371 9.43 23.63 17.55
CA GLY D 371 8.57 22.60 17.03
C GLY D 371 7.10 22.79 17.31
N THR D 372 6.71 23.79 18.10
CA THR D 372 5.30 24.02 18.37
C THR D 372 4.59 24.50 17.12
N GLU D 373 3.41 23.93 16.87
CA GLU D 373 2.57 24.36 15.76
C GLU D 373 1.86 25.66 16.15
N VAL D 374 2.01 26.68 15.32
CA VAL D 374 1.35 27.96 15.52
C VAL D 374 0.34 28.17 14.39
N ILE D 375 -0.85 28.64 14.75
CA ILE D 375 -1.94 28.80 13.79
C ILE D 375 -2.58 30.16 14.03
N ILE D 376 -2.56 31.00 13.00
CA ILE D 376 -3.23 32.30 13.04
C ILE D 376 -4.68 32.09 12.65
N ASN D 377 -5.60 32.47 13.55
CA ASN D 377 -7.03 32.41 13.25
C ASN D 377 -7.40 33.72 12.57
N LEU D 378 -7.21 33.78 11.25
CA LEU D 378 -7.51 34.99 10.50
C LEU D 378 -8.98 35.35 10.58
N TRP D 379 -9.85 34.35 10.69
CA TRP D 379 -11.27 34.63 10.86
C TRP D 379 -11.52 35.49 12.10
N ALA D 380 -10.81 35.21 13.19
CA ALA D 380 -10.98 35.98 14.42
C ALA D 380 -10.50 37.42 14.24
N LEU D 381 -9.39 37.60 13.53
CA LEU D 381 -8.90 38.96 13.25
C LEU D 381 -9.91 39.73 12.41
N HIS D 382 -10.50 39.09 11.41
CA HIS D 382 -11.43 39.75 10.50
C HIS D 382 -12.82 39.93 11.09
N HIS D 383 -13.08 39.38 12.28
CA HIS D 383 -14.36 39.56 12.96
C HIS D 383 -14.18 40.11 14.36
N ASN D 384 -13.00 40.66 14.66
CA ASN D 384 -12.76 41.29 15.95
C ASN D 384 -13.76 42.42 16.16
N GLU D 385 -14.58 42.29 17.21
CA GLU D 385 -15.63 43.27 17.45
C GLU D 385 -15.10 44.66 17.78
N LYS D 386 -13.87 44.75 18.30
CA LYS D 386 -13.29 46.03 18.65
C LYS D 386 -12.66 46.74 17.47
N GLU D 387 -12.33 46.03 16.39
CA GLU D 387 -11.66 46.61 15.25
C GLU D 387 -12.56 46.76 14.03
N TRP D 388 -13.82 46.29 14.10
CA TRP D 388 -14.74 46.37 12.97
C TRP D 388 -16.12 46.74 13.47
N HIS D 389 -16.83 47.55 12.67
CA HIS D 389 -18.20 47.93 12.97
C HIS D 389 -19.14 46.91 12.32
N GLN D 390 -19.94 46.23 13.14
CA GLN D 390 -20.84 45.18 12.66
C GLN D 390 -20.05 44.24 11.77
N PRO D 391 -19.10 43.49 12.32
CA PRO D 391 -18.23 42.66 11.47
C PRO D 391 -18.95 41.55 10.74
N ASP D 392 -20.12 41.14 11.20
CA ASP D 392 -20.87 40.06 10.56
C ASP D 392 -21.75 40.55 9.41
N GLN D 393 -21.60 41.81 9.02
CA GLN D 393 -22.43 42.41 7.97
C GLN D 393 -21.58 42.67 6.73
N PHE D 394 -22.18 42.46 5.56
CA PHE D 394 -21.53 42.75 4.29
C PHE D 394 -21.64 44.24 4.01
N MET D 395 -20.58 44.99 4.33
CA MET D 395 -20.57 46.44 4.20
C MET D 395 -19.30 46.85 3.47
N PRO D 396 -19.31 46.84 2.13
CA PRO D 396 -18.14 47.34 1.39
C PRO D 396 -17.81 48.79 1.67
N GLU D 397 -18.75 49.54 2.24
CA GLU D 397 -18.53 50.96 2.48
C GLU D 397 -17.45 51.21 3.53
N ARG D 398 -17.13 50.22 4.36
CA ARG D 398 -16.13 50.42 5.40
C ARG D 398 -14.75 50.69 4.82
N PHE D 399 -14.52 50.30 3.56
CA PHE D 399 -13.24 50.56 2.90
C PHE D 399 -13.27 51.84 2.07
N LEU D 400 -14.29 52.68 2.24
CA LEU D 400 -14.36 53.99 1.62
C LEU D 400 -14.50 55.05 2.69
N ASN D 401 -13.98 56.25 2.41
CA ASN D 401 -14.25 57.38 3.28
C ASN D 401 -15.75 57.69 3.27
N PRO D 402 -16.24 58.44 4.26
CA PRO D 402 -17.69 58.71 4.32
C PRO D 402 -18.26 59.25 3.02
N ALA D 403 -17.41 59.87 2.21
CA ALA D 403 -17.86 60.41 0.92
C ALA D 403 -18.06 59.30 -0.10
N GLY D 404 -17.15 58.32 -0.12
CA GLY D 404 -17.14 57.33 -1.18
C GLY D 404 -16.23 57.70 -2.33
N THR D 405 -15.13 58.41 -2.05
CA THR D 405 -14.27 58.95 -3.08
C THR D 405 -12.84 58.43 -3.04
N GLN D 406 -12.45 57.69 -2.01
CA GLN D 406 -11.12 57.11 -1.95
C GLN D 406 -11.11 55.97 -0.95
N LEU D 407 -10.29 54.97 -1.22
CA LEU D 407 -10.21 53.78 -0.38
C LEU D 407 -9.46 54.07 0.91
N ILE D 408 -9.76 53.27 1.94
CA ILE D 408 -9.16 53.42 3.25
C ILE D 408 -8.85 52.04 3.82
N SER D 409 -7.90 52.01 4.76
CA SER D 409 -7.60 50.81 5.53
C SER D 409 -8.19 50.98 6.93
N PRO D 410 -9.46 50.62 7.14
CA PRO D 410 -10.13 50.96 8.40
C PRO D 410 -9.62 50.18 9.61
N SER D 411 -8.78 49.17 9.43
CA SER D 411 -8.37 48.36 10.56
C SER D 411 -7.05 47.65 10.25
N VAL D 412 -6.18 47.59 11.25
CA VAL D 412 -4.96 46.79 11.15
C VAL D 412 -5.27 45.30 11.21
N SER D 413 -6.42 44.93 11.77
CA SER D 413 -6.80 43.53 11.91
C SER D 413 -7.28 42.98 10.58
N TYR D 414 -6.52 43.24 9.51
CA TYR D 414 -6.92 42.87 8.15
C TYR D 414 -5.68 42.36 7.43
N LEU D 415 -5.62 41.05 7.18
CA LEU D 415 -4.47 40.42 6.54
C LEU D 415 -4.95 39.28 5.66
N PRO D 416 -5.66 39.60 4.58
CA PRO D 416 -6.18 38.51 3.71
C PRO D 416 -5.09 37.69 3.06
N PHE D 417 -3.97 38.30 2.69
CA PHE D 417 -2.86 37.60 2.05
C PHE D 417 -1.72 37.33 3.01
N GLY D 418 -1.97 37.38 4.31
CA GLY D 418 -0.92 37.11 5.26
C GLY D 418 0.10 38.22 5.34
N ALA D 419 1.28 37.86 5.82
CA ALA D 419 2.36 38.83 6.00
C ALA D 419 3.63 38.07 6.36
N GLY D 420 4.77 38.65 5.97
CA GLY D 420 6.05 38.14 6.38
C GLY D 420 6.60 37.07 5.46
N PRO D 421 7.55 36.27 5.97
CA PRO D 421 8.23 35.29 5.10
C PRO D 421 7.29 34.35 4.36
N ARG D 422 6.15 34.01 4.93
CA ARG D 422 5.26 33.06 4.29
C ARG D 422 4.04 33.70 3.66
N SER D 423 4.06 34.99 3.42
CA SER D 423 2.93 35.67 2.81
C SER D 423 2.72 35.18 1.38
N CYS D 424 1.50 35.41 0.88
CA CYS D 424 1.17 35.04 -0.49
C CYS D 424 2.18 35.62 -1.46
N ILE D 425 2.62 34.77 -2.40
CA ILE D 425 3.50 35.21 -3.48
C ILE D 425 2.73 35.52 -4.76
N GLY D 426 1.42 35.26 -4.80
CA GLY D 426 0.62 35.55 -5.97
C GLY D 426 -0.46 36.57 -5.68
N GLU D 427 -0.17 37.52 -4.78
CA GLU D 427 -1.14 38.55 -4.45
C GLU D 427 -1.41 39.46 -5.64
N ILE D 428 -0.33 39.93 -6.29
CA ILE D 428 -0.49 40.77 -7.47
C ILE D 428 -1.41 40.10 -8.49
N LEU D 429 -1.09 38.85 -8.83
CA LEU D 429 -1.90 38.11 -9.79
C LEU D 429 -3.36 38.05 -9.33
N ALA D 430 -3.59 37.79 -8.05
CA ALA D 430 -4.95 37.64 -7.55
C ALA D 430 -5.73 38.94 -7.63
N ARG D 431 -5.07 40.06 -7.34
CA ARG D 431 -5.78 41.33 -7.31
C ARG D 431 -6.15 41.82 -8.71
N GLN D 432 -5.38 41.42 -9.73
CA GLN D 432 -5.72 41.81 -11.09
C GLN D 432 -6.81 40.91 -11.68
N GLU D 433 -6.72 39.60 -11.47
CA GLU D 433 -7.74 38.70 -11.98
C GLU D 433 -9.10 39.00 -11.37
N LEU D 434 -9.14 39.26 -10.05
CA LEU D 434 -10.41 39.50 -9.39
C LEU D 434 -11.05 40.80 -9.83
N PHE D 435 -10.25 41.86 -9.93
CA PHE D 435 -10.78 43.16 -10.34
C PHE D 435 -11.34 43.09 -11.76
N LEU D 436 -10.57 42.52 -12.69
CA LEU D 436 -10.97 42.54 -14.09
C LEU D 436 -12.15 41.63 -14.36
N ILE D 437 -12.12 40.41 -13.81
CA ILE D 437 -13.25 39.49 -13.98
C ILE D 437 -14.54 40.16 -13.55
N MET D 438 -14.55 40.73 -12.35
CA MET D 438 -15.77 41.36 -11.84
C MET D 438 -16.14 42.59 -12.65
N ALA D 439 -15.14 43.34 -13.13
CA ALA D 439 -15.43 44.53 -13.92
C ALA D 439 -16.14 44.15 -15.23
N TRP D 440 -15.58 43.19 -15.97
CA TRP D 440 -16.18 42.79 -17.24
C TRP D 440 -17.56 42.19 -17.02
N LEU D 441 -17.71 41.36 -15.98
CA LEU D 441 -18.99 40.69 -15.74
C LEU D 441 -20.09 41.68 -15.37
N LEU D 442 -19.74 42.72 -14.61
CA LEU D 442 -20.75 43.70 -14.20
C LEU D 442 -21.14 44.61 -15.35
N GLN D 443 -20.17 44.96 -16.20
CA GLN D 443 -20.45 45.83 -17.33
C GLN D 443 -21.36 45.19 -18.37
N ARG D 444 -21.35 43.88 -18.43
CA ARG D 444 -22.06 43.19 -19.47
C ARG D 444 -23.20 42.25 -19.10
N PHE D 445 -23.18 41.79 -17.78
CA PHE D 445 -24.26 40.89 -17.49
C PHE D 445 -25.08 41.35 -16.36
N ASP D 446 -26.23 40.71 -16.16
CA ASP D 446 -27.14 41.06 -15.07
C ASP D 446 -27.31 39.88 -14.12
N LEU D 447 -26.39 39.73 -13.18
CA LEU D 447 -26.44 38.63 -12.22
C LEU D 447 -27.65 38.77 -11.29
N GLU D 448 -28.62 37.86 -11.45
CA GLU D 448 -29.83 37.89 -10.63
C GLU D 448 -30.16 36.47 -10.16
N VAL D 449 -30.87 36.42 -9.04
CA VAL D 449 -31.26 35.15 -8.40
C VAL D 449 -31.95 34.29 -9.45
N PRO D 450 -31.71 32.96 -9.47
CA PRO D 450 -32.35 32.12 -10.48
C PRO D 450 -33.87 32.27 -10.51
N ASP D 451 -34.51 31.78 -11.58
CA ASP D 451 -35.95 31.85 -11.68
C ASP D 451 -36.62 31.24 -10.46
N ASP D 452 -35.94 30.30 -9.79
CA ASP D 452 -36.41 29.75 -8.53
C ASP D 452 -35.92 30.63 -7.38
N GLY D 453 -36.81 30.86 -6.42
CA GLY D 453 -36.46 31.68 -5.27
C GLY D 453 -35.44 31.01 -4.37
N GLN D 454 -34.23 30.81 -4.88
CA GLN D 454 -33.17 30.13 -4.14
C GLN D 454 -31.94 31.02 -4.10
N LEU D 455 -31.42 31.24 -2.90
CA LEU D 455 -30.24 32.08 -2.70
C LEU D 455 -29.02 31.22 -2.37
N PRO D 456 -27.82 31.60 -2.81
CA PRO D 456 -26.63 30.83 -2.46
C PRO D 456 -26.41 30.82 -0.95
N SER D 457 -26.00 29.67 -0.44
CA SER D 457 -25.66 29.53 0.98
C SER D 457 -24.29 30.14 1.23
N LEU D 458 -24.21 31.07 2.17
CA LEU D 458 -22.95 31.72 2.53
C LEU D 458 -22.33 31.10 3.77
N GLU D 459 -22.82 29.94 4.21
CA GLU D 459 -22.24 29.27 5.38
C GLU D 459 -20.79 28.85 5.10
N GLY D 460 -20.52 28.37 3.89
CA GLY D 460 -19.16 28.05 3.50
C GLY D 460 -18.76 26.62 3.86
N ILE D 461 -17.65 26.20 3.25
CA ILE D 461 -17.11 24.85 3.45
C ILE D 461 -15.62 24.98 3.73
N PRO D 462 -15.15 24.75 4.95
CA PRO D 462 -13.71 24.89 5.24
C PRO D 462 -12.92 23.73 4.65
N LYS D 463 -11.96 24.06 3.81
CA LYS D 463 -10.99 23.10 3.28
C LYS D 463 -9.62 23.77 3.35
N VAL D 464 -8.65 23.22 2.62
CA VAL D 464 -7.39 23.94 2.45
C VAL D 464 -7.67 25.33 1.89
N VAL D 465 -8.74 25.47 1.12
CA VAL D 465 -9.29 26.74 0.71
C VAL D 465 -10.73 26.81 1.23
N PHE D 466 -11.17 28.02 1.55
CA PHE D 466 -12.53 28.22 2.05
C PHE D 466 -13.48 28.26 0.86
N LEU D 467 -14.30 27.23 0.72
CA LEU D 467 -15.15 27.06 -0.45
C LEU D 467 -16.60 27.39 -0.13
N ILE D 468 -17.34 27.75 -1.18
CA ILE D 468 -18.78 27.96 -1.10
C ILE D 468 -19.47 26.82 -1.83
N ASP D 469 -20.66 26.46 -1.35
CA ASP D 469 -21.47 25.47 -2.03
C ASP D 469 -21.76 25.93 -3.46
N SER D 470 -21.82 24.97 -4.38
CA SER D 470 -22.16 25.29 -5.75
C SER D 470 -23.56 25.90 -5.81
N PHE D 471 -23.70 26.98 -6.58
CA PHE D 471 -24.96 27.69 -6.68
C PHE D 471 -25.17 28.12 -8.13
N LYS D 472 -26.43 28.38 -8.47
CA LYS D 472 -26.81 28.80 -9.81
C LYS D 472 -27.28 30.25 -9.79
N VAL D 473 -26.97 30.98 -10.87
CA VAL D 473 -27.37 32.36 -11.02
C VAL D 473 -27.93 32.56 -12.42
N LYS D 474 -29.12 33.14 -12.50
CA LYS D 474 -29.67 33.55 -13.79
C LYS D 474 -28.83 34.69 -14.35
N ILE D 475 -28.36 34.52 -15.58
CA ILE D 475 -27.55 35.54 -16.23
C ILE D 475 -28.13 35.90 -17.59
N LYS D 476 -28.01 37.17 -17.99
CA LYS D 476 -28.53 37.63 -19.28
C LYS D 476 -27.81 38.90 -19.68
N VAL D 477 -27.63 39.12 -20.98
CA VAL D 477 -26.96 40.31 -21.46
C VAL D 477 -27.69 41.56 -20.94
N ARG D 478 -26.96 42.50 -20.34
CA ARG D 478 -27.57 43.72 -19.83
C ARG D 478 -28.15 44.55 -20.97
N GLN D 479 -29.27 45.21 -20.71
CA GLN D 479 -29.91 46.03 -21.74
C GLN D 479 -28.97 47.13 -22.23
N ALA D 480 -28.28 47.79 -21.30
CA ALA D 480 -27.37 48.86 -21.68
C ALA D 480 -26.27 48.36 -22.61
N TRP D 481 -25.83 47.12 -22.43
CA TRP D 481 -24.79 46.57 -23.30
C TRP D 481 -25.35 46.25 -24.68
N ARG D 482 -26.63 45.87 -24.75
CA ARG D 482 -27.26 45.61 -26.04
C ARG D 482 -26.95 46.72 -27.03
N GLU D 483 -27.29 47.96 -26.66
CA GLU D 483 -27.02 49.10 -27.53
C GLU D 483 -25.52 49.28 -27.71
N ALA D 484 -24.93 48.53 -28.63
CA ALA D 484 -23.50 48.58 -28.88
C ALA D 484 -23.22 48.58 -30.38
CHA HEM E . -19.62 -10.44 25.83
CHB HEM E . -15.49 -12.83 24.97
CHC HEM E . -17.80 -15.40 21.57
CHD HEM E . -22.03 -13.46 22.90
C1A HEM E . -18.29 -10.78 25.80
C2A HEM E . -17.22 -10.03 26.41
C3A HEM E . -16.07 -10.67 26.17
C4A HEM E . -16.39 -11.87 25.42
CMA HEM E . -14.67 -10.22 26.63
CAA HEM E . -17.40 -8.68 27.15
CBA HEM E . -17.31 -8.90 28.67
CGA HEM E . -17.66 -7.61 29.38
O1A HEM E . -17.40 -7.52 30.59
O2A HEM E . -18.20 -6.69 28.71
C1B HEM E . -15.73 -13.71 23.93
C2B HEM E . -14.75 -14.51 23.22
C3B HEM E . -15.40 -15.22 22.27
C4B HEM E . -16.81 -14.88 22.37
CMB HEM E . -13.25 -14.47 23.57
CAB HEM E . -14.91 -16.24 21.22
CBB HEM E . -13.69 -16.77 21.16
C1C HEM E . -19.16 -15.19 21.70
C2C HEM E . -20.20 -15.99 21.11
C3C HEM E . -21.38 -15.48 21.46
C4C HEM E . -21.13 -14.32 22.30
CMC HEM E . -19.94 -17.23 20.23
CAC HEM E . -22.73 -16.10 21.00
CBC HEM E . -23.93 -15.65 21.37
C1D HEM E . -21.73 -12.42 23.75
C2D HEM E . -22.66 -11.41 24.20
C3D HEM E . -22.00 -10.57 25.01
C4D HEM E . -20.63 -11.03 25.10
CMD HEM E . -24.15 -11.32 23.82
CAD HEM E . -22.58 -9.34 25.74
CBD HEM E . -23.35 -9.83 26.97
CGD HEM E . -23.78 -8.67 27.82
O1D HEM E . -24.44 -8.91 28.87
O2D HEM E . -23.48 -7.50 27.46
NA HEM E . -17.75 -11.90 25.22
NB HEM E . -16.97 -13.96 23.38
NC HEM E . -19.76 -14.18 22.42
ND HEM E . -20.50 -12.15 24.31
FE HEM E . -18.74 -13.06 23.86
HHB HEM E . -14.58 -12.77 25.30
HHC HEM E . -17.52 -15.98 20.84
HHD HEM E . -22.98 -13.61 22.70
HMA HEM E . -14.47 -9.34 26.24
HMAA HEM E . -14.00 -10.88 26.33
HMAB HEM E . -14.65 -10.16 27.60
HAA HEM E . -18.28 -8.31 26.94
HAAA HEM E . -16.71 -8.07 26.88
HBA HEM E . -16.40 -9.16 28.90
HBAA HEM E . -17.93 -9.59 28.93
HMB HEM E . -12.91 -13.56 23.44
HMBA HEM E . -12.76 -15.07 22.99
HMBB HEM E . -13.12 -14.73 24.49
HAB HEM E . -15.54 -16.52 20.54
HBB HEM E . -13.47 -17.41 20.46
HBBA HEM E . -13.02 -16.53 21.82
HMC HEM E . -20.79 -17.62 19.94
HMCA HEM E . -19.45 -17.90 20.73
HMCB HEM E . -19.42 -16.98 19.45
HAC HEM E . -22.70 -16.86 20.41
HBC HEM E . -24.73 -16.08 21.04
HBCA HEM E . -24.00 -14.88 21.97
HMD HEM E . -24.56 -10.53 24.27
HMDA HEM E . -24.62 -12.13 24.10
HMDB HEM E . -24.24 -11.20 22.85
HAD HEM E . -23.19 -8.87 25.14
HADA HEM E . -21.86 -8.75 26.01
HBD HEM E . -22.78 -10.41 27.49
HBDA HEM E . -24.13 -10.33 26.68
HHA HEM E . -19.89 -9.71 26.42
C1 3NX F . -23.18 -7.13 15.03
C2 3NX F . -24.07 -7.21 16.01
C3 3NX F . -25.45 -6.80 15.75
O4 3NX F . -26.14 -7.43 14.97
N5 3NX F . -25.97 -5.73 16.40
C8 3NX F . -23.73 -7.72 17.38
C9 3NX F . -22.22 -7.60 17.65
C11 3NX F . -21.46 -8.24 16.48
C12 3NX F . -21.75 -7.53 15.17
C13 3NX F . -20.91 -6.25 15.13
C14 3NX F . -21.32 -8.43 14.02
C15 3NX F . -21.71 -7.82 12.68
C16 3NX F . -23.22 -7.66 12.64
O18 3NX F . -23.62 -7.26 11.32
C20 3NX F . -23.64 -6.62 13.67
C21 3NX F . -19.96 -8.25 16.74
C22 3NX F . -19.63 -9.02 18.03
C23 3NX F . -20.39 -8.34 19.14
C24 3NX F . -20.02 -6.86 19.18
C25 3NX F . -21.90 -8.49 18.86
C27 3NX F . -22.42 -8.00 20.22
C28 3NX F . -21.42 -8.64 21.18
C29 3NX F . -20.27 -8.89 20.52
C30 3NX F . -19.06 -9.52 21.08
C31 3NX F . -19.12 -10.75 21.75
N32 3NX F . -18.04 -11.29 22.25
C33 3NX F . -16.86 -10.71 22.14
C34 3NX F . -16.71 -9.51 21.48
C35 3NX F . -17.82 -8.89 20.95
CHA HEM G . -5.93 -14.87 -30.36
CHB HEM G . -8.37 -10.83 -29.22
CHC HEM G . -11.46 -13.53 -26.67
CHD HEM G . -9.38 -17.58 -28.29
C1A HEM G . -6.25 -13.55 -30.17
C2A HEM G . -5.40 -12.43 -30.49
C3A HEM G . -6.06 -11.31 -30.17
C4A HEM G . -7.37 -11.68 -29.66
CMA HEM G . -5.54 -9.86 -30.33
CAA HEM G . -3.96 -12.56 -31.04
CBA HEM G . -3.79 -11.93 -32.42
CGA HEM G . -2.43 -12.32 -32.95
O1A HEM G . -2.15 -12.02 -34.14
O2A HEM G . -1.65 -12.95 -32.19
C1B HEM G . -9.42 -11.19 -28.40
C2B HEM G . -10.36 -10.30 -27.75
C3B HEM G . -11.22 -11.06 -27.04
C4B HEM G . -10.83 -12.45 -27.23
CMB HEM G . -10.28 -8.77 -27.92
CAB HEM G . -12.43 -10.70 -26.13
CBB HEM G . -12.95 -9.49 -25.98
C1C HEM G . -11.24 -14.86 -26.97
C2C HEM G . -12.13 -15.96 -26.67
C3C HEM G . -11.56 -17.09 -27.12
C4C HEM G . -10.28 -16.72 -27.71
CMC HEM G . -13.49 -15.73 -25.95
CAC HEM G . -12.02 -18.57 -27.09
CBC HEM G . -13.18 -19.03 -26.60
C1D HEM G . -8.21 -17.21 -28.93
C2D HEM G . -7.15 -18.09 -29.36
C3D HEM G . -6.20 -17.34 -29.93
C4D HEM G . -6.63 -15.95 -29.88
CMD HEM G . -7.14 -19.62 -29.18
CAD HEM G . -4.88 -17.84 -30.54
CBD HEM G . -5.06 -18.02 -32.04
CGD HEM G . -3.82 -18.60 -32.67
O1D HEM G . -3.92 -19.14 -33.79
O2D HEM G . -2.73 -18.52 -32.05
NA HEM G . -7.45 -13.05 -29.68
NB HEM G . -9.74 -12.48 -28.06
NC HEM G . -10.13 -15.36 -27.60
ND HEM G . -7.86 -15.91 -29.26
FE HEM G . -8.78 -14.20 -28.64
HHB HEM G . -8.44 -9.95 -29.66
HHC HEM G . -12.14 -13.35 -25.98
HHD HEM G . -9.53 -18.54 -28.15
HMA HEM G . -4.74 -9.74 -29.79
HMAA HEM G . -6.24 -9.23 -30.02
HMAB HEM G . -5.34 -9.69 -31.27
HAA HEM G . -3.74 -13.51 -31.10
HAAA HEM G . -3.34 -12.14 -30.43
HBA HEM G . -3.85 -10.96 -32.33
HBAA HEM G . -4.49 -12.26 -33.01
HMB HEM G . -9.43 -8.45 -27.58
HMBA HEM G . -11.00 -8.35 -27.40
HMBB HEM G . -10.39 -8.54 -28.85
HAB HEM G . -12.85 -11.42 -25.65
HBB HEM G . -13.72 -9.36 -25.39
HBBA HEM G . -12.57 -8.73 -26.44
HMC HEM G . -13.95 -16.57 -25.83
HMCA HEM G . -14.04 -15.13 -26.47
HMCB HEM G . -13.33 -15.32 -25.08
HAC HEM G . -11.42 -19.23 -27.47
HBC HEM G . -13.38 -19.97 -26.63
HBCA HEM G . -13.82 -18.41 -26.21
HMD HEM G . -7.19 -19.84 -28.23
HMDA HEM G . -6.31 -19.98 -29.55
HMDB HEM G . -7.90 -20.01 -29.65
HAD HEM G . -4.64 -18.69 -30.14
HADA HEM G . -4.18 -17.20 -30.38
HBD HEM G . -5.25 -17.16 -32.44
HBDA HEM G . -5.81 -18.61 -32.21
HHA HEM G . -5.13 -15.07 -30.88
C1 3NX H . -4.65 -20.01 -19.82
C2 3NX H . -4.62 -20.73 -20.93
C3 3NX H . -4.32 -22.16 -20.86
O4 3NX H . -5.19 -22.96 -20.52
N5 3NX H . -3.09 -22.61 -21.18
C8 3NX H . -4.88 -20.14 -22.29
C9 3NX H . -4.64 -18.62 -22.28
C11 3NX H . -5.42 -18.00 -21.11
C12 3NX H . -4.94 -18.54 -19.78
C13 3NX H . -3.65 -17.82 -19.40
C14 3NX H . -5.99 -18.23 -18.72
C15 3NX H . -5.63 -18.88 -17.39
C16 3NX H . -5.56 -20.40 -17.58
O18 3NX H . -5.37 -21.04 -16.31
C20 3NX H . -4.39 -20.72 -18.51
C21 3NX H . -5.32 -16.47 -21.12
C22 3NX H . -5.84 -15.89 -22.46
C23 3NX H . -5.00 -16.52 -23.55
C24 3NX H . -3.52 -16.28 -23.25
C25 3NX H . -5.27 -18.06 -23.55
C27 3NX H . -4.57 -18.39 -24.87
C28 3NX H . -5.01 -17.22 -25.74
C29 3NX H . -5.27 -16.16 -24.96
C30 3NX H . -5.80 -14.85 -25.41
C31 3NX H . -6.92 -14.78 -26.22
N32 3NX H . -7.38 -13.61 -26.62
C33 3NX H . -6.81 -12.48 -26.27
C34 3NX H . -5.69 -12.46 -25.45
C35 3NX H . -5.17 -13.66 -25.01
CHA HEM I . 30.95 -0.18 4.39
CHB HEM I . 33.70 -4.17 4.37
CHC HEM I . 32.03 -5.30 8.77
CHD HEM I . 29.84 -0.98 9.07
C1A HEM I . 31.75 -1.21 3.96
C2A HEM I . 32.20 -1.42 2.60
C3A HEM I . 32.96 -2.52 2.59
C4A HEM I . 33.02 -3.04 3.95
CMA HEM I . 33.66 -3.16 1.39
CAA HEM I . 31.81 -0.52 1.41
CBA HEM I . 33.02 0.08 0.70
CGA HEM I . 32.52 1.09 -0.29
O1A HEM I . 33.36 1.81 -0.91
O2A HEM I . 31.28 1.18 -0.48
C1B HEM I . 33.48 -4.86 5.53
C2B HEM I . 34.00 -6.15 5.89
C3B HEM I . 33.55 -6.49 7.10
C4B HEM I . 32.71 -5.40 7.57
CMB HEM I . 34.94 -6.99 4.98
CAB HEM I . 33.93 -7.82 7.81
CBB HEM I . 33.40 -8.25 8.96
C1C HEM I . 31.38 -4.19 9.26
C2C HEM I . 30.98 -4.02 10.63
C3C HEM I . 30.37 -2.83 10.76
C4C HEM I . 30.36 -2.20 9.43
CMC HEM I . 31.23 -5.06 11.75
CAC HEM I . 29.80 -2.33 12.12
CBC HEM I . 29.19 -1.16 12.28
C1D HEM I . 29.90 -0.41 7.80
C2D HEM I . 29.24 0.80 7.37
C3D HEM I . 29.54 1.01 6.09
C4D HEM I . 30.42 -0.05 5.66
CMD HEM I . 28.32 1.68 8.24
CAD HEM I . 29.06 2.17 5.20
CBD HEM I . 29.98 3.38 5.40
CGD HEM I . 29.65 4.43 4.37
O1D HEM I . 30.10 5.60 4.53
O2D HEM I . 28.94 4.11 3.39
NA HEM I . 32.27 -2.21 4.75
NB HEM I . 32.69 -4.43 6.58
NC HEM I . 30.99 -3.07 8.56
ND HEM I . 30.62 -0.91 6.73
FE HEM I . 31.77 -2.59 6.68
HHB HEM I . 34.47 -4.44 3.83
HHC HEM I . 32.01 -6.11 9.33
HHD HEM I . 29.38 -0.46 9.76
HMA HEM I . 33.00 -3.40 0.70
HMAA HEM I . 34.15 -3.97 1.67
HMAB HEM I . 34.30 -2.52 1.00
HAA HEM I . 31.26 0.22 1.74
HAAA HEM I . 31.29 -1.03 0.77
HBA HEM I . 33.51 -0.63 0.24
HBAA HEM I . 33.61 0.51 1.35
HMB HEM I . 34.49 -7.18 4.15
HMBA HEM I . 35.17 -7.82 5.43
HMBB HEM I . 35.76 -6.49 4.80
HAB HEM I . 34.58 -8.38 7.38
HBB HEM I . 33.69 -9.10 9.33
HBBA HEM I . 32.74 -7.72 9.41
HMC HEM I . 30.88 -4.73 12.59
HMCA HEM I . 32.18 -5.21 11.85
HMCB HEM I . 30.79 -5.90 11.53
HAC HEM I . 29.91 -2.89 12.88
HBC HEM I . 28.86 -0.90 13.15
HBCA HEM I . 29.07 -0.56 11.52
HMD HEM I . 28.00 2.44 7.71
HMDA HEM I . 28.83 2.02 9.01
HMDB HEM I . 27.55 1.16 8.55
HAD HEM I . 28.16 2.41 5.45
HADA HEM I . 29.08 1.90 4.27
HBD HEM I . 30.91 3.10 5.30
HBDA HEM I . 29.85 3.75 6.29
HHA HEM I . 30.76 0.53 3.76
C1 3NX J . 20.32 -3.97 7.50
C2 3NX J . 20.68 -2.72 7.74
C3 3NX J . 19.69 -1.82 8.37
O4 3NX J . 19.44 -1.94 9.55
N5 3NX J . 19.08 -0.88 7.64
C8 3NX J . 22.04 -2.16 7.42
C9 3NX J . 22.79 -3.04 6.40
C11 3NX J . 22.68 -4.52 6.80
C12 3NX J . 21.24 -4.99 6.87
C13 3NX J . 20.75 -5.22 5.45
C14 3NX J . 21.19 -6.32 7.63
C15 3NX J . 19.75 -6.73 7.94
C16 3NX J . 19.08 -5.65 8.76
O18 3NX J . 17.80 -6.09 9.22
C20 3NX J . 18.92 -4.41 7.87
C21 3NX J . 23.47 -5.41 5.86
C22 3NX J . 24.95 -5.00 5.84
C23 3NX J . 25.02 -3.54 5.45
C24 3NX J . 24.33 -3.31 4.10
C25 3NX J . 24.27 -2.69 6.52
C27 3NX J . 24.69 -1.32 5.99
C28 3NX J . 26.16 -1.57 5.62
C29 3NX J . 26.34 -2.87 5.40
C30 3NX J . 27.62 -3.55 5.10
C31 3NX J . 28.76 -3.27 5.85
N32 3NX J . 29.90 -3.88 5.58
C33 3NX J . 30.02 -4.76 4.60
C34 3NX J . 28.93 -5.09 3.82
C35 3NX J . 27.71 -4.48 4.05
CHA HEM K . 0.30 31.59 0.76
CHB HEM K . -3.76 34.24 0.67
CHC HEM K . -4.04 33.59 -4.12
CHD HEM K . 0.16 31.18 -4.08
C1A HEM K . -0.83 32.27 1.17
C2A HEM K . -1.32 32.38 2.53
C3A HEM K . -2.44 33.10 2.49
C4A HEM K . -2.70 33.48 1.12
CMA HEM K . -3.31 33.49 3.70
CAA HEM K . -0.65 31.74 3.77
CBA HEM K . -0.08 32.82 4.69
CGA HEM K . 0.78 32.18 5.75
O1A HEM K . 1.41 32.93 6.53
O2A HEM K . 0.84 30.92 5.82
C1B HEM K . -4.22 34.29 -0.63
C2B HEM K . -5.44 34.92 -1.09
C3B HEM K . -5.51 34.74 -2.43
C4B HEM K . -4.34 33.98 -2.82
CMB HEM K . -6.39 35.65 -0.12
CAB HEM K . -6.56 35.18 -3.48
CBB HEM K . -7.66 35.89 -3.24
C1C HEM K . -2.90 32.95 -4.54
C2C HEM K . -2.52 32.76 -5.91
C3C HEM K . -1.36 32.09 -5.94
C4C HEM K . -0.96 31.82 -4.56
CMC HEM K . -3.34 33.27 -7.12
CAC HEM K . -0.66 31.72 -7.27
CBC HEM K . 0.52 31.10 -7.35
C1D HEM K . 0.54 31.03 -2.76
C2D HEM K . 1.64 30.25 -2.26
C3D HEM K . 1.69 30.37 -0.93
C4D HEM K . 0.60 31.23 -0.54
CMD HEM K . 2.60 29.42 -3.14
CAD HEM K . 2.70 29.70 0.02
CBD HEM K . 3.72 30.74 0.47
CGD HEM K . 4.76 30.08 1.33
O1D HEM K . 5.87 30.65 1.48
O2D HEM K . 4.49 28.97 1.86
NA HEM K . -1.69 32.95 0.34
NB HEM K . -3.57 33.73 -1.71
NC HEM K . -1.94 32.37 -3.74
ND HEM K . -0.08 31.62 -1.67
FE HEM K . -1.82 32.68 -1.70
HHB HEM K . -4.16 34.87 1.30
HHC HEM K . -4.71 33.80 -4.80
HHD HEM K . 0.75 30.76 -4.75
HMA HEM K . -3.65 32.67 4.14
HMAA HEM K . -4.08 34.02 3.39
HMAB HEM K . -2.79 34.01 4.33
HAA HEM K . 0.07 31.16 3.48
HAAA HEM K . -1.31 31.22 4.26
HBA HEM K . -0.82 33.29 5.12
HBAA HEM K . 0.45 33.44 4.17
HMB HEM K . -6.72 35.02 0.55
HMBA HEM K . -7.15 36.01 -0.61
HMBB HEM K . -5.92 36.37 0.32
HAB HEM K . -6.40 34.91 -4.39
HBB HEM K . -8.27 36.11 -3.97
HBBA HEM K . -7.87 36.18 -2.34
HMC HEM K . -2.90 33.03 -7.94
HMCA HEM K . -3.43 34.23 -7.07
HMCB HEM K . -4.23 32.86 -7.10
HAC HEM K . -1.09 31.95 -8.10
HBC HEM K . 0.91 30.89 -8.21
HBCA HEM K . 0.99 30.85 -6.54
HMD HEM K . 3.27 28.98 -2.57
HMDA HEM K . 3.06 30.00 -3.78
HMDB HEM K . 2.09 28.74 -3.64
HAD HEM K . 3.14 28.98 -0.43
HADA HEM K . 2.23 29.36 0.80
HBD HEM K . 3.27 31.43 0.98
HBDA HEM K . 4.15 31.13 -0.31
HHA HEM K . 0.99 31.44 1.43
C1 3NX L . -3.06 21.77 -4.92
C2 3NX L . -1.78 22.12 -4.85
C3 3NX L . -0.77 21.24 -5.45
O4 3NX L . -0.76 21.05 -6.65
N5 3NX L . 0.16 20.66 -4.67
C8 3NX L . -1.30 23.37 -4.19
C9 3NX L . -2.34 23.95 -3.21
C11 3NX L . -3.73 23.97 -3.87
C12 3NX L . -4.17 22.59 -4.34
C13 3NX L . -4.74 21.83 -3.14
C14 3NX L . -5.30 22.78 -5.36
C15 3NX L . -5.71 21.44 -5.96
C16 3NX L . -4.51 20.81 -6.66
O18 3NX L . -4.93 19.62 -7.32
C20 3NX L . -3.43 20.48 -5.62
C21 3NX L . -4.76 24.55 -2.93
C22 3NX L . -4.40 26.00 -2.55
C23 3NX L . -3.01 25.98 -1.96
C24 3NX L . -2.98 25.05 -0.74
C25 3NX L . -2.01 25.43 -3.02
C27 3NX L . -0.71 25.77 -2.28
C28 3NX L . -1.05 27.17 -1.74
C29 3NX L . -2.38 27.27 -1.60
C30 3NX L . -3.13 28.44 -1.11
C31 3NX L . -4.16 28.25 -0.19
N32 3NX L . -4.85 29.28 0.27
C33 3NX L . -4.60 30.51 -0.14
C34 3NX L . -3.61 30.77 -1.05
C35 3NX L . -2.85 29.74 -1.56
#